data_6KZ8
#
_entry.id   6KZ8
#
_cell.length_a   99.042
_cell.length_b   123.030
_cell.length_c   138.904
_cell.angle_alpha   90.000
_cell.angle_beta   90.000
_cell.angle_gamma   90.000
#
_symmetry.space_group_name_H-M   'P 21 21 21'
#
loop_
_entity.id
_entity.type
_entity.pdbx_description
1 polymer 'Phospholipase D alpha 1'
2 non-polymer 1,2-DIOCTANOYL-SN-GLYCERO-3-PHOSPHATE
3 non-polymer 'CALCIUM ION'
4 water water
#
_entity_poly.entity_id   1
_entity_poly.type   'polypeptide(L)'
_entity_poly.pdbx_seq_one_letter_code
;MAQHLLHGTLHATIYEVDALHGGGVRQGFLGKILANVEETIGVGKGETQLYATIDLQKARVGRTRKIKNEPKNPKWYESF
HIYCAHLASDIIFTVKDDNPIGATLIGRAYIPVDQVINGEEVDQWVEILDNDRNPIQGGSKIHVKLQYFHVEEDRNWNMG
IKSAKFPGVPYTFFSQRQGCKVSLYQDAHIPDNFVPRIPLAGGKNYEPQRCWEDIFDAISNAKHLIYITGWSVYAEIALV
RDSRRPKPGGDVTIGELLKKKASEGVRVLLLVWDDRTSVDVLKKDGLMATHDEETENFFRGSDVHCILCPRNPDDGGSIV
QSLQISTMFTHHQKIVVVDSEMPSRGGSEMRRIVSFVGGIDLCDGRYDTPFHSLFRTLDTVHHDDFHQPNFTGAAITKGG
PREPWHDIHSRLEGPIAWDVMYNFEQRWSKQGGKDILVKLRDLSDIIITPSPVMFQEDHDVWNVQLFRSIDGGAAAGFPE
SPEAAAEAGLVSGKDNIIDRSIQDAYIHAIRRAKDFIYVENQYFLGSSFAWAADGITPEDINALHLIPKELSLKIVSKIE
KGEKFRVYVVVPMWPEGLPESGSVQAILDWQRRTMEMMYKDVIQALRAQGLEEDPRNYLTFFCLGNREVKKDGEYEPAEK
PDPDTDYMRAQEARRFMIYVHTKMMIVDDEYIIIGSANINQRSMDGARDSEIAMGGYQPHHLSHRQPARGQIHGFRMSLW
YEHLGMLDETFLDPSSLECIEKVNRISDKYWDFYSSESLEHDLPGHLLRYPIGVASEGDITELPGFEFFPDTKARILGTK
SDYLPPILTT
;
_entity_poly.pdbx_strand_id   A,B
#
loop_
_chem_comp.id
_chem_comp.type
_chem_comp.name
_chem_comp.formula
CA non-polymer 'CALCIUM ION' 'Ca 2'
PA8 non-polymer 1,2-DIOCTANOYL-SN-GLYCERO-3-PHOSPHATE 'C19 H36 O8 P -1'
#
# COMPACT_ATOMS: atom_id res chain seq x y z
N ALA A 2 18.03 -6.21 -6.68
CA ALA A 2 17.23 -7.24 -7.35
C ALA A 2 16.96 -8.41 -6.43
N GLN A 3 15.77 -8.47 -5.82
CA GLN A 3 15.47 -9.55 -4.90
C GLN A 3 14.12 -10.21 -5.20
N HIS A 4 13.07 -9.43 -5.41
CA HIS A 4 11.75 -9.99 -5.64
C HIS A 4 11.43 -10.13 -7.12
N LEU A 5 10.61 -11.13 -7.44
CA LEU A 5 10.17 -11.45 -8.80
C LEU A 5 8.72 -11.04 -8.97
N LEU A 6 8.49 -9.99 -9.76
CA LEU A 6 7.15 -9.61 -10.20
C LEU A 6 6.93 -10.28 -11.55
N HIS A 7 6.20 -11.39 -11.55
CA HIS A 7 5.80 -12.06 -12.78
C HIS A 7 4.28 -12.06 -12.83
N GLY A 8 3.74 -11.11 -13.56
CA GLY A 8 2.31 -11.03 -13.69
C GLY A 8 1.93 -9.76 -14.41
N THR A 9 1.09 -8.96 -13.78
CA THR A 9 0.54 -7.76 -14.38
C THR A 9 0.52 -6.67 -13.35
N LEU A 10 0.97 -5.49 -13.73
CA LEU A 10 1.01 -4.34 -12.85
C LEU A 10 0.01 -3.32 -13.37
N HIS A 11 -1.07 -3.10 -12.62
CA HIS A 11 -2.01 -2.04 -12.91
C HIS A 11 -1.52 -0.77 -12.23
N ALA A 12 -1.46 0.30 -12.97
CA ALA A 12 -0.93 1.50 -12.40
C ALA A 12 -1.57 2.69 -13.01
N THR A 13 -1.82 3.66 -12.14
CA THR A 13 -2.19 4.99 -12.58
C THR A 13 -1.29 5.97 -11.95
N ILE A 14 -0.85 6.87 -12.80
CA ILE A 14 0.03 7.89 -12.38
C ILE A 14 -0.78 9.16 -12.36
N TYR A 15 -0.84 9.79 -11.19
CA TYR A 15 -1.77 10.84 -10.88
C TYR A 15 -1.19 12.25 -11.07
N GLU A 16 -0.49 12.76 -10.05
CA GLU A 16 0.24 14.01 -10.10
C GLU A 16 1.60 14.04 -9.42
N VAL A 17 2.25 15.17 -9.62
CA VAL A 17 2.97 15.78 -8.51
C VAL A 17 2.15 16.84 -7.85
N ASP A 18 2.22 16.86 -6.54
CA ASP A 18 1.44 17.79 -5.77
C ASP A 18 2.03 19.16 -5.63
N ALA A 19 3.33 19.31 -5.78
CA ALA A 19 3.91 20.67 -5.75
C ALA A 19 4.38 21.30 -7.07
N LEU A 20 5.58 21.03 -7.54
CA LEU A 20 6.81 21.69 -7.22
C LEU A 20 7.28 22.86 -8.16
N HIS A 21 8.55 23.24 -8.08
CA HIS A 21 9.02 24.62 -8.14
C HIS A 21 10.32 24.65 -8.98
N GLU A 47 7.76 26.67 -22.86
CA GLU A 47 7.17 25.61 -23.68
C GLU A 47 7.70 24.27 -23.18
N THR A 48 7.29 23.94 -21.97
CA THR A 48 7.70 22.72 -21.30
C THR A 48 6.96 21.52 -21.88
N GLN A 49 7.64 20.37 -21.95
CA GLN A 49 7.00 19.12 -22.29
C GLN A 49 7.37 18.10 -21.20
N LEU A 50 6.43 17.84 -20.30
CA LEU A 50 6.68 17.12 -19.05
C LEU A 50 5.93 15.78 -19.02
N TYR A 51 6.62 14.75 -18.53
CA TYR A 51 6.08 13.40 -18.51
C TYR A 51 6.67 12.66 -17.30
N ALA A 52 6.34 11.37 -17.18
CA ALA A 52 6.85 10.52 -16.12
C ALA A 52 7.02 9.09 -16.63
N THR A 53 8.02 8.40 -16.11
CA THR A 53 8.33 7.05 -16.53
C THR A 53 8.27 6.11 -15.35
N ILE A 54 7.92 4.85 -15.62
CA ILE A 54 7.91 3.79 -14.61
C ILE A 54 9.03 2.83 -14.94
N ASP A 55 9.90 2.60 -13.96
CA ASP A 55 10.93 1.58 -14.08
C ASP A 55 10.70 0.52 -13.02
N LEU A 56 11.13 -0.68 -13.33
CA LEU A 56 11.24 -1.75 -12.34
C LEU A 56 12.74 -1.94 -12.14
N GLN A 57 13.26 -1.42 -11.02
CA GLN A 57 14.68 -1.17 -10.89
C GLN A 57 15.00 -0.50 -12.22
N LYS A 58 16.05 -0.98 -12.90
CA LYS A 58 16.44 -0.43 -14.19
C LYS A 58 15.72 -0.78 -15.48
N ALA A 59 14.55 -1.38 -15.41
CA ALA A 59 13.84 -1.80 -16.61
C ALA A 59 12.64 -0.89 -16.83
N ARG A 60 12.68 -0.10 -17.90
CA ARG A 60 11.54 0.74 -18.24
C ARG A 60 10.34 -0.11 -18.63
N VAL A 61 9.20 0.15 -18.01
CA VAL A 61 7.98 -0.57 -18.33
C VAL A 61 6.82 0.34 -18.72
N GLY A 62 6.97 1.66 -18.64
CA GLY A 62 5.88 2.53 -19.04
C GLY A 62 6.29 3.99 -19.00
N ARG A 63 5.53 4.80 -19.74
CA ARG A 63 5.73 6.23 -19.78
C ARG A 63 4.38 6.90 -20.01
N THR A 64 4.17 8.01 -19.37
CA THR A 64 2.99 8.82 -19.65
C THR A 64 3.17 9.65 -20.91
N ARG A 65 2.12 10.24 -21.42
CA ARG A 65 2.28 11.32 -22.37
C ARG A 65 3.01 12.54 -21.82
N LYS A 66 3.76 13.18 -22.71
CA LYS A 66 4.29 14.52 -22.60
C LYS A 66 3.16 15.53 -22.40
N ILE A 67 3.02 16.01 -21.21
CA ILE A 67 1.95 16.94 -21.00
C ILE A 67 2.61 18.28 -20.74
N LYS A 68 3.27 18.80 -21.78
CA LYS A 68 3.07 20.09 -22.39
C LYS A 68 3.21 21.38 -21.53
N ASN A 69 2.23 22.26 -21.67
CA ASN A 69 2.49 23.67 -21.57
C ASN A 69 2.53 23.72 -20.02
N GLU A 70 1.46 23.23 -19.39
CA GLU A 70 1.24 23.10 -17.94
C GLU A 70 2.49 22.73 -17.10
N PRO A 71 2.76 23.39 -15.98
CA PRO A 71 4.14 23.51 -15.55
C PRO A 71 4.40 22.99 -14.19
N LYS A 72 3.63 23.53 -13.26
CA LYS A 72 3.67 23.25 -11.80
C LYS A 72 2.33 22.70 -11.50
N ASN A 73 2.29 21.51 -10.94
CA ASN A 73 1.12 20.61 -10.92
C ASN A 73 0.48 20.06 -12.21
N PRO A 74 1.33 19.45 -13.04
CA PRO A 74 1.07 18.92 -14.38
C PRO A 74 0.09 17.76 -14.69
N LYS A 75 -0.35 16.93 -13.75
CA LYS A 75 -1.56 16.10 -13.89
C LYS A 75 -2.14 15.14 -15.00
N TRP A 76 -1.49 13.99 -15.26
CA TRP A 76 -1.80 13.08 -16.40
C TRP A 76 -2.94 12.01 -16.43
N TYR A 77 -3.20 11.41 -15.30
CA TYR A 77 -4.17 10.32 -15.15
C TYR A 77 -4.18 9.25 -16.27
N GLU A 78 -3.13 8.43 -16.32
CA GLU A 78 -2.97 7.48 -17.42
C GLU A 78 -3.03 6.06 -16.88
N SER A 79 -4.07 5.32 -17.28
CA SER A 79 -4.09 3.89 -17.03
C SER A 79 -2.86 3.23 -17.63
N PHE A 80 -2.19 2.40 -16.85
CA PHE A 80 -1.15 1.53 -17.38
C PHE A 80 -1.49 0.09 -17.03
N HIS A 81 -1.45 -0.78 -18.04
CA HIS A 81 -1.56 -2.22 -17.87
C HIS A 81 -0.21 -2.79 -18.27
N ILE A 82 0.61 -3.12 -17.28
CA ILE A 82 2.01 -3.47 -17.51
C ILE A 82 2.17 -4.96 -17.28
N TYR A 83 2.84 -5.63 -18.21
CA TYR A 83 3.22 -7.03 -18.04
C TYR A 83 4.63 -7.11 -17.46
N CYS A 84 4.81 -7.91 -16.41
CA CYS A 84 6.04 -7.96 -15.63
C CYS A 84 6.66 -9.35 -15.72
N ALA A 85 7.98 -9.39 -15.82
CA ALA A 85 8.74 -10.61 -15.58
C ALA A 85 10.12 -10.21 -15.07
N HIS A 86 10.15 -9.40 -14.01
CA HIS A 86 11.36 -8.68 -13.62
C HIS A 86 11.75 -8.99 -12.18
N LEU A 87 13.06 -9.03 -11.93
CA LEU A 87 13.59 -8.97 -10.57
C LEU A 87 13.69 -7.51 -10.13
N ALA A 88 13.19 -7.20 -8.94
CA ALA A 88 13.22 -5.81 -8.53
C ALA A 88 13.17 -5.68 -7.02
N SER A 89 13.85 -4.64 -6.53
CA SER A 89 13.79 -4.17 -5.16
C SER A 89 12.85 -2.99 -5.00
N ASP A 90 12.91 -2.02 -5.91
CA ASP A 90 12.03 -0.87 -5.91
C ASP A 90 11.33 -0.74 -7.26
N ILE A 91 10.07 -0.32 -7.24
CA ILE A 91 9.48 0.35 -8.40
C ILE A 91 9.93 1.79 -8.33
N ILE A 92 10.23 2.42 -9.46
CA ILE A 92 10.77 3.77 -9.47
C ILE A 92 10.05 4.60 -10.52
N PHE A 93 9.49 5.72 -10.10
CA PHE A 93 8.94 6.71 -11.00
C PHE A 93 9.94 7.84 -11.19
N THR A 94 10.20 8.20 -12.43
CA THR A 94 11.06 9.34 -12.74
C THR A 94 10.24 10.37 -13.50
N VAL A 95 10.31 11.62 -13.04
CA VAL A 95 9.65 12.74 -13.70
C VAL A 95 10.71 13.53 -14.45
N LYS A 96 10.43 13.86 -15.71
CA LYS A 96 11.42 14.43 -16.62
C LYS A 96 10.77 15.43 -17.55
N ASP A 97 11.61 16.20 -18.24
CA ASP A 97 11.19 17.28 -19.15
C ASP A 97 12.01 17.18 -20.42
N ASP A 98 11.35 17.07 -21.56
CA ASP A 98 12.02 16.71 -22.80
C ASP A 98 12.20 17.88 -23.76
N ASN A 99 12.04 19.11 -23.28
CA ASN A 99 11.99 20.30 -24.11
C ASN A 99 13.15 20.31 -25.12
N PRO A 100 12.89 20.65 -26.40
CA PRO A 100 13.99 20.84 -27.36
C PRO A 100 14.98 21.92 -26.98
N ILE A 101 14.60 22.93 -26.18
CA ILE A 101 15.58 23.84 -25.61
C ILE A 101 16.63 23.04 -24.82
N GLY A 102 16.24 21.88 -24.29
CA GLY A 102 17.16 20.94 -23.66
C GLY A 102 16.43 19.92 -22.78
N ALA A 103 16.82 18.65 -22.87
CA ALA A 103 16.25 17.61 -22.02
C ALA A 103 16.66 17.83 -20.55
N THR A 104 15.89 17.22 -19.63
CA THR A 104 16.05 17.50 -18.20
C THR A 104 15.29 16.54 -17.29
N LEU A 105 15.98 16.02 -16.27
CA LEU A 105 15.40 15.21 -15.21
C LEU A 105 14.94 16.08 -14.05
N ILE A 106 13.84 15.68 -13.41
CA ILE A 106 13.27 16.46 -12.33
C ILE A 106 13.40 15.73 -11.00
N GLY A 107 12.70 14.60 -10.84
CA GLY A 107 12.75 13.87 -9.59
C GLY A 107 12.83 12.36 -9.76
N ARG A 108 12.70 11.61 -8.66
CA ARG A 108 12.86 10.15 -8.73
C ARG A 108 12.19 9.54 -7.50
N ALA A 109 11.00 8.98 -7.68
CA ALA A 109 10.20 8.41 -6.60
C ALA A 109 10.43 6.92 -6.45
N TYR A 110 10.57 6.46 -5.21
CA TYR A 110 10.79 5.05 -4.94
C TYR A 110 9.62 4.47 -4.16
N ILE A 111 9.45 3.16 -4.27
CA ILE A 111 8.34 2.43 -3.65
C ILE A 111 8.75 0.96 -3.59
N PRO A 112 9.35 0.50 -2.48
CA PRO A 112 9.90 -0.86 -2.44
C PRO A 112 8.84 -1.90 -2.79
N VAL A 113 9.22 -2.82 -3.68
CA VAL A 113 8.24 -3.76 -4.23
C VAL A 113 7.63 -4.58 -3.12
N ASP A 114 8.33 -4.73 -1.98
CA ASP A 114 7.79 -5.33 -0.77
C ASP A 114 6.37 -4.86 -0.46
N GLN A 115 6.07 -3.60 -0.74
CA GLN A 115 4.72 -3.11 -0.52
C GLN A 115 3.72 -3.67 -1.53
N VAL A 116 4.18 -4.31 -2.59
CA VAL A 116 3.33 -4.64 -3.73
C VAL A 116 3.31 -6.15 -4.04
N ILE A 117 4.19 -6.96 -3.47
CA ILE A 117 4.20 -8.36 -3.88
C ILE A 117 3.01 -9.16 -3.39
N ASN A 118 2.23 -8.60 -2.50
CA ASN A 118 1.36 -9.41 -1.72
C ASN A 118 0.06 -9.61 -2.37
N GLY A 119 -0.36 -8.63 -3.14
CA GLY A 119 -1.66 -8.71 -3.70
C GLY A 119 -2.27 -7.42 -3.98
N GLU A 120 -1.74 -6.36 -3.42
CA GLU A 120 -2.40 -5.52 -2.46
C GLU A 120 -2.97 -4.38 -3.32
N GLU A 121 -3.21 -3.16 -2.82
CA GLU A 121 -3.52 -1.93 -3.64
C GLU A 121 -2.82 -0.60 -3.30
N VAL A 122 -1.53 -0.58 -3.26
CA VAL A 122 -0.79 0.55 -2.69
C VAL A 122 -1.26 1.82 -3.40
N ASP A 123 -1.94 2.69 -2.67
CA ASP A 123 -2.30 4.02 -3.13
C ASP A 123 -1.61 5.00 -2.17
N GLN A 124 -0.37 5.32 -2.48
CA GLN A 124 0.44 6.24 -1.70
C GLN A 124 0.41 7.63 -2.31
N TRP A 125 0.82 8.61 -1.52
CA TRP A 125 1.19 9.92 -2.00
C TRP A 125 2.71 10.02 -1.84
N VAL A 126 3.40 9.22 -2.65
CA VAL A 126 4.84 9.03 -2.50
C VAL A 126 5.53 10.31 -2.95
N GLU A 127 6.83 10.37 -2.71
CA GLU A 127 7.69 11.53 -2.72
C GLU A 127 8.43 11.63 -4.04
N ILE A 128 8.82 12.86 -4.44
CA ILE A 128 9.66 13.12 -5.61
C ILE A 128 11.04 13.55 -5.15
N LEU A 129 11.99 12.64 -5.17
CA LEU A 129 13.32 12.80 -4.61
C LEU A 129 14.35 13.10 -5.71
N ASP A 130 15.60 13.30 -5.31
CA ASP A 130 16.76 13.56 -6.14
C ASP A 130 17.75 12.38 -6.09
N ASN A 131 19.01 12.68 -6.40
CA ASN A 131 20.01 11.69 -6.84
C ASN A 131 20.78 11.05 -5.70
N ASP A 132 21.11 11.83 -4.66
CA ASP A 132 21.68 11.25 -3.45
C ASP A 132 20.63 10.60 -2.59
N ARG A 133 19.37 10.73 -3.00
CA ARG A 133 18.22 10.22 -2.28
C ARG A 133 18.02 10.97 -0.97
N ASN A 134 18.15 12.25 -1.08
CA ASN A 134 17.37 13.09 -0.27
C ASN A 134 16.51 14.00 -1.15
N PRO A 135 15.44 14.49 -0.55
CA PRO A 135 14.27 14.98 -1.26
C PRO A 135 14.52 16.19 -2.08
N ILE A 136 13.61 16.45 -2.99
CA ILE A 136 13.68 17.67 -3.77
C ILE A 136 12.87 18.82 -3.10
N GLN A 137 12.65 19.93 -3.79
CA GLN A 137 12.21 21.17 -3.21
C GLN A 137 10.97 20.94 -2.41
N GLY A 138 10.70 21.90 -1.53
CA GLY A 138 10.76 21.75 -0.09
C GLY A 138 9.74 20.80 0.47
N GLY A 139 8.60 20.73 -0.21
CA GLY A 139 7.70 19.61 -0.15
C GLY A 139 7.62 18.60 -1.28
N SER A 140 6.59 18.71 -2.13
CA SER A 140 5.93 17.52 -2.69
C SER A 140 6.80 16.65 -3.68
N LYS A 141 6.85 15.32 -3.55
CA LYS A 141 5.79 14.27 -3.49
C LYS A 141 4.75 13.49 -4.36
N ILE A 142 5.20 12.98 -5.51
CA ILE A 142 4.29 12.24 -6.41
C ILE A 142 3.30 11.18 -5.91
N HIS A 143 2.08 11.33 -6.36
CA HIS A 143 0.97 10.44 -6.26
C HIS A 143 0.65 9.43 -7.43
N VAL A 144 0.56 8.17 -7.06
CA VAL A 144 0.55 6.99 -7.91
C VAL A 144 -0.36 5.93 -7.30
N LYS A 145 -0.98 5.13 -8.16
CA LYS A 145 -1.76 3.97 -7.73
C LYS A 145 -1.19 2.73 -8.40
N LEU A 146 -0.84 1.73 -7.61
CA LEU A 146 -0.29 0.47 -8.10
C LEU A 146 -1.16 -0.71 -7.64
N GLN A 147 -0.98 -1.86 -8.31
CA GLN A 147 -1.52 -3.15 -7.87
C GLN A 147 -1.02 -4.29 -8.74
N TYR A 148 -0.38 -5.27 -8.14
CA TYR A 148 0.30 -6.35 -8.85
C TYR A 148 -0.47 -7.66 -8.74
N PHE A 149 -0.76 -8.27 -9.88
CA PHE A 149 -1.36 -9.59 -9.97
C PHE A 149 -0.31 -10.55 -10.48
N HIS A 150 0.15 -11.48 -9.63
CA HIS A 150 1.01 -12.57 -10.06
C HIS A 150 0.32 -13.32 -11.20
N VAL A 151 1.05 -14.11 -11.99
CA VAL A 151 0.43 -14.72 -13.16
C VAL A 151 -0.64 -15.74 -12.76
N GLU A 152 -0.53 -16.35 -11.57
CA GLU A 152 -1.50 -17.39 -11.23
C GLU A 152 -2.89 -16.85 -10.95
N GLU A 153 -3.03 -15.55 -10.70
CA GLU A 153 -4.36 -14.97 -10.57
C GLU A 153 -5.19 -15.15 -11.83
N ASP A 154 -4.54 -15.26 -12.98
CA ASP A 154 -5.27 -15.30 -14.23
C ASP A 154 -6.00 -16.62 -14.36
N ARG A 155 -7.26 -16.54 -14.76
CA ARG A 155 -8.09 -17.72 -14.91
C ARG A 155 -7.50 -18.74 -15.88
N ASN A 156 -6.59 -18.36 -16.78
CA ASN A 156 -6.07 -19.30 -17.76
C ASN A 156 -4.59 -19.67 -17.56
N TRP A 157 -3.92 -19.18 -16.52
CA TRP A 157 -2.52 -19.54 -16.33
C TRP A 157 -2.41 -21.04 -16.15
N ASN A 158 -1.58 -21.68 -16.96
CA ASN A 158 -1.39 -23.14 -16.92
C ASN A 158 -2.68 -23.90 -17.21
N MET A 159 -3.67 -23.28 -17.83
CA MET A 159 -4.88 -23.99 -18.18
C MET A 159 -5.15 -24.09 -19.67
N GLY A 160 -4.37 -23.44 -20.51
CA GLY A 160 -4.63 -23.46 -21.94
C GLY A 160 -5.77 -22.53 -22.32
N ILE A 161 -6.29 -22.74 -23.53
CA ILE A 161 -7.46 -21.98 -23.96
C ILE A 161 -8.68 -22.36 -23.11
N LYS A 162 -8.75 -23.62 -22.67
CA LYS A 162 -9.64 -24.13 -21.62
C LYS A 162 -11.14 -24.05 -21.83
N SER A 163 -11.60 -23.42 -22.88
CA SER A 163 -13.00 -23.56 -23.19
C SER A 163 -13.25 -22.82 -24.49
N ALA A 164 -14.23 -23.30 -25.24
CA ALA A 164 -14.68 -22.61 -26.43
C ALA A 164 -15.32 -21.26 -26.11
N LYS A 165 -15.58 -20.96 -24.84
CA LYS A 165 -16.06 -19.64 -24.47
C LYS A 165 -14.93 -18.66 -24.27
N PHE A 166 -13.70 -19.07 -24.51
CA PHE A 166 -12.55 -18.21 -24.32
C PHE A 166 -12.80 -16.87 -25.01
N PRO A 167 -12.60 -15.73 -24.31
CA PRO A 167 -12.96 -14.44 -24.88
C PRO A 167 -11.87 -13.77 -25.70
N GLY A 168 -10.67 -14.31 -25.72
CA GLY A 168 -9.58 -13.71 -26.47
C GLY A 168 -8.57 -13.03 -25.56
N VAL A 169 -7.65 -12.32 -26.22
CA VAL A 169 -6.60 -11.54 -25.57
C VAL A 169 -7.18 -10.18 -25.21
N PRO A 170 -7.03 -9.72 -23.97
CA PRO A 170 -7.63 -8.45 -23.56
C PRO A 170 -6.66 -7.31 -23.87
N TYR A 171 -7.20 -6.11 -23.82
CA TYR A 171 -6.44 -4.89 -24.07
C TYR A 171 -5.73 -4.95 -25.42
N THR A 172 -6.50 -5.17 -26.47
CA THR A 172 -6.01 -5.13 -27.83
C THR A 172 -6.98 -4.33 -28.66
N PHE A 173 -6.50 -3.78 -29.78
CA PHE A 173 -7.36 -2.95 -30.61
C PHE A 173 -8.38 -3.79 -31.38
N PHE A 174 -7.98 -4.94 -31.91
CA PHE A 174 -8.92 -5.84 -32.56
C PHE A 174 -9.37 -6.91 -31.56
N SER A 175 -10.65 -7.21 -31.56
CA SER A 175 -11.23 -8.23 -30.72
C SER A 175 -11.28 -9.56 -31.47
N GLN A 176 -11.35 -10.63 -30.68
CA GLN A 176 -11.49 -11.96 -31.27
C GLN A 176 -12.74 -12.04 -32.14
N ARG A 177 -12.60 -12.71 -33.27
CA ARG A 177 -13.70 -13.01 -34.17
C ARG A 177 -14.02 -14.48 -34.10
N GLN A 178 -15.28 -14.81 -34.33
CA GLN A 178 -15.72 -16.19 -34.44
C GLN A 178 -16.19 -16.47 -35.86
N GLY A 179 -16.40 -17.75 -36.17
CA GLY A 179 -16.98 -18.11 -37.44
C GLY A 179 -16.01 -18.02 -38.57
N CYS A 180 -14.72 -18.12 -38.27
CA CYS A 180 -13.65 -17.90 -39.22
C CYS A 180 -13.11 -19.23 -39.72
N LYS A 181 -12.37 -19.15 -40.82
CA LYS A 181 -11.67 -20.29 -41.38
C LYS A 181 -10.22 -19.86 -41.63
N VAL A 182 -9.28 -20.67 -41.14
CA VAL A 182 -7.86 -20.41 -41.32
C VAL A 182 -7.24 -21.55 -42.10
N SER A 183 -6.53 -21.22 -43.17
CA SER A 183 -5.72 -22.18 -43.90
C SER A 183 -4.26 -21.93 -43.54
N LEU A 184 -3.68 -22.92 -42.96
CA LEU A 184 -2.29 -22.86 -42.51
C LEU A 184 -1.38 -23.28 -43.65
N TYR A 185 -0.38 -22.45 -43.94
CA TYR A 185 0.51 -22.68 -45.08
C TYR A 185 1.92 -23.03 -44.63
N GLN A 186 2.35 -24.22 -45.03
CA GLN A 186 3.71 -24.71 -44.85
C GLN A 186 4.44 -24.47 -46.15
N ASP A 187 5.39 -23.50 -46.14
CA ASP A 187 6.11 -23.00 -47.32
C ASP A 187 5.23 -22.29 -48.32
N ALA A 188 5.80 -21.95 -49.49
CA ALA A 188 5.01 -21.25 -50.50
C ALA A 188 4.22 -22.30 -51.28
N HIS A 189 4.69 -23.55 -51.31
CA HIS A 189 4.09 -24.57 -52.15
C HIS A 189 4.40 -25.94 -51.52
N ILE A 190 3.42 -26.84 -51.84
CA ILE A 190 3.54 -28.22 -51.39
C ILE A 190 3.25 -29.05 -52.62
N PRO A 191 4.15 -29.92 -53.06
CA PRO A 191 3.85 -30.80 -54.19
C PRO A 191 2.89 -31.91 -53.79
N ASP A 192 2.34 -32.57 -54.81
CA ASP A 192 1.55 -33.77 -54.59
C ASP A 192 2.39 -34.87 -53.98
N ASN A 193 1.73 -35.79 -53.29
CA ASN A 193 2.38 -36.95 -52.68
C ASN A 193 3.48 -36.53 -51.72
N PHE A 194 3.35 -35.36 -51.10
CA PHE A 194 4.34 -35.03 -50.09
C PHE A 194 3.89 -35.48 -48.71
N VAL A 195 2.76 -34.98 -48.22
CA VAL A 195 2.47 -35.21 -46.79
C VAL A 195 2.04 -36.65 -46.58
N PRO A 196 2.42 -37.27 -45.49
CA PRO A 196 1.98 -38.63 -45.18
C PRO A 196 0.59 -38.56 -44.58
N ARG A 197 0.12 -39.73 -44.20
CA ARG A 197 -1.22 -39.79 -43.65
C ARG A 197 -1.17 -39.36 -42.20
N ILE A 198 -1.85 -38.26 -41.89
CA ILE A 198 -1.87 -37.70 -40.54
C ILE A 198 -3.31 -37.64 -40.08
N PRO A 199 -3.73 -38.56 -39.21
CA PRO A 199 -5.16 -38.67 -38.88
C PRO A 199 -5.64 -37.58 -37.91
N LEU A 200 -6.77 -36.97 -38.23
CA LEU A 200 -7.30 -35.91 -37.39
C LEU A 200 -8.65 -36.32 -36.81
N ALA A 201 -9.18 -35.47 -35.92
CA ALA A 201 -10.28 -35.83 -35.04
C ALA A 201 -11.54 -36.24 -35.80
N GLY A 202 -11.92 -35.50 -36.82
CA GLY A 202 -13.17 -35.86 -37.47
C GLY A 202 -13.21 -37.11 -38.33
N GLY A 203 -12.17 -37.93 -38.27
CA GLY A 203 -12.10 -39.10 -39.12
C GLY A 203 -11.29 -38.91 -40.39
N LYS A 204 -10.93 -37.69 -40.73
CA LYS A 204 -10.22 -37.36 -41.95
C LYS A 204 -8.72 -37.16 -41.71
N ASN A 205 -7.97 -37.36 -42.76
CA ASN A 205 -6.59 -37.02 -42.79
C ASN A 205 -6.31 -35.54 -43.08
N TYR A 206 -5.25 -35.01 -42.44
CA TYR A 206 -4.68 -33.75 -42.77
C TYR A 206 -4.47 -33.50 -44.25
N GLU A 207 -4.95 -32.39 -44.70
CA GLU A 207 -4.72 -31.96 -46.03
C GLU A 207 -3.95 -30.68 -46.10
N PRO A 208 -2.83 -30.75 -46.76
CA PRO A 208 -1.97 -29.58 -46.98
C PRO A 208 -2.53 -28.53 -47.97
N GLN A 209 -2.39 -27.26 -47.65
CA GLN A 209 -2.73 -26.22 -48.56
C GLN A 209 -1.56 -25.54 -49.22
N ARG A 210 -1.83 -24.86 -50.28
CA ARG A 210 -0.77 -24.29 -51.12
C ARG A 210 -0.90 -22.77 -51.15
N CYS A 211 0.06 -22.08 -50.53
CA CYS A 211 -0.02 -20.64 -50.35
C CYS A 211 -0.15 -19.92 -51.68
N TRP A 212 0.87 -20.02 -52.52
CA TRP A 212 0.90 -19.17 -53.70
C TRP A 212 -0.13 -19.58 -54.74
N GLU A 213 -0.46 -20.88 -54.81
CA GLU A 213 -1.63 -21.31 -55.59
C GLU A 213 -2.89 -20.57 -55.13
N ASP A 214 -3.08 -20.42 -53.81
CA ASP A 214 -4.28 -19.75 -53.31
C ASP A 214 -4.21 -18.24 -53.51
N ILE A 215 -3.02 -17.65 -53.41
CA ILE A 215 -2.89 -16.22 -53.65
C ILE A 215 -3.15 -15.93 -55.11
N PHE A 216 -2.64 -16.78 -56.00
CA PHE A 216 -2.89 -16.61 -57.42
C PHE A 216 -4.38 -16.62 -57.74
N ASP A 217 -5.12 -17.58 -57.16
CA ASP A 217 -6.55 -17.67 -57.40
C ASP A 217 -7.29 -16.45 -56.83
N ALA A 218 -6.93 -16.04 -55.62
CA ALA A 218 -7.58 -14.90 -54.98
C ALA A 218 -7.34 -13.62 -55.77
N ILE A 219 -6.11 -13.41 -56.23
CA ILE A 219 -5.87 -12.27 -57.11
C ILE A 219 -6.60 -12.45 -58.42
N SER A 220 -6.50 -13.64 -59.03
CA SER A 220 -7.08 -13.84 -60.36
C SER A 220 -8.57 -13.63 -60.37
N ASN A 221 -9.24 -13.99 -59.29
CA ASN A 221 -10.70 -14.00 -59.28
C ASN A 221 -11.32 -12.78 -58.63
N ALA A 222 -10.52 -11.87 -58.06
CA ALA A 222 -11.07 -10.67 -57.46
C ALA A 222 -11.88 -9.89 -58.48
N LYS A 223 -12.89 -9.18 -58.00
CA LYS A 223 -13.72 -8.36 -58.87
C LYS A 223 -13.79 -6.91 -58.44
N HIS A 224 -13.39 -6.58 -57.22
CA HIS A 224 -13.59 -5.22 -56.74
C HIS A 224 -12.30 -4.62 -56.20
N LEU A 225 -11.57 -5.34 -55.34
CA LEU A 225 -10.38 -4.79 -54.74
C LEU A 225 -9.30 -5.84 -54.56
N ILE A 226 -8.05 -5.39 -54.72
CA ILE A 226 -6.85 -6.14 -54.35
C ILE A 226 -5.93 -5.17 -53.62
N TYR A 227 -5.67 -5.43 -52.34
CA TYR A 227 -4.81 -4.60 -51.53
C TYR A 227 -3.61 -5.42 -51.08
N ILE A 228 -2.40 -4.91 -51.32
CA ILE A 228 -1.16 -5.62 -51.00
C ILE A 228 -0.22 -4.68 -50.25
N THR A 229 0.41 -5.17 -49.19
CA THR A 229 1.56 -4.53 -48.57
C THR A 229 2.68 -5.53 -48.47
N GLY A 230 3.90 -5.06 -48.66
CA GLY A 230 5.07 -5.91 -48.56
C GLY A 230 6.29 -5.11 -48.18
N TRP A 231 7.21 -5.78 -47.47
CA TRP A 231 8.58 -5.29 -47.33
C TRP A 231 9.27 -5.29 -48.68
N SER A 232 8.84 -6.14 -49.59
CA SER A 232 9.36 -6.20 -50.95
C SER A 232 8.30 -6.85 -51.80
N VAL A 233 7.99 -6.24 -52.93
CA VAL A 233 7.24 -6.86 -54.01
C VAL A 233 8.12 -6.80 -55.24
N TYR A 234 8.45 -7.97 -55.80
CA TYR A 234 9.17 -8.08 -57.06
C TYR A 234 8.17 -8.50 -58.13
N ALA A 235 7.94 -7.61 -59.11
CA ALA A 235 6.86 -7.81 -60.07
C ALA A 235 7.10 -8.97 -61.02
N GLU A 236 8.32 -9.51 -61.07
CA GLU A 236 8.68 -10.50 -62.07
C GLU A 236 8.46 -11.94 -61.60
N ILE A 237 8.10 -12.17 -60.35
CA ILE A 237 7.94 -13.55 -59.89
C ILE A 237 6.66 -14.11 -60.49
N ALA A 238 6.71 -15.38 -60.86
CA ALA A 238 5.52 -16.14 -61.16
C ALA A 238 5.08 -16.90 -59.91
N LEU A 239 3.77 -16.86 -59.63
CA LEU A 239 3.26 -17.50 -58.42
C LEU A 239 3.09 -19.00 -58.57
N VAL A 240 2.91 -19.51 -59.78
CA VAL A 240 2.68 -20.93 -60.01
C VAL A 240 3.80 -21.46 -60.89
N ARG A 241 4.47 -22.53 -60.42
CA ARG A 241 5.64 -23.08 -61.12
C ARG A 241 5.67 -24.60 -61.17
N ASP A 242 4.84 -25.29 -60.40
CA ASP A 242 4.85 -26.75 -60.32
C ASP A 242 4.29 -27.32 -61.60
N SER A 243 5.14 -27.93 -62.42
CA SER A 243 4.69 -28.45 -63.70
C SER A 243 3.70 -29.59 -63.55
N ARG A 244 3.69 -30.28 -62.43
CA ARG A 244 2.71 -31.33 -62.16
C ARG A 244 1.44 -30.81 -61.48
N ARG A 245 1.33 -29.52 -61.23
CA ARG A 245 0.10 -28.90 -60.72
C ARG A 245 -0.16 -27.63 -61.51
N PRO A 246 -0.40 -27.75 -62.81
CA PRO A 246 -0.52 -26.55 -63.64
C PRO A 246 -1.87 -25.88 -63.47
N LYS A 247 -1.84 -24.55 -63.54
CA LYS A 247 -3.01 -23.71 -63.41
C LYS A 247 -3.05 -22.79 -64.63
N PRO A 248 -4.17 -22.67 -65.31
CA PRO A 248 -4.24 -21.81 -66.49
C PRO A 248 -3.93 -20.36 -66.12
N GLY A 249 -3.06 -19.75 -66.92
CA GLY A 249 -2.57 -18.42 -66.65
C GLY A 249 -1.46 -18.34 -65.63
N GLY A 250 -1.01 -19.47 -65.07
CA GLY A 250 -0.09 -19.47 -63.96
C GLY A 250 1.30 -18.97 -64.29
N ASP A 251 1.66 -18.92 -65.57
CA ASP A 251 2.96 -18.42 -65.98
C ASP A 251 3.04 -16.90 -65.98
N VAL A 252 1.90 -16.22 -65.89
CA VAL A 252 1.92 -14.76 -65.86
C VAL A 252 2.63 -14.29 -64.61
N THR A 253 3.41 -13.22 -64.74
CA THR A 253 4.06 -12.65 -63.57
C THR A 253 3.04 -11.87 -62.73
N ILE A 254 3.34 -11.74 -61.45
CA ILE A 254 2.45 -11.05 -60.52
C ILE A 254 2.23 -9.62 -60.97
N GLY A 255 3.26 -9.00 -61.53
CA GLY A 255 3.12 -7.66 -62.05
C GLY A 255 2.12 -7.56 -63.18
N GLU A 256 2.16 -8.51 -64.10
CA GLU A 256 1.23 -8.46 -65.23
C GLU A 256 -0.16 -8.91 -64.81
N LEU A 257 -0.23 -9.81 -63.83
CA LEU A 257 -1.53 -10.22 -63.31
C LEU A 257 -2.25 -9.05 -62.66
N LEU A 258 -1.53 -8.24 -61.88
CA LEU A 258 -2.15 -7.08 -61.24
C LEU A 258 -2.55 -6.01 -62.24
N LYS A 259 -1.79 -5.82 -63.32
CA LYS A 259 -2.18 -4.83 -64.33
C LYS A 259 -3.41 -5.29 -65.09
N LYS A 260 -3.49 -6.58 -65.40
CA LYS A 260 -4.69 -7.12 -66.01
C LYS A 260 -5.90 -6.87 -65.12
N LYS A 261 -5.77 -7.21 -63.83
CA LYS A 261 -6.90 -7.04 -62.92
C LYS A 261 -7.29 -5.58 -62.80
N ALA A 262 -6.32 -4.69 -62.68
CA ALA A 262 -6.64 -3.27 -62.58
C ALA A 262 -7.35 -2.79 -63.84
N SER A 263 -6.92 -3.29 -65.01
CA SER A 263 -7.52 -2.87 -66.27
C SER A 263 -8.99 -3.23 -66.36
N GLU A 264 -9.40 -4.34 -65.75
CA GLU A 264 -10.81 -4.73 -65.72
C GLU A 264 -11.65 -3.83 -64.83
N GLY A 265 -11.04 -2.96 -64.03
CA GLY A 265 -11.77 -2.14 -63.08
C GLY A 265 -11.59 -2.51 -61.63
N VAL A 266 -10.81 -3.54 -61.30
CA VAL A 266 -10.57 -3.87 -59.91
C VAL A 266 -9.64 -2.82 -59.32
N ARG A 267 -9.96 -2.36 -58.11
CA ARG A 267 -9.13 -1.38 -57.42
C ARG A 267 -7.92 -2.10 -56.83
N VAL A 268 -6.74 -1.86 -57.40
CA VAL A 268 -5.53 -2.54 -57.00
C VAL A 268 -4.64 -1.52 -56.32
N LEU A 269 -4.47 -1.64 -55.01
CA LEU A 269 -3.69 -0.71 -54.22
C LEU A 269 -2.54 -1.46 -53.57
N LEU A 270 -1.34 -0.86 -53.61
CA LEU A 270 -0.13 -1.47 -53.10
C LEU A 270 0.57 -0.50 -52.17
N LEU A 271 1.02 -0.98 -51.02
CA LEU A 271 1.83 -0.21 -50.10
C LEU A 271 3.13 -0.99 -49.90
N VAL A 272 4.16 -0.66 -50.67
CA VAL A 272 5.43 -1.37 -50.59
C VAL A 272 6.43 -0.51 -49.84
N TRP A 273 7.22 -1.13 -48.97
CA TRP A 273 8.17 -0.37 -48.17
C TRP A 273 9.12 0.43 -49.06
N ASP A 274 9.33 1.69 -48.69
CA ASP A 274 10.32 2.53 -49.34
C ASP A 274 11.53 2.58 -48.45
N ASP A 275 12.58 1.86 -48.82
CA ASP A 275 13.86 2.12 -48.18
C ASP A 275 14.47 3.30 -48.89
N ARG A 276 14.93 4.27 -48.11
CA ARG A 276 15.24 5.54 -48.71
C ARG A 276 16.70 5.67 -49.08
N THR A 277 17.32 4.53 -49.34
CA THR A 277 18.55 4.46 -50.09
C THR A 277 18.21 4.42 -51.57
N SER A 278 18.97 5.15 -52.38
CA SER A 278 18.77 5.10 -53.81
C SER A 278 19.29 3.78 -54.35
N VAL A 279 18.91 3.46 -55.60
CA VAL A 279 19.36 2.21 -56.18
C VAL A 279 20.86 2.23 -56.36
N ASP A 280 21.51 1.15 -55.95
CA ASP A 280 22.95 0.95 -56.08
C ASP A 280 23.17 0.26 -57.42
N VAL A 281 23.59 1.03 -58.43
CA VAL A 281 23.60 0.54 -59.81
C VAL A 281 24.53 -0.68 -59.89
N LEU A 282 25.60 -0.67 -59.12
CA LEU A 282 26.49 -1.83 -59.01
C LEU A 282 25.99 -2.85 -57.97
N LYS A 283 26.59 -4.03 -57.91
CA LYS A 283 25.81 -5.25 -57.71
C LYS A 283 26.24 -6.50 -56.89
N LYS A 284 27.37 -6.50 -56.19
CA LYS A 284 27.89 -7.69 -55.43
C LYS A 284 26.86 -8.67 -54.78
N ASP A 285 26.81 -9.95 -55.18
CA ASP A 285 25.61 -10.56 -55.83
C ASP A 285 24.61 -11.22 -54.88
N GLY A 286 24.95 -11.29 -53.60
CA GLY A 286 23.99 -11.46 -52.53
C GLY A 286 23.57 -10.13 -51.92
N LEU A 287 23.72 -9.03 -52.67
CA LEU A 287 22.85 -7.88 -52.48
C LEU A 287 21.44 -8.30 -52.80
N MET A 288 20.71 -8.63 -51.71
CA MET A 288 19.29 -8.50 -51.52
C MET A 288 18.85 -7.09 -51.36
N ALA A 289 18.08 -6.72 -52.35
CA ALA A 289 17.43 -5.46 -52.67
C ALA A 289 15.94 -5.66 -52.78
N THR A 290 15.19 -4.75 -52.16
CA THR A 290 13.74 -4.72 -52.20
C THR A 290 13.37 -3.82 -53.37
N HIS A 291 13.09 -4.43 -54.53
CA HIS A 291 12.94 -3.68 -55.77
C HIS A 291 11.78 -2.86 -55.20
N ASP A 292 12.06 -1.63 -54.71
CA ASP A 292 10.98 -0.71 -54.41
C ASP A 292 10.84 0.39 -55.45
N GLU A 293 11.93 0.96 -55.89
CA GLU A 293 11.87 1.92 -56.98
C GLU A 293 11.50 1.24 -58.28
N GLU A 294 12.02 0.07 -58.51
CA GLU A 294 11.75 -0.67 -59.73
C GLU A 294 10.28 -1.06 -59.84
N THR A 295 9.64 -1.39 -58.71
CA THR A 295 8.24 -1.80 -58.73
C THR A 295 7.33 -0.61 -58.88
N GLU A 296 7.60 0.47 -58.15
CA GLU A 296 6.87 1.72 -58.33
C GLU A 296 6.93 2.16 -59.78
N ASN A 297 8.10 2.03 -60.40
CA ASN A 297 8.23 2.40 -61.79
C ASN A 297 7.45 1.45 -62.69
N PHE A 298 7.41 0.16 -62.32
CA PHE A 298 6.76 -0.84 -63.15
C PHE A 298 5.26 -0.59 -63.26
N PHE A 299 4.67 0.05 -62.27
CA PHE A 299 3.24 0.31 -62.27
C PHE A 299 2.88 1.74 -62.67
N ARG A 300 3.88 2.61 -62.88
CA ARG A 300 3.62 3.96 -63.37
C ARG A 300 2.90 3.92 -64.71
N GLY A 301 1.88 4.74 -64.86
CA GLY A 301 1.11 4.76 -66.09
C GLY A 301 0.16 3.60 -66.28
N SER A 302 0.04 2.69 -65.30
CA SER A 302 -0.96 1.64 -65.33
C SER A 302 -2.13 2.04 -64.43
N ASP A 303 -3.09 1.14 -64.30
CA ASP A 303 -4.23 1.35 -63.41
C ASP A 303 -3.96 0.85 -61.99
N VAL A 304 -2.84 0.20 -61.76
CA VAL A 304 -2.42 -0.18 -60.42
C VAL A 304 -1.86 1.06 -59.73
N HIS A 305 -2.29 1.31 -58.51
CA HIS A 305 -1.79 2.44 -57.73
C HIS A 305 -0.80 1.88 -56.73
N CYS A 306 0.49 1.99 -57.05
CA CYS A 306 1.57 1.55 -56.18
C CYS A 306 2.12 2.74 -55.43
N ILE A 307 2.30 2.60 -54.12
CA ILE A 307 2.75 3.70 -53.28
C ILE A 307 3.93 3.21 -52.44
N LEU A 308 5.09 3.85 -52.61
CA LEU A 308 6.21 3.62 -51.71
C LEU A 308 5.91 4.24 -50.36
N CYS A 309 6.04 3.45 -49.31
CA CYS A 309 5.61 3.87 -47.99
C CYS A 309 6.80 3.97 -47.05
N PRO A 310 7.21 5.18 -46.67
CA PRO A 310 8.34 5.31 -45.75
C PRO A 310 7.94 4.93 -44.33
N ARG A 311 8.94 4.65 -43.52
CA ARG A 311 8.72 4.22 -42.14
C ARG A 311 9.70 4.95 -41.22
N ASN A 312 9.20 5.92 -40.46
CA ASN A 312 10.07 6.60 -39.49
C ASN A 312 9.70 6.14 -38.10
N PRO A 313 10.66 5.63 -37.34
CA PRO A 313 10.35 5.11 -36.01
C PRO A 313 9.87 6.23 -35.09
N ASP A 314 9.34 5.80 -33.94
CA ASP A 314 8.82 6.76 -32.98
C ASP A 314 9.94 7.37 -32.15
N ASP A 315 10.78 6.53 -31.53
CA ASP A 315 11.80 7.01 -30.61
C ASP A 315 13.17 6.43 -30.98
N GLY A 316 14.02 7.24 -31.60
CA GLY A 316 15.32 6.81 -32.06
C GLY A 316 16.46 7.01 -31.09
N GLY A 317 16.18 7.38 -29.85
CA GLY A 317 17.23 7.66 -28.90
C GLY A 317 17.78 9.05 -29.09
N SER A 318 19.11 9.22 -28.94
CA SER A 318 19.82 10.47 -29.17
C SER A 318 19.36 11.17 -30.42
N ILE A 319 19.56 12.49 -30.51
CA ILE A 319 19.47 13.15 -31.81
C ILE A 319 20.59 12.63 -32.71
N VAL A 320 21.76 12.38 -32.14
CA VAL A 320 22.82 11.77 -32.92
C VAL A 320 22.43 10.37 -33.36
N GLN A 321 21.85 9.58 -32.44
CA GLN A 321 21.48 8.21 -32.79
C GLN A 321 20.39 8.18 -33.84
N SER A 322 19.39 9.06 -33.70
CA SER A 322 18.26 9.06 -34.63
C SER A 322 18.72 9.33 -36.05
N LEU A 323 19.74 10.16 -36.23
CA LEU A 323 20.16 10.50 -37.59
C LEU A 323 20.86 9.35 -38.29
N GLN A 324 21.50 8.44 -37.54
CA GLN A 324 22.14 7.29 -38.20
C GLN A 324 21.18 6.14 -38.46
N ILE A 325 20.02 6.10 -37.81
CA ILE A 325 19.14 4.94 -37.85
C ILE A 325 17.88 5.15 -38.68
N SER A 326 17.44 6.38 -38.91
CA SER A 326 16.08 6.50 -39.43
C SER A 326 15.98 6.25 -40.93
N THR A 327 17.04 5.78 -41.55
CA THR A 327 16.90 5.16 -42.85
C THR A 327 16.68 3.65 -42.76
N MET A 328 16.68 3.08 -41.55
CA MET A 328 16.87 1.65 -41.37
C MET A 328 15.68 0.89 -40.79
N PHE A 329 14.55 1.56 -40.51
CA PHE A 329 13.37 0.87 -40.03
C PHE A 329 12.36 0.65 -41.16
N THR A 330 11.62 -0.44 -41.09
CA THR A 330 10.84 -0.93 -42.22
C THR A 330 9.35 -1.05 -41.91
N HIS A 331 8.53 -0.99 -42.96
CA HIS A 331 7.19 -1.54 -42.92
C HIS A 331 7.30 -3.01 -43.31
N HIS A 332 6.99 -3.90 -42.38
CA HIS A 332 7.30 -5.30 -42.54
C HIS A 332 6.07 -6.18 -42.75
N GLN A 333 4.88 -5.60 -42.87
CA GLN A 333 3.68 -6.39 -43.03
C GLN A 333 3.63 -7.02 -44.43
N LYS A 334 3.30 -8.31 -44.49
CA LYS A 334 3.06 -8.99 -45.76
C LYS A 334 1.56 -9.30 -45.84
N ILE A 335 0.83 -8.52 -46.63
CA ILE A 335 -0.62 -8.56 -46.68
C ILE A 335 -1.10 -8.72 -48.12
N VAL A 336 -2.12 -9.57 -48.31
CA VAL A 336 -2.92 -9.57 -49.52
C VAL A 336 -4.38 -9.63 -49.08
N VAL A 337 -5.21 -8.75 -49.64
CA VAL A 337 -6.64 -8.69 -49.33
C VAL A 337 -7.39 -8.57 -50.64
N VAL A 338 -8.38 -9.44 -50.85
CA VAL A 338 -9.20 -9.45 -52.05
C VAL A 338 -10.66 -9.67 -51.66
N ASP A 339 -11.56 -9.32 -52.58
CA ASP A 339 -12.93 -9.82 -52.51
C ASP A 339 -13.02 -11.15 -53.26
N SER A 340 -13.83 -12.06 -52.82
CA SER A 340 -13.98 -13.39 -53.34
C SER A 340 -15.42 -13.86 -53.35
N GLU A 341 -15.75 -14.84 -54.15
CA GLU A 341 -17.08 -15.38 -54.16
C GLU A 341 -17.51 -16.05 -52.85
N MET A 342 -18.78 -15.96 -52.60
CA MET A 342 -19.41 -16.58 -51.44
C MET A 342 -19.43 -18.08 -51.42
N PRO A 343 -18.82 -18.66 -50.39
CA PRO A 343 -18.81 -20.10 -50.17
C PRO A 343 -20.18 -20.70 -50.25
N SER A 344 -20.33 -21.54 -51.22
CA SER A 344 -21.49 -21.52 -52.03
C SER A 344 -21.58 -22.82 -52.84
N ARG A 345 -22.79 -23.15 -53.24
CA ARG A 345 -23.11 -24.49 -53.65
C ARG A 345 -23.35 -24.34 -55.11
N GLY A 346 -24.45 -23.69 -55.43
CA GLY A 346 -24.50 -22.54 -56.30
C GLY A 346 -24.13 -21.29 -55.54
N GLY A 347 -23.82 -20.24 -56.26
CA GLY A 347 -24.79 -19.20 -56.57
C GLY A 347 -25.62 -18.47 -55.51
N SER A 348 -25.71 -17.15 -55.67
CA SER A 348 -25.05 -16.48 -56.79
C SER A 348 -24.22 -15.25 -56.49
N GLU A 349 -24.84 -14.11 -56.25
CA GLU A 349 -24.44 -12.79 -56.78
C GLU A 349 -23.15 -12.30 -56.03
N MET A 350 -22.92 -12.77 -54.82
CA MET A 350 -22.31 -11.95 -53.78
C MET A 350 -20.88 -12.25 -53.40
N ARG A 351 -20.24 -11.30 -52.73
CA ARG A 351 -18.84 -11.32 -52.43
C ARG A 351 -18.50 -11.20 -50.94
N ARG A 352 -17.33 -11.69 -50.58
CA ARG A 352 -16.81 -11.60 -49.23
C ARG A 352 -15.37 -11.10 -49.32
N ILE A 353 -14.72 -10.95 -48.17
CA ILE A 353 -13.32 -10.52 -48.11
C ILE A 353 -12.50 -11.68 -47.59
N VAL A 354 -11.32 -11.85 -48.18
CA VAL A 354 -10.39 -12.92 -47.86
C VAL A 354 -9.02 -12.28 -47.74
N SER A 355 -8.26 -12.66 -46.73
CA SER A 355 -7.00 -12.00 -46.45
C SER A 355 -5.92 -13.01 -46.12
N PHE A 356 -4.68 -12.61 -46.36
CA PHE A 356 -3.50 -13.42 -46.16
C PHE A 356 -2.58 -12.66 -45.24
N VAL A 357 -2.03 -13.33 -44.23
CA VAL A 357 -0.93 -12.80 -43.42
C VAL A 357 0.06 -13.94 -43.11
N GLY A 358 1.30 -13.57 -42.90
CA GLY A 358 2.32 -14.51 -42.49
C GLY A 358 3.68 -13.92 -42.78
N GLY A 359 4.63 -14.80 -43.06
CA GLY A 359 5.99 -14.37 -43.30
C GLY A 359 6.41 -14.22 -44.75
N ILE A 360 5.57 -14.60 -45.69
CA ILE A 360 5.99 -14.77 -47.07
C ILE A 360 5.66 -13.52 -47.88
N ASP A 361 6.70 -12.78 -48.26
CA ASP A 361 6.58 -11.67 -49.20
C ASP A 361 6.47 -12.19 -50.63
N LEU A 362 5.88 -11.37 -51.50
CA LEU A 362 5.76 -11.71 -52.91
C LEU A 362 6.98 -11.16 -53.66
N CYS A 363 8.14 -11.72 -53.36
CA CYS A 363 9.40 -11.29 -53.98
C CYS A 363 10.27 -12.51 -54.26
N ASP A 364 11.52 -12.25 -54.66
CA ASP A 364 12.43 -13.32 -55.07
C ASP A 364 12.99 -14.07 -53.86
N GLY A 365 13.27 -15.35 -54.07
CA GLY A 365 13.80 -16.19 -53.03
C GLY A 365 12.77 -16.84 -52.12
N ARG A 366 11.49 -16.55 -52.29
CA ARG A 366 10.48 -17.04 -51.38
C ARG A 366 9.77 -18.30 -51.87
N TYR A 367 9.72 -18.54 -53.18
CA TYR A 367 9.18 -19.79 -53.68
C TYR A 367 10.04 -20.97 -53.26
N ASP A 368 9.42 -21.93 -52.59
CA ASP A 368 10.06 -23.19 -52.25
C ASP A 368 9.00 -24.18 -51.80
N THR A 369 9.44 -25.41 -51.59
CA THR A 369 8.61 -26.51 -51.09
C THR A 369 9.34 -27.10 -49.92
N PRO A 370 8.71 -28.02 -49.17
CA PRO A 370 9.42 -28.70 -48.09
C PRO A 370 10.65 -29.49 -48.55
N PHE A 371 10.81 -29.77 -49.84
CA PHE A 371 12.02 -30.43 -50.29
C PHE A 371 13.26 -29.55 -50.08
N HIS A 372 13.12 -28.24 -50.24
CA HIS A 372 14.16 -27.28 -49.91
C HIS A 372 15.49 -27.66 -50.56
N SER A 373 15.45 -27.85 -51.87
CA SER A 373 16.61 -28.36 -52.58
C SER A 373 17.72 -27.32 -52.71
N LEU A 374 18.96 -27.78 -52.55
CA LEU A 374 20.17 -26.98 -52.67
C LEU A 374 20.67 -26.89 -54.11
N PHE A 375 20.58 -27.98 -54.88
CA PHE A 375 21.12 -28.03 -56.22
C PHE A 375 20.17 -28.58 -57.26
N ARG A 376 19.12 -29.27 -56.87
CA ARG A 376 18.34 -30.05 -57.80
C ARG A 376 17.19 -29.30 -58.43
N THR A 377 17.00 -28.02 -58.10
CA THR A 377 15.96 -27.20 -58.71
C THR A 377 16.51 -26.06 -59.54
N LEU A 378 17.83 -25.97 -59.68
CA LEU A 378 18.41 -24.81 -60.34
C LEU A 378 18.19 -24.82 -61.84
N ASP A 379 17.74 -25.94 -62.40
CA ASP A 379 17.37 -25.97 -63.81
C ASP A 379 15.88 -26.19 -63.97
N THR A 380 15.12 -25.91 -62.92
CA THR A 380 13.67 -25.93 -62.99
C THR A 380 12.72 -24.84 -62.51
N VAL A 381 12.76 -24.51 -61.21
CA VAL A 381 11.68 -23.72 -60.62
C VAL A 381 12.55 -22.60 -60.07
N HIS A 382 13.83 -22.84 -59.85
CA HIS A 382 14.68 -21.80 -59.32
C HIS A 382 15.67 -21.23 -60.33
N HIS A 383 15.60 -21.62 -61.62
CA HIS A 383 16.65 -21.17 -62.52
C HIS A 383 16.66 -19.66 -62.65
N ASP A 384 15.49 -19.03 -62.67
CA ASP A 384 15.42 -17.58 -62.69
C ASP A 384 14.96 -17.00 -61.36
N ASP A 385 15.27 -17.70 -60.27
CA ASP A 385 14.87 -17.24 -58.95
C ASP A 385 15.87 -17.82 -57.96
N PHE A 386 17.11 -17.43 -58.16
CA PHE A 386 18.25 -17.93 -57.41
C PHE A 386 18.53 -16.94 -56.29
N HIS A 387 18.33 -17.38 -55.06
CA HIS A 387 18.52 -16.53 -53.90
C HIS A 387 19.63 -17.12 -53.04
N GLN A 388 20.68 -16.32 -52.81
CA GLN A 388 21.81 -16.75 -51.98
C GLN A 388 22.61 -15.54 -51.50
N PRO A 389 22.17 -14.86 -50.45
CA PRO A 389 22.88 -13.65 -49.99
C PRO A 389 23.98 -13.88 -48.96
N ASN A 390 24.36 -15.12 -48.65
CA ASN A 390 25.39 -15.37 -47.67
C ASN A 390 26.78 -15.55 -48.27
N PHE A 391 26.91 -15.51 -49.60
CA PHE A 391 28.19 -15.55 -50.28
C PHE A 391 28.38 -14.28 -51.08
N THR A 392 29.64 -13.85 -51.21
CA THR A 392 29.98 -12.72 -52.08
C THR A 392 29.86 -13.17 -53.52
N GLY A 393 28.98 -12.52 -54.28
CA GLY A 393 28.89 -12.82 -55.69
C GLY A 393 28.33 -14.19 -56.06
N ALA A 394 27.29 -14.65 -55.37
CA ALA A 394 26.64 -15.90 -55.74
C ALA A 394 25.72 -15.68 -56.93
N ALA A 395 25.73 -16.63 -57.86
CA ALA A 395 24.89 -16.49 -59.04
C ALA A 395 24.60 -17.87 -59.59
N ILE A 396 23.48 -17.98 -60.32
CA ILE A 396 23.06 -19.26 -60.88
C ILE A 396 24.14 -19.81 -61.81
N THR A 397 24.86 -18.93 -62.50
CA THR A 397 25.88 -19.35 -63.45
C THR A 397 27.07 -20.01 -62.77
N LYS A 398 27.23 -19.82 -61.47
CA LYS A 398 28.30 -20.46 -60.71
C LYS A 398 27.82 -21.64 -59.88
N GLY A 399 26.51 -21.84 -59.78
CA GLY A 399 25.95 -22.99 -59.10
C GLY A 399 25.62 -22.79 -57.64
N GLY A 400 25.16 -23.88 -57.04
CA GLY A 400 24.68 -23.89 -55.67
C GLY A 400 25.75 -23.75 -54.61
N PRO A 401 25.32 -23.73 -53.35
CA PRO A 401 23.92 -23.94 -53.04
C PRO A 401 23.06 -22.67 -53.05
N ARG A 402 21.83 -22.75 -53.55
CA ARG A 402 20.84 -21.71 -53.24
C ARG A 402 20.52 -21.73 -51.75
N GLU A 403 19.95 -20.63 -51.27
CA GLU A 403 19.42 -20.59 -49.92
C GLU A 403 17.96 -21.02 -49.95
N PRO A 404 17.60 -22.21 -49.44
CA PRO A 404 16.21 -22.62 -49.44
C PRO A 404 15.43 -21.80 -48.44
N TRP A 405 14.14 -21.68 -48.58
CA TRP A 405 13.30 -20.71 -47.87
C TRP A 405 12.17 -21.45 -47.14
N HIS A 406 12.35 -21.72 -45.84
CA HIS A 406 11.29 -22.30 -45.03
C HIS A 406 10.49 -21.18 -44.38
N ASP A 407 9.18 -21.22 -44.53
CA ASP A 407 8.39 -20.10 -44.03
C ASP A 407 6.97 -20.60 -43.82
N ILE A 408 6.22 -19.76 -43.24
CA ILE A 408 4.84 -20.11 -42.88
C ILE A 408 3.94 -18.90 -43.12
N HIS A 409 2.75 -19.15 -43.67
CA HIS A 409 1.79 -18.12 -44.05
C HIS A 409 0.39 -18.62 -43.70
N SER A 410 -0.63 -17.81 -43.96
CA SER A 410 -1.99 -18.20 -43.63
C SER A 410 -2.98 -17.48 -44.54
N ARG A 411 -4.14 -18.09 -44.72
CA ARG A 411 -5.32 -17.45 -45.30
C ARG A 411 -6.41 -17.37 -44.24
N LEU A 412 -7.06 -16.22 -44.16
CA LEU A 412 -8.03 -15.92 -43.12
C LEU A 412 -9.35 -15.54 -43.76
N GLU A 413 -10.40 -16.30 -43.45
CA GLU A 413 -11.74 -16.03 -43.91
C GLU A 413 -12.68 -15.91 -42.72
N GLY A 414 -13.82 -15.27 -42.95
CA GLY A 414 -14.69 -14.90 -41.88
C GLY A 414 -14.44 -13.46 -41.52
N PRO A 415 -15.06 -12.98 -40.44
CA PRO A 415 -14.93 -11.56 -40.08
C PRO A 415 -13.50 -11.10 -39.92
N ILE A 416 -12.58 -12.00 -39.55
CA ILE A 416 -11.19 -11.63 -39.33
C ILE A 416 -10.59 -11.04 -40.60
N ALA A 417 -11.09 -11.44 -41.76
CA ALA A 417 -10.56 -10.92 -43.02
C ALA A 417 -10.72 -9.42 -43.15
N TRP A 418 -11.81 -8.87 -42.58
CA TRP A 418 -12.08 -7.44 -42.64
C TRP A 418 -11.19 -6.66 -41.68
N ASP A 419 -10.69 -7.31 -40.62
CA ASP A 419 -9.76 -6.63 -39.75
C ASP A 419 -8.42 -6.40 -40.45
N VAL A 420 -7.97 -7.35 -41.25
CA VAL A 420 -6.75 -7.15 -42.02
C VAL A 420 -7.00 -6.07 -43.05
N MET A 421 -8.14 -6.12 -43.74
CA MET A 421 -8.47 -5.07 -44.69
C MET A 421 -8.47 -3.70 -44.01
N TYR A 422 -9.01 -3.64 -42.79
CA TYR A 422 -9.08 -2.37 -42.09
C TYR A 422 -7.69 -1.84 -41.73
N ASN A 423 -6.77 -2.73 -41.36
CA ASN A 423 -5.40 -2.29 -41.13
C ASN A 423 -4.82 -1.63 -42.38
N PHE A 424 -5.05 -2.23 -43.55
CA PHE A 424 -4.64 -1.58 -44.79
C PHE A 424 -5.25 -0.19 -44.93
N GLU A 425 -6.54 -0.06 -44.60
CA GLU A 425 -7.22 1.22 -44.78
C GLU A 425 -6.65 2.28 -43.86
N GLN A 426 -6.26 1.90 -42.64
CA GLN A 426 -5.63 2.86 -41.75
C GLN A 426 -4.26 3.27 -42.27
N ARG A 427 -3.53 2.34 -42.86
CA ARG A 427 -2.23 2.67 -43.40
C ARG A 427 -2.34 3.54 -44.64
N TRP A 428 -3.25 3.19 -45.56
CA TRP A 428 -3.42 3.98 -46.76
C TRP A 428 -3.85 5.40 -46.44
N SER A 429 -4.67 5.58 -45.41
CA SER A 429 -5.14 6.92 -45.11
C SER A 429 -4.02 7.77 -44.53
N LYS A 430 -3.15 7.16 -43.73
CA LYS A 430 -2.10 7.93 -43.07
C LYS A 430 -0.85 8.08 -43.93
N GLN A 431 -0.52 7.09 -44.76
CA GLN A 431 0.73 7.12 -45.51
C GLN A 431 0.54 6.72 -46.96
N GLY A 432 -0.68 6.68 -47.46
CA GLY A 432 -0.95 6.10 -48.75
C GLY A 432 -1.04 7.16 -49.83
N GLY A 433 -1.93 6.92 -50.78
CA GLY A 433 -2.07 7.84 -51.89
C GLY A 433 -3.40 8.56 -51.89
N LYS A 434 -4.03 8.63 -53.05
CA LYS A 434 -5.27 9.36 -53.23
C LYS A 434 -6.42 8.70 -52.48
N ASP A 435 -7.46 9.49 -52.23
CA ASP A 435 -8.65 8.98 -51.56
C ASP A 435 -9.39 7.96 -52.42
N ILE A 436 -8.81 6.77 -52.62
CA ILE A 436 -9.37 5.83 -53.58
C ILE A 436 -9.62 4.46 -52.97
N LEU A 437 -9.70 4.39 -51.64
CA LEU A 437 -10.11 3.14 -51.03
C LEU A 437 -11.51 2.79 -51.46
N VAL A 438 -11.74 1.52 -51.78
CA VAL A 438 -13.09 1.06 -52.08
C VAL A 438 -14.01 1.33 -50.90
N LYS A 439 -15.15 1.96 -51.18
CA LYS A 439 -16.11 2.32 -50.15
C LYS A 439 -17.07 1.15 -49.99
N LEU A 440 -16.90 0.38 -48.93
CA LEU A 440 -17.72 -0.81 -48.75
C LEU A 440 -19.19 -0.44 -48.55
N ARG A 441 -19.45 0.72 -47.95
CA ARG A 441 -20.84 1.14 -47.75
C ARG A 441 -21.54 1.33 -49.08
N ASP A 442 -20.79 1.65 -50.12
CA ASP A 442 -21.41 1.78 -51.44
C ASP A 442 -21.64 0.45 -52.10
N LEU A 443 -21.02 -0.62 -51.60
CA LEU A 443 -21.18 -1.95 -52.14
C LEU A 443 -21.95 -2.86 -51.18
N SER A 444 -22.81 -2.25 -50.37
CA SER A 444 -23.55 -3.00 -49.35
C SER A 444 -24.44 -4.06 -49.96
N ASP A 445 -24.76 -3.95 -51.24
CA ASP A 445 -25.59 -4.94 -51.92
C ASP A 445 -24.77 -5.98 -52.68
N ILE A 446 -23.45 -6.00 -52.50
CA ILE A 446 -22.59 -6.91 -53.25
C ILE A 446 -21.59 -7.60 -52.34
N ILE A 447 -20.80 -6.81 -51.60
CA ILE A 447 -19.86 -7.33 -50.62
C ILE A 447 -20.54 -7.31 -49.25
N ILE A 448 -20.73 -8.48 -48.66
CA ILE A 448 -21.48 -8.59 -47.41
C ILE A 448 -20.74 -7.89 -46.27
N THR A 449 -21.44 -7.71 -45.16
CA THR A 449 -20.83 -7.24 -43.94
C THR A 449 -19.92 -8.34 -43.39
N PRO A 450 -19.05 -8.03 -42.44
CA PRO A 450 -18.11 -9.06 -41.97
C PRO A 450 -18.82 -10.27 -41.40
N SER A 451 -18.73 -11.44 -42.06
CA SER A 451 -19.62 -12.54 -41.76
C SER A 451 -18.91 -13.88 -41.58
N PRO A 452 -19.46 -14.74 -40.71
CA PRO A 452 -18.93 -16.11 -40.60
C PRO A 452 -18.99 -16.86 -41.92
N VAL A 453 -17.97 -17.69 -42.17
CA VAL A 453 -18.03 -18.65 -43.27
C VAL A 453 -18.49 -20.03 -42.83
N MET A 454 -18.69 -20.24 -41.53
CA MET A 454 -19.22 -21.51 -41.03
C MET A 454 -20.06 -21.21 -39.80
N PHE A 455 -20.93 -22.17 -39.45
CA PHE A 455 -21.69 -22.05 -38.23
C PHE A 455 -20.78 -22.43 -37.07
N GLN A 456 -21.00 -21.78 -35.92
CA GLN A 456 -20.08 -21.96 -34.81
C GLN A 456 -20.09 -23.37 -34.29
N GLU A 457 -21.11 -24.13 -34.64
CA GLU A 457 -21.25 -25.51 -34.21
C GLU A 457 -20.45 -26.45 -35.10
N ASP A 458 -20.08 -26.01 -36.28
CA ASP A 458 -19.21 -26.81 -37.14
C ASP A 458 -17.84 -26.96 -36.48
N HIS A 459 -17.37 -28.20 -36.38
CA HIS A 459 -16.11 -28.51 -35.70
C HIS A 459 -14.87 -28.02 -36.44
N ASP A 460 -15.01 -27.54 -37.67
CA ASP A 460 -13.91 -26.95 -38.40
C ASP A 460 -13.75 -25.46 -38.12
N VAL A 461 -14.65 -24.87 -37.34
CA VAL A 461 -14.70 -23.42 -37.21
C VAL A 461 -13.50 -22.92 -36.44
N TRP A 462 -13.10 -21.68 -36.72
CA TRP A 462 -11.97 -21.02 -36.10
C TRP A 462 -12.43 -19.79 -35.34
N ASN A 463 -11.85 -19.55 -34.17
CA ASN A 463 -11.88 -18.23 -33.55
C ASN A 463 -10.51 -17.59 -33.73
N VAL A 464 -10.47 -16.39 -34.31
CA VAL A 464 -9.22 -15.75 -34.73
C VAL A 464 -9.21 -14.30 -34.27
N GLN A 465 -8.02 -13.79 -33.96
CA GLN A 465 -7.87 -12.44 -33.44
C GLN A 465 -6.65 -11.82 -34.07
N LEU A 466 -6.78 -10.58 -34.56
CA LEU A 466 -5.67 -9.90 -35.24
C LEU A 466 -4.86 -9.07 -34.26
N PHE A 467 -3.54 -9.01 -34.51
CA PHE A 467 -2.60 -8.31 -33.65
C PHE A 467 -1.60 -7.56 -34.50
N ARG A 468 -0.93 -6.57 -33.90
CA ARG A 468 -0.11 -5.65 -34.67
C ARG A 468 1.01 -5.07 -33.83
N SER A 469 2.06 -4.63 -34.52
CA SER A 469 3.02 -3.65 -34.03
C SER A 469 2.92 -2.50 -35.02
N ILE A 470 2.34 -1.38 -34.59
CA ILE A 470 2.17 -0.23 -35.46
C ILE A 470 1.88 0.97 -34.57
N ASP A 471 2.27 2.17 -35.02
CA ASP A 471 2.05 3.35 -34.20
C ASP A 471 1.21 4.36 -34.97
N GLY A 472 0.82 5.43 -34.26
CA GLY A 472 -0.03 6.45 -34.83
C GLY A 472 0.60 7.22 -35.97
N GLY A 473 1.91 7.12 -36.15
CA GLY A 473 2.55 7.72 -37.31
C GLY A 473 2.38 6.94 -38.58
N ALA A 474 1.97 5.67 -38.50
CA ALA A 474 1.82 4.80 -39.65
C ALA A 474 0.39 4.45 -39.98
N ALA A 475 -0.53 4.62 -39.04
CA ALA A 475 -1.91 4.19 -39.16
C ALA A 475 -2.81 5.28 -38.60
N ALA A 476 -3.76 5.75 -39.41
CA ALA A 476 -4.74 6.71 -38.93
C ALA A 476 -5.84 6.01 -38.17
N GLY A 477 -6.46 6.74 -37.25
CA GLY A 477 -7.65 6.24 -36.61
C GLY A 477 -7.44 5.50 -35.32
N PHE A 478 -6.37 5.79 -34.60
CA PHE A 478 -6.28 5.23 -33.26
C PHE A 478 -7.04 6.11 -32.28
N PRO A 479 -7.54 5.54 -31.19
CA PRO A 479 -8.18 6.36 -30.16
C PRO A 479 -7.21 7.39 -29.59
N GLU A 480 -7.76 8.46 -29.05
CA GLU A 480 -6.97 9.61 -28.64
C GLU A 480 -6.92 9.81 -27.13
N SER A 481 -8.06 9.81 -26.47
CA SER A 481 -8.09 9.91 -25.03
C SER A 481 -7.26 8.81 -24.41
N PRO A 482 -6.47 9.09 -23.37
CA PRO A 482 -5.68 8.02 -22.76
C PRO A 482 -6.53 6.88 -22.24
N GLU A 483 -7.81 7.14 -21.95
CA GLU A 483 -8.67 6.08 -21.46
C GLU A 483 -8.99 5.08 -22.57
N ALA A 484 -9.32 5.60 -23.76
CA ALA A 484 -9.63 4.71 -24.87
C ALA A 484 -8.38 4.00 -25.38
N ALA A 485 -7.22 4.64 -25.29
CA ALA A 485 -5.99 3.97 -25.67
C ALA A 485 -5.70 2.79 -24.75
N ALA A 486 -5.85 2.98 -23.43
CA ALA A 486 -5.51 1.91 -22.49
C ALA A 486 -6.48 0.74 -22.60
N GLU A 487 -7.70 0.97 -23.04
CA GLU A 487 -8.62 -0.13 -23.24
C GLU A 487 -8.18 -1.02 -24.38
N ALA A 488 -7.56 -0.43 -25.40
CA ALA A 488 -7.00 -1.18 -26.50
C ALA A 488 -5.57 -1.61 -26.24
N GLY A 489 -5.04 -1.40 -25.04
CA GLY A 489 -3.68 -1.79 -24.79
C GLY A 489 -2.65 -0.93 -25.46
N LEU A 490 -3.05 0.19 -26.05
CA LEU A 490 -2.10 1.09 -26.67
C LEU A 490 -1.33 1.86 -25.60
N VAL A 491 -0.07 2.19 -25.90
CA VAL A 491 0.80 2.87 -24.97
C VAL A 491 1.38 4.12 -25.62
N SER A 492 1.75 5.09 -24.78
CA SER A 492 2.25 6.38 -25.23
C SER A 492 3.70 6.25 -25.65
N GLY A 493 4.00 6.71 -26.87
CA GLY A 493 5.37 6.82 -27.31
C GLY A 493 5.85 8.25 -27.24
N LYS A 494 7.13 8.42 -27.57
CA LYS A 494 7.74 9.74 -27.67
C LYS A 494 6.82 10.70 -28.41
N ASP A 495 6.42 10.33 -29.63
CA ASP A 495 5.61 11.23 -30.44
C ASP A 495 4.35 10.61 -31.04
N ASN A 496 4.04 9.34 -30.75
CA ASN A 496 2.85 8.68 -31.29
C ASN A 496 2.31 7.68 -30.29
N ILE A 497 1.04 7.28 -30.49
CA ILE A 497 0.42 6.18 -29.73
C ILE A 497 0.86 4.86 -30.35
N ILE A 498 0.98 3.80 -29.56
CA ILE A 498 1.69 2.59 -29.99
C ILE A 498 0.84 1.34 -29.76
N ASP A 499 0.65 0.57 -30.82
CA ASP A 499 -0.06 -0.70 -30.76
C ASP A 499 0.97 -1.82 -30.69
N ARG A 500 1.02 -2.49 -29.55
CA ARG A 500 1.96 -3.58 -29.33
C ARG A 500 1.21 -4.86 -29.05
N SER A 501 0.10 -5.08 -29.74
CA SER A 501 -0.72 -6.25 -29.45
C SER A 501 -0.05 -7.55 -29.90
N ILE A 502 0.97 -7.48 -30.77
CA ILE A 502 1.69 -8.71 -31.09
C ILE A 502 2.48 -9.21 -29.87
N GLN A 503 3.23 -8.33 -29.22
CA GLN A 503 3.94 -8.79 -28.02
C GLN A 503 2.97 -9.29 -26.95
N ASP A 504 1.87 -8.55 -26.71
CA ASP A 504 0.89 -8.95 -25.71
C ASP A 504 0.29 -10.32 -26.02
N ALA A 505 -0.03 -10.56 -27.30
CA ALA A 505 -0.60 -11.86 -27.68
C ALA A 505 0.39 -13.00 -27.47
N TYR A 506 1.69 -12.77 -27.66
CA TYR A 506 2.69 -13.79 -27.38
C TYR A 506 2.76 -14.05 -25.89
N ILE A 507 2.69 -12.99 -25.09
CA ILE A 507 2.80 -13.14 -23.65
C ILE A 507 1.69 -14.02 -23.12
N HIS A 508 0.44 -13.67 -23.44
CA HIS A 508 -0.69 -14.48 -22.99
C HIS A 508 -0.61 -15.92 -23.51
N ALA A 509 -0.26 -16.09 -24.79
CA ALA A 509 -0.13 -17.42 -25.35
C ALA A 509 0.89 -18.26 -24.60
N ILE A 510 1.98 -17.64 -24.17
CA ILE A 510 2.97 -18.33 -23.35
C ILE A 510 2.43 -18.58 -21.93
N ARG A 511 1.78 -17.58 -21.35
CA ARG A 511 1.35 -17.75 -19.96
C ARG A 511 0.31 -18.85 -19.81
N ARG A 512 -0.65 -18.97 -20.73
CA ARG A 512 -1.67 -19.99 -20.56
C ARG A 512 -1.17 -21.38 -20.96
N ALA A 513 0.05 -21.48 -21.48
CA ALA A 513 0.58 -22.75 -21.96
C ALA A 513 0.67 -23.78 -20.83
N LYS A 514 0.34 -25.03 -21.15
CA LYS A 514 0.31 -26.05 -20.12
C LYS A 514 1.07 -27.32 -20.48
N ASP A 515 1.38 -27.58 -21.77
CA ASP A 515 2.02 -28.83 -22.18
C ASP A 515 3.32 -28.61 -22.92
N PHE A 516 3.33 -27.83 -24.00
CA PHE A 516 4.54 -27.58 -24.77
C PHE A 516 4.39 -26.35 -25.64
N ILE A 517 5.51 -25.75 -26.01
CA ILE A 517 5.55 -24.63 -26.95
C ILE A 517 6.50 -25.01 -28.07
N TYR A 518 6.12 -24.72 -29.31
CA TYR A 518 6.95 -24.97 -30.47
C TYR A 518 7.06 -23.66 -31.24
N VAL A 519 8.27 -23.10 -31.29
CA VAL A 519 8.54 -21.85 -31.99
C VAL A 519 9.39 -22.16 -33.21
N GLU A 520 9.03 -21.57 -34.35
CA GLU A 520 9.95 -21.39 -35.46
C GLU A 520 10.03 -19.89 -35.74
N ASN A 521 11.24 -19.33 -35.66
CA ASN A 521 11.37 -17.88 -35.88
C ASN A 521 12.73 -17.51 -36.44
N GLN A 522 12.74 -16.44 -37.23
CA GLN A 522 13.97 -15.95 -37.87
C GLN A 522 14.95 -15.38 -36.85
N TYR A 523 14.45 -14.75 -35.80
CA TYR A 523 15.28 -14.19 -34.74
C TYR A 523 14.79 -14.75 -33.43
N PHE A 524 15.68 -14.85 -32.45
CA PHE A 524 15.23 -15.23 -31.11
C PHE A 524 16.17 -14.55 -30.11
N LEU A 525 15.73 -13.39 -29.60
CA LEU A 525 16.55 -12.57 -28.72
C LEU A 525 15.64 -11.56 -28.05
N GLY A 526 15.95 -11.23 -26.81
CA GLY A 526 15.13 -10.28 -26.10
C GLY A 526 15.23 -10.47 -24.61
N SER A 527 14.36 -9.76 -23.89
CA SER A 527 14.38 -9.73 -22.43
C SER A 527 15.76 -9.32 -21.92
N SER A 528 16.35 -8.33 -22.59
CA SER A 528 17.71 -7.91 -22.28
C SER A 528 17.83 -7.27 -20.91
N PHE A 529 16.73 -6.93 -20.26
CA PHE A 529 16.82 -6.47 -18.88
C PHE A 529 17.30 -7.56 -17.94
N ALA A 530 17.21 -8.83 -18.32
CA ALA A 530 17.61 -9.92 -17.44
C ALA A 530 18.91 -10.57 -17.89
N TRP A 531 19.55 -10.02 -18.92
CA TRP A 531 20.84 -10.53 -19.36
C TRP A 531 21.90 -10.24 -18.31
N ALA A 532 22.93 -11.08 -18.34
CA ALA A 532 24.09 -10.88 -17.48
C ALA A 532 24.89 -9.70 -17.98
N ALA A 533 25.28 -8.82 -17.06
CA ALA A 533 26.11 -7.66 -17.38
C ALA A 533 27.51 -8.11 -17.73
N ASP A 534 27.65 -8.86 -18.80
CA ASP A 534 28.91 -9.53 -19.13
C ASP A 534 29.48 -8.86 -20.37
N GLY A 535 30.41 -7.94 -20.15
CA GLY A 535 30.95 -7.17 -21.23
C GLY A 535 30.00 -6.15 -21.80
N ILE A 536 28.78 -6.04 -21.27
CA ILE A 536 27.82 -5.04 -21.71
C ILE A 536 27.19 -4.40 -20.48
N THR A 537 26.53 -3.28 -20.71
CA THR A 537 25.67 -2.65 -19.72
C THR A 537 24.24 -2.98 -20.13
N PRO A 538 23.60 -3.99 -19.53
CA PRO A 538 22.29 -4.46 -20.03
C PRO A 538 21.27 -3.37 -20.33
N GLU A 539 21.18 -2.34 -19.49
CA GLU A 539 20.20 -1.29 -19.72
C GLU A 539 20.45 -0.55 -21.03
N ASP A 540 21.67 -0.61 -21.58
CA ASP A 540 21.96 0.01 -22.87
C ASP A 540 21.29 -0.71 -24.04
N ILE A 541 20.93 -1.99 -23.88
CA ILE A 541 20.52 -2.81 -25.02
C ILE A 541 19.09 -2.49 -25.45
N ASN A 542 18.17 -2.38 -24.51
CA ASN A 542 16.78 -1.97 -24.74
C ASN A 542 15.99 -2.97 -25.58
N ALA A 543 16.30 -4.25 -25.47
CA ALA A 543 15.48 -5.31 -26.05
C ALA A 543 14.53 -5.85 -24.97
N LEU A 544 13.59 -4.99 -24.57
CA LEU A 544 12.85 -5.19 -23.33
C LEU A 544 11.62 -6.08 -23.45
N HIS A 545 11.24 -6.53 -24.65
CA HIS A 545 10.11 -7.42 -24.77
C HIS A 545 10.37 -8.71 -23.98
N LEU A 546 9.28 -9.35 -23.56
CA LEU A 546 9.31 -10.37 -22.51
C LEU A 546 9.31 -11.79 -23.03
N ILE A 547 9.24 -12.01 -24.33
CA ILE A 547 9.02 -13.37 -24.83
C ILE A 547 10.04 -14.36 -24.28
N PRO A 548 11.36 -14.14 -24.41
CA PRO A 548 12.30 -15.14 -23.87
C PRO A 548 12.22 -15.32 -22.37
N LYS A 549 11.85 -14.29 -21.61
CA LYS A 549 11.76 -14.43 -20.16
C LYS A 549 10.49 -15.16 -19.74
N GLU A 550 9.35 -14.88 -20.41
CA GLU A 550 8.13 -15.63 -20.12
C GLU A 550 8.31 -17.10 -20.44
N LEU A 551 9.11 -17.40 -21.48
CA LEU A 551 9.37 -18.80 -21.80
C LEU A 551 10.12 -19.49 -20.67
N SER A 552 11.24 -18.90 -20.23
CA SER A 552 12.03 -19.54 -19.19
C SER A 552 11.32 -19.48 -17.85
N LEU A 553 10.56 -18.42 -17.59
CA LEU A 553 9.76 -18.41 -16.36
C LEU A 553 8.67 -19.47 -16.41
N LYS A 554 8.17 -19.78 -17.59
CA LYS A 554 7.15 -20.81 -17.71
C LYS A 554 7.74 -22.19 -17.46
N ILE A 555 8.90 -22.45 -18.06
CA ILE A 555 9.63 -23.68 -17.79
C ILE A 555 9.87 -23.82 -16.29
N VAL A 556 10.38 -22.75 -15.66
CA VAL A 556 10.67 -22.75 -14.22
C VAL A 556 9.44 -23.12 -13.41
N SER A 557 8.28 -22.55 -13.74
CA SER A 557 7.12 -22.82 -12.93
C SER A 557 6.65 -24.25 -13.07
N LYS A 558 6.90 -24.90 -14.21
CA LYS A 558 6.45 -26.28 -14.35
C LYS A 558 7.41 -27.25 -13.66
N ILE A 559 8.69 -26.91 -13.61
CA ILE A 559 9.63 -27.69 -12.80
C ILE A 559 9.19 -27.68 -11.34
N GLU A 560 8.77 -26.52 -10.85
CA GLU A 560 8.37 -26.36 -9.45
C GLU A 560 7.12 -27.14 -9.11
N LYS A 561 6.20 -27.32 -10.06
CA LYS A 561 4.96 -28.04 -9.82
C LYS A 561 5.06 -29.54 -10.08
N GLY A 562 6.20 -30.03 -10.56
CA GLY A 562 6.26 -31.42 -10.94
C GLY A 562 5.36 -31.74 -12.12
N GLU A 563 5.30 -30.86 -13.10
CA GLU A 563 4.46 -31.05 -14.26
C GLU A 563 5.26 -30.99 -15.52
N LYS A 564 4.90 -31.82 -16.47
CA LYS A 564 5.65 -31.91 -17.65
C LYS A 564 5.37 -30.83 -18.69
N PHE A 565 6.45 -30.36 -19.26
CA PHE A 565 6.50 -29.18 -20.08
C PHE A 565 7.72 -29.12 -20.91
N ARG A 566 7.57 -28.80 -22.16
CA ARG A 566 8.75 -28.66 -23.01
C ARG A 566 8.65 -27.46 -23.94
N VAL A 567 9.80 -26.86 -24.28
CA VAL A 567 9.88 -25.76 -25.24
C VAL A 567 10.91 -26.09 -26.31
N TYR A 568 10.48 -26.12 -27.57
CA TYR A 568 11.34 -26.32 -28.73
C TYR A 568 11.41 -25.04 -29.53
N VAL A 569 12.62 -24.63 -29.94
CA VAL A 569 12.80 -23.37 -30.67
C VAL A 569 13.62 -23.63 -31.92
N VAL A 570 13.07 -23.27 -33.08
CA VAL A 570 13.75 -23.45 -34.37
C VAL A 570 14.13 -22.06 -34.91
N VAL A 571 15.43 -21.81 -35.06
CA VAL A 571 15.94 -20.53 -35.59
C VAL A 571 16.79 -20.81 -36.83
N PRO A 572 17.14 -19.81 -37.65
CA PRO A 572 18.10 -20.06 -38.72
C PRO A 572 19.49 -20.32 -38.16
N MET A 573 20.28 -21.10 -38.90
CA MET A 573 21.67 -21.32 -38.52
C MET A 573 22.35 -19.99 -38.25
N TRP A 574 22.18 -19.04 -39.17
CA TRP A 574 22.50 -17.64 -38.89
C TRP A 574 21.55 -16.75 -39.67
N PRO A 575 21.28 -15.54 -39.18
CA PRO A 575 20.38 -14.63 -39.89
C PRO A 575 20.98 -14.16 -41.20
N GLU A 576 20.12 -14.01 -42.20
CA GLU A 576 20.54 -13.88 -43.59
C GLU A 576 21.57 -12.77 -43.79
N GLY A 577 22.67 -13.12 -44.43
CA GLY A 577 23.73 -12.17 -44.72
C GLY A 577 25.07 -12.87 -44.67
N LEU A 578 26.11 -12.13 -45.03
CA LEU A 578 27.44 -12.71 -44.88
C LEU A 578 27.64 -12.99 -43.40
N PRO A 579 28.00 -14.22 -43.02
CA PRO A 579 27.95 -14.56 -41.58
C PRO A 579 29.04 -13.93 -40.73
N GLU A 580 30.14 -13.44 -41.33
CA GLU A 580 31.14 -12.72 -40.56
C GLU A 580 30.84 -11.23 -40.48
N SER A 581 29.81 -10.76 -41.19
CA SER A 581 29.51 -9.33 -41.20
C SER A 581 29.15 -8.86 -39.80
N GLY A 582 29.34 -7.56 -39.55
CA GLY A 582 29.12 -7.07 -38.21
C GLY A 582 27.69 -7.30 -37.74
N SER A 583 26.75 -7.19 -38.67
CA SER A 583 25.35 -7.29 -38.30
C SER A 583 25.01 -8.70 -37.83
N VAL A 584 25.38 -9.71 -38.62
CA VAL A 584 25.06 -11.09 -38.28
C VAL A 584 25.73 -11.48 -36.97
N GLN A 585 27.00 -11.11 -36.79
CA GLN A 585 27.73 -11.46 -35.58
C GLN A 585 27.18 -10.74 -34.36
N ALA A 586 26.71 -9.50 -34.51
CA ALA A 586 26.01 -8.82 -33.42
C ALA A 586 24.77 -9.57 -33.01
N ILE A 587 23.96 -9.98 -34.00
CA ILE A 587 22.73 -10.70 -33.73
C ILE A 587 23.00 -12.04 -33.06
N LEU A 588 23.97 -12.80 -33.58
CA LEU A 588 24.28 -14.08 -32.94
C LEU A 588 24.76 -13.89 -31.52
N ASP A 589 25.30 -12.72 -31.19
CA ASP A 589 25.71 -12.47 -29.82
C ASP A 589 24.51 -12.14 -28.93
N TRP A 590 23.53 -11.41 -29.47
CA TRP A 590 22.29 -11.19 -28.72
C TRP A 590 21.57 -12.51 -28.46
N GLN A 591 21.50 -13.35 -29.49
CA GLN A 591 20.89 -14.67 -29.34
C GLN A 591 21.59 -15.49 -28.27
N ARG A 592 22.92 -15.47 -28.26
CA ARG A 592 23.66 -16.27 -27.28
C ARG A 592 23.38 -15.83 -25.86
N ARG A 593 23.25 -14.51 -25.64
CA ARG A 593 22.98 -14.00 -24.30
C ARG A 593 21.58 -14.32 -23.85
N THR A 594 20.66 -14.42 -24.81
CA THR A 594 19.29 -14.75 -24.50
C THR A 594 19.16 -16.22 -24.12
N MET A 595 19.78 -17.11 -24.90
CA MET A 595 19.82 -18.52 -24.53
C MET A 595 20.49 -18.70 -23.18
N GLU A 596 21.58 -17.96 -22.94
CA GLU A 596 22.35 -18.11 -21.72
C GLU A 596 21.54 -17.71 -20.49
N MET A 597 20.75 -16.64 -20.59
CA MET A 597 19.88 -16.26 -19.49
C MET A 597 18.81 -17.31 -19.25
N MET A 598 18.19 -17.80 -20.33
CA MET A 598 17.14 -18.79 -20.18
C MET A 598 17.69 -20.07 -19.56
N TYR A 599 18.81 -20.58 -20.11
CA TYR A 599 19.38 -21.82 -19.60
C TYR A 599 19.80 -21.71 -18.15
N LYS A 600 20.15 -20.51 -17.68
CA LYS A 600 20.47 -20.37 -16.26
C LYS A 600 19.22 -20.35 -15.41
N ASP A 601 18.11 -19.79 -15.91
CA ASP A 601 16.84 -19.95 -15.23
C ASP A 601 16.50 -21.42 -15.05
N VAL A 602 16.62 -22.22 -16.13
CA VAL A 602 16.17 -23.60 -16.08
C VAL A 602 17.08 -24.43 -15.18
N ILE A 603 18.39 -24.21 -15.26
CA ILE A 603 19.32 -24.96 -14.43
C ILE A 603 19.13 -24.62 -12.97
N GLN A 604 18.94 -23.33 -12.66
CA GLN A 604 18.73 -22.92 -11.29
C GLN A 604 17.47 -23.55 -10.72
N ALA A 605 16.43 -23.68 -11.54
CA ALA A 605 15.19 -24.29 -11.05
C ALA A 605 15.35 -25.80 -10.89
N LEU A 606 16.01 -26.46 -11.80
CA LEU A 606 16.29 -27.85 -11.67
C LEU A 606 17.10 -28.15 -10.45
N ARG A 607 18.19 -27.42 -10.27
CA ARG A 607 18.96 -27.51 -9.08
C ARG A 607 18.22 -27.23 -7.82
N ALA A 608 17.31 -26.28 -7.81
CA ALA A 608 16.46 -26.05 -6.65
C ALA A 608 15.52 -27.16 -6.25
N GLN A 609 15.25 -28.08 -7.12
CA GLN A 609 14.46 -29.25 -6.76
C GLN A 609 15.31 -30.45 -6.48
N GLY A 610 16.60 -30.25 -6.24
CA GLY A 610 17.58 -31.32 -6.43
C GLY A 610 17.28 -32.34 -7.54
N LEU A 611 17.08 -31.85 -8.76
CA LEU A 611 17.19 -32.64 -9.95
C LEU A 611 18.54 -32.38 -10.65
N GLU A 612 19.22 -33.42 -11.03
CA GLU A 612 20.37 -33.30 -11.89
C GLU A 612 19.96 -33.84 -13.28
N GLU A 613 19.58 -32.92 -14.14
CA GLU A 613 19.19 -33.22 -15.45
C GLU A 613 19.77 -32.32 -16.52
N ASP A 614 19.86 -32.85 -17.71
CA ASP A 614 20.08 -32.11 -18.90
C ASP A 614 19.02 -31.07 -19.04
N PRO A 615 19.42 -29.82 -18.97
CA PRO A 615 18.43 -28.76 -19.20
C PRO A 615 17.92 -28.73 -20.62
N ARG A 616 18.62 -29.37 -21.56
CA ARG A 616 18.11 -29.45 -22.92
C ARG A 616 16.92 -30.36 -23.06
N ASN A 617 16.61 -31.16 -22.03
CA ASN A 617 15.36 -31.89 -21.98
C ASN A 617 14.18 -31.01 -21.56
N TYR A 618 14.41 -29.72 -21.34
CA TYR A 618 13.33 -28.79 -21.03
C TYR A 618 13.24 -27.64 -22.03
N LEU A 619 14.36 -27.16 -22.55
CA LEU A 619 14.44 -26.09 -23.53
C LEU A 619 15.47 -26.50 -24.57
N THR A 620 15.09 -26.54 -25.82
CA THR A 620 15.96 -27.13 -26.82
C THR A 620 15.91 -26.29 -28.09
N PHE A 621 17.09 -25.99 -28.64
CA PHE A 621 17.23 -25.07 -29.75
C PHE A 621 17.69 -25.81 -31.00
N PHE A 622 17.06 -25.51 -32.14
CA PHE A 622 17.40 -26.11 -33.42
C PHE A 622 17.53 -25.05 -34.53
N CYS A 623 18.27 -25.42 -35.57
CA CYS A 623 18.25 -24.77 -36.86
C CYS A 623 17.96 -25.80 -37.93
N LEU A 624 17.93 -25.38 -39.18
CA LEU A 624 17.61 -26.29 -40.27
C LEU A 624 18.78 -26.36 -41.26
N GLY A 625 18.94 -27.51 -41.88
CA GLY A 625 19.99 -27.67 -42.88
C GLY A 625 19.66 -28.75 -43.87
N ASN A 626 20.23 -28.62 -45.07
CA ASN A 626 20.14 -29.65 -46.08
C ASN A 626 21.53 -30.03 -46.56
N ARG A 627 21.60 -31.23 -47.14
CA ARG A 627 22.83 -31.77 -47.74
C ARG A 627 22.43 -32.82 -48.76
N GLU A 628 22.80 -32.61 -50.03
CA GLU A 628 22.39 -33.48 -51.14
C GLU A 628 23.60 -34.03 -51.88
N VAL A 629 23.57 -35.34 -52.19
CA VAL A 629 24.62 -35.91 -53.01
C VAL A 629 24.44 -35.45 -54.44
N LYS A 630 25.48 -35.52 -55.23
CA LYS A 630 25.37 -35.14 -56.61
C LYS A 630 25.00 -36.34 -57.44
N LYS A 631 23.79 -36.28 -57.95
CA LYS A 631 23.27 -37.28 -58.82
C LYS A 631 23.54 -36.92 -60.26
N ASP A 632 23.65 -37.93 -61.09
CA ASP A 632 23.78 -37.79 -62.53
C ASP A 632 22.67 -37.07 -63.26
N GLY A 633 23.06 -36.14 -64.09
CA GLY A 633 22.13 -35.24 -64.72
C GLY A 633 21.75 -33.98 -63.98
N GLU A 634 22.28 -33.76 -62.78
CA GLU A 634 22.13 -32.46 -62.14
C GLU A 634 22.70 -31.34 -63.02
N TYR A 635 22.00 -30.23 -63.08
CA TYR A 635 22.48 -28.98 -63.64
C TYR A 635 23.90 -28.70 -63.27
N GLU A 636 24.71 -28.58 -64.28
CA GLU A 636 26.10 -28.28 -64.17
C GLU A 636 26.29 -26.78 -64.51
N PRO A 637 26.73 -25.97 -63.57
CA PRO A 637 26.95 -24.56 -63.90
C PRO A 637 28.13 -24.39 -64.82
N ALA A 638 28.04 -23.33 -65.65
CA ALA A 638 29.14 -23.00 -66.55
C ALA A 638 30.39 -22.59 -65.78
N GLU A 639 30.23 -21.76 -64.76
CA GLU A 639 31.32 -21.15 -64.01
C GLU A 639 31.42 -21.74 -62.62
N LYS A 640 32.22 -21.10 -61.77
CA LYS A 640 32.63 -21.67 -60.50
C LYS A 640 32.93 -20.54 -59.53
N PRO A 641 32.69 -20.75 -58.25
CA PRO A 641 33.12 -19.75 -57.27
C PRO A 641 34.63 -19.61 -57.26
N ASP A 642 35.04 -18.48 -56.73
CA ASP A 642 36.48 -18.26 -56.47
C ASP A 642 37.00 -19.36 -55.52
N PRO A 643 38.28 -19.68 -55.61
CA PRO A 643 38.93 -20.79 -54.86
C PRO A 643 38.76 -20.89 -53.37
N ASP A 644 39.17 -20.01 -52.52
CA ASP A 644 39.01 -20.37 -51.12
C ASP A 644 37.96 -19.54 -50.40
N THR A 645 36.74 -19.56 -50.95
CA THR A 645 35.58 -18.81 -50.49
C THR A 645 34.68 -19.69 -49.63
N ASP A 646 33.83 -19.03 -48.82
CA ASP A 646 32.70 -19.75 -48.24
C ASP A 646 31.88 -20.40 -49.35
N TYR A 647 31.73 -19.69 -50.46
CA TYR A 647 30.97 -20.18 -51.61
C TYR A 647 31.52 -21.50 -52.13
N MET A 648 32.82 -21.57 -52.39
CA MET A 648 33.38 -22.82 -52.93
C MET A 648 33.25 -23.94 -51.92
N ARG A 649 33.52 -23.69 -50.65
CA ARG A 649 33.41 -24.76 -49.68
C ARG A 649 32.00 -25.43 -49.60
N ALA A 650 30.98 -24.60 -49.55
CA ALA A 650 29.60 -25.04 -49.57
C ALA A 650 29.20 -25.84 -50.77
N GLN A 651 29.64 -25.39 -51.94
CA GLN A 651 29.46 -26.13 -53.17
C GLN A 651 30.12 -27.53 -53.13
N GLU A 652 31.26 -27.70 -52.46
CA GLU A 652 31.96 -28.98 -52.50
C GLU A 652 31.53 -29.95 -51.45
N ALA A 653 31.15 -29.40 -50.29
CA ALA A 653 30.60 -30.07 -49.16
C ALA A 653 29.11 -30.45 -49.37
N ARG A 654 28.51 -29.90 -50.42
CA ARG A 654 27.17 -30.11 -50.86
C ARG A 654 26.14 -29.81 -49.78
N ARG A 655 26.38 -28.82 -48.97
CA ARG A 655 25.49 -28.57 -47.84
C ARG A 655 25.33 -27.07 -47.64
N PHE A 656 24.17 -26.70 -47.09
CA PHE A 656 23.90 -25.34 -46.64
C PHE A 656 22.69 -25.35 -45.70
N MET A 657 22.50 -24.24 -45.00
CA MET A 657 21.35 -24.11 -44.12
C MET A 657 20.07 -23.98 -44.93
N ILE A 658 18.96 -24.42 -44.35
CA ILE A 658 17.62 -24.11 -44.84
C ILE A 658 17.16 -22.91 -44.06
N TYR A 659 16.94 -21.79 -44.73
CA TYR A 659 16.71 -20.56 -43.99
C TYR A 659 15.34 -20.56 -43.32
N VAL A 660 15.32 -20.24 -42.04
CA VAL A 660 14.10 -20.21 -41.25
C VAL A 660 13.61 -18.77 -41.24
N HIS A 661 12.66 -18.46 -42.12
CA HIS A 661 12.05 -17.15 -42.13
C HIS A 661 10.71 -17.11 -41.41
N THR A 662 10.20 -18.27 -40.99
CA THR A 662 8.99 -18.40 -40.19
C THR A 662 8.92 -17.37 -39.08
N LYS A 663 7.71 -16.87 -38.82
CA LYS A 663 7.39 -16.17 -37.57
C LYS A 663 6.14 -16.83 -36.98
N MET A 664 6.31 -17.87 -36.18
CA MET A 664 5.18 -18.70 -35.80
C MET A 664 5.41 -19.38 -34.47
N MET A 665 4.33 -19.51 -33.68
CA MET A 665 4.38 -20.22 -32.40
C MET A 665 3.14 -21.10 -32.28
N ILE A 666 3.35 -22.37 -31.95
CA ILE A 666 2.27 -23.32 -31.70
C ILE A 666 2.30 -23.66 -30.22
N VAL A 667 1.16 -23.61 -29.57
CA VAL A 667 1.10 -23.85 -28.14
C VAL A 667 0.09 -24.95 -27.87
N ASP A 668 0.53 -26.01 -27.20
CA ASP A 668 -0.34 -27.06 -26.66
C ASP A 668 -1.14 -27.78 -27.75
N ASP A 669 -0.67 -27.74 -29.00
CA ASP A 669 -1.38 -28.27 -30.17
C ASP A 669 -2.78 -27.68 -30.37
N GLU A 670 -3.10 -26.58 -29.71
CA GLU A 670 -4.46 -26.03 -29.75
C GLU A 670 -4.53 -24.57 -30.17
N TYR A 671 -3.41 -23.82 -30.12
CA TYR A 671 -3.40 -22.40 -30.42
C TYR A 671 -2.15 -22.06 -31.24
N ILE A 672 -2.28 -21.13 -32.18
CA ILE A 672 -1.23 -20.83 -33.14
C ILE A 672 -1.20 -19.35 -33.41
N ILE A 673 0.03 -18.81 -33.53
CA ILE A 673 0.27 -17.43 -33.99
C ILE A 673 1.11 -17.48 -35.26
N ILE A 674 0.62 -16.86 -36.32
CA ILE A 674 1.36 -16.71 -37.57
C ILE A 674 1.37 -15.25 -37.98
N GLY A 675 2.55 -14.71 -38.26
CA GLY A 675 2.59 -13.34 -38.69
C GLY A 675 3.91 -12.96 -39.32
N SER A 676 4.19 -11.65 -39.28
CA SER A 676 5.43 -11.14 -39.82
C SER A 676 6.45 -10.84 -38.74
N ALA A 677 6.05 -10.97 -37.48
CA ALA A 677 6.84 -10.51 -36.35
C ALA A 677 7.86 -11.56 -35.89
N ASN A 678 9.12 -11.16 -35.93
CA ASN A 678 10.23 -11.91 -35.37
C ASN A 678 10.28 -11.75 -33.86
N ILE A 679 10.97 -12.66 -33.20
CA ILE A 679 11.22 -12.53 -31.77
C ILE A 679 12.50 -11.73 -31.62
N ASN A 680 12.36 -10.41 -31.78
CA ASN A 680 13.39 -9.42 -31.48
C ASN A 680 12.68 -8.12 -31.13
N GLN A 681 13.44 -7.14 -30.65
CA GLN A 681 12.79 -5.89 -30.26
C GLN A 681 12.29 -5.13 -31.49
N ARG A 682 12.92 -5.31 -32.64
CA ARG A 682 12.47 -4.59 -33.82
C ARG A 682 11.02 -4.90 -34.14
N SER A 683 10.59 -6.15 -33.98
CA SER A 683 9.23 -6.57 -34.29
C SER A 683 8.26 -6.49 -33.11
N MET A 684 8.73 -6.72 -31.89
CA MET A 684 7.87 -6.77 -30.71
C MET A 684 7.68 -5.42 -30.02
N ASP A 685 8.47 -4.40 -30.36
CA ASP A 685 8.40 -3.12 -29.66
C ASP A 685 7.03 -2.48 -29.80
N GLY A 686 6.56 -2.35 -31.02
CA GLY A 686 5.33 -1.65 -31.28
C GLY A 686 5.60 -0.51 -32.24
N ALA A 687 6.70 0.22 -32.01
CA ALA A 687 6.95 1.48 -32.68
C ALA A 687 8.28 1.48 -33.45
N ARG A 688 8.73 0.30 -33.91
CA ARG A 688 9.91 0.21 -34.73
C ARG A 688 9.69 -0.22 -36.17
N ASP A 689 9.46 -1.50 -36.46
CA ASP A 689 8.98 -1.92 -37.77
C ASP A 689 7.48 -2.14 -37.54
N SER A 690 6.71 -2.01 -38.60
CA SER A 690 5.29 -2.34 -38.53
C SER A 690 5.10 -3.82 -38.85
N GLU A 691 4.24 -4.48 -38.08
CA GLU A 691 4.07 -5.92 -38.17
C GLU A 691 2.58 -6.22 -38.08
N ILE A 692 2.24 -7.48 -38.35
CA ILE A 692 0.89 -7.99 -38.22
C ILE A 692 0.97 -9.50 -37.98
N ALA A 693 -0.02 -10.03 -37.26
CA ALA A 693 -0.12 -11.47 -37.04
C ALA A 693 -1.54 -11.84 -36.64
N MET A 694 -1.88 -13.10 -36.80
CA MET A 694 -3.14 -13.64 -36.32
C MET A 694 -2.85 -14.70 -35.28
N GLY A 695 -3.67 -14.73 -34.24
CA GLY A 695 -3.71 -15.83 -33.30
C GLY A 695 -5.06 -16.51 -33.40
N GLY A 696 -5.05 -17.83 -33.46
CA GLY A 696 -6.32 -18.53 -33.59
C GLY A 696 -6.32 -19.89 -32.94
N TYR A 697 -7.52 -20.42 -32.73
CA TYR A 697 -7.75 -21.79 -32.31
C TYR A 697 -9.06 -22.27 -32.92
N GLN A 698 -9.25 -23.58 -32.96
CA GLN A 698 -10.55 -24.11 -33.33
C GLN A 698 -11.28 -24.47 -32.06
N PRO A 699 -12.40 -23.81 -31.73
CA PRO A 699 -13.00 -23.99 -30.41
C PRO A 699 -13.43 -25.42 -30.10
N HIS A 700 -13.57 -26.28 -31.10
CA HIS A 700 -13.95 -27.66 -30.85
C HIS A 700 -12.76 -28.59 -30.78
N HIS A 701 -11.55 -28.07 -30.87
CA HIS A 701 -10.33 -28.88 -30.85
C HIS A 701 -9.33 -28.23 -29.90
N LEU A 702 -9.70 -28.22 -28.62
CA LEU A 702 -8.87 -27.75 -27.52
C LEU A 702 -8.29 -28.96 -26.80
N SER A 703 -7.22 -28.72 -26.04
CA SER A 703 -6.63 -29.80 -25.28
C SER A 703 -6.89 -29.61 -23.79
N HIS A 704 -8.14 -29.36 -23.42
CA HIS A 704 -8.46 -29.17 -22.01
C HIS A 704 -8.52 -30.50 -21.28
N ARG A 705 -9.18 -31.50 -21.86
CA ARG A 705 -9.17 -32.80 -21.24
C ARG A 705 -8.70 -33.93 -22.14
N GLN A 706 -8.93 -33.83 -23.42
CA GLN A 706 -8.30 -34.66 -24.44
C GLN A 706 -7.09 -33.91 -24.97
N PRO A 707 -6.23 -34.56 -25.73
CA PRO A 707 -5.28 -33.80 -26.53
C PRO A 707 -5.98 -33.27 -27.76
N ALA A 708 -5.57 -32.10 -28.21
CA ALA A 708 -6.19 -31.51 -29.40
C ALA A 708 -5.69 -32.24 -30.63
N ARG A 709 -6.61 -32.53 -31.55
CA ARG A 709 -6.36 -33.30 -32.75
C ARG A 709 -7.06 -32.68 -33.96
N GLY A 710 -7.15 -31.36 -33.99
CA GLY A 710 -7.70 -30.64 -35.10
C GLY A 710 -6.62 -30.14 -36.03
N GLN A 711 -6.91 -29.04 -36.72
CA GLN A 711 -6.07 -28.58 -37.81
C GLN A 711 -4.71 -28.08 -37.34
N ILE A 712 -4.62 -27.50 -36.14
CA ILE A 712 -3.31 -27.06 -35.65
C ILE A 712 -2.42 -28.25 -35.30
N HIS A 713 -2.99 -29.34 -34.81
CA HIS A 713 -2.20 -30.54 -34.57
C HIS A 713 -1.68 -31.13 -35.87
N GLY A 714 -2.55 -31.26 -36.87
CA GLY A 714 -2.12 -31.82 -38.14
C GLY A 714 -1.03 -30.97 -38.79
N PHE A 715 -1.12 -29.66 -38.59
CA PHE A 715 -0.12 -28.74 -39.13
C PHE A 715 1.22 -28.94 -38.44
N ARG A 716 1.23 -28.95 -37.10
CA ARG A 716 2.48 -29.27 -36.40
C ARG A 716 3.07 -30.57 -36.90
N MET A 717 2.24 -31.59 -37.06
CA MET A 717 2.78 -32.89 -37.44
C MET A 717 3.38 -32.84 -38.84
N SER A 718 2.77 -32.08 -39.73
CA SER A 718 3.28 -31.97 -41.10
C SER A 718 4.64 -31.24 -41.14
N LEU A 719 4.78 -30.15 -40.37
CA LEU A 719 6.10 -29.52 -40.20
C LEU A 719 7.12 -30.47 -39.59
N TRP A 720 6.71 -31.27 -38.62
CA TRP A 720 7.66 -32.16 -37.97
C TRP A 720 8.11 -33.26 -38.91
N TYR A 721 7.12 -33.66 -39.71
CA TYR A 721 7.46 -34.62 -40.77
C TYR A 721 8.42 -34.01 -41.78
N GLU A 722 8.18 -32.76 -42.17
CA GLU A 722 9.12 -32.09 -43.05
C GLU A 722 10.51 -32.03 -42.44
N HIS A 723 10.63 -31.59 -41.17
CA HIS A 723 11.96 -31.37 -40.62
C HIS A 723 12.66 -32.66 -40.21
N LEU A 724 11.96 -33.55 -39.50
CA LEU A 724 12.52 -34.79 -38.98
C LEU A 724 12.58 -35.90 -40.01
N GLY A 725 11.83 -35.80 -41.10
CA GLY A 725 11.82 -36.83 -42.12
C GLY A 725 11.02 -38.07 -41.78
N MET A 726 10.18 -38.02 -40.76
CA MET A 726 9.49 -39.20 -40.26
C MET A 726 8.34 -38.75 -39.37
N LEU A 727 7.40 -39.65 -39.17
CA LEU A 727 6.43 -39.50 -38.10
C LEU A 727 6.72 -40.53 -37.04
N ASP A 728 6.54 -40.15 -35.78
CA ASP A 728 6.80 -41.06 -34.68
C ASP A 728 5.68 -40.93 -33.68
N GLU A 729 5.29 -42.05 -33.09
CA GLU A 729 4.28 -42.04 -32.05
C GLU A 729 4.58 -40.98 -30.99
N THR A 730 5.86 -40.83 -30.61
CA THR A 730 6.19 -39.89 -29.55
C THR A 730 5.87 -38.47 -29.92
N PHE A 731 5.84 -38.16 -31.23
CA PHE A 731 5.58 -36.81 -31.68
C PHE A 731 4.15 -36.38 -31.40
N LEU A 732 3.27 -37.33 -31.07
CA LEU A 732 1.89 -36.97 -30.72
C LEU A 732 1.82 -36.17 -29.43
N ASP A 733 2.67 -36.48 -28.45
CA ASP A 733 2.66 -35.80 -27.15
C ASP A 733 4.01 -35.15 -26.89
N PRO A 734 4.25 -33.93 -27.41
CA PRO A 734 5.56 -33.30 -27.25
C PRO A 734 5.85 -32.79 -25.85
N SER A 735 4.92 -32.87 -24.91
CA SER A 735 5.29 -32.63 -23.52
C SER A 735 6.06 -33.81 -22.93
N SER A 736 5.92 -35.00 -23.49
CA SER A 736 6.60 -36.17 -22.96
C SER A 736 8.11 -36.08 -23.15
N LEU A 737 8.82 -36.55 -22.14
CA LEU A 737 10.26 -36.68 -22.17
C LEU A 737 10.77 -37.59 -23.24
N GLU A 738 10.04 -38.64 -23.51
CA GLU A 738 10.32 -39.47 -24.61
C GLU A 738 10.37 -38.74 -25.94
N CYS A 739 9.46 -37.82 -26.19
CA CYS A 739 9.46 -36.96 -27.36
C CYS A 739 10.63 -36.03 -27.49
N ILE A 740 10.84 -35.21 -26.49
CA ILE A 740 11.95 -34.27 -26.60
C ILE A 740 13.25 -35.03 -26.76
N GLU A 741 13.38 -36.17 -26.08
CA GLU A 741 14.60 -36.97 -26.18
C GLU A 741 14.77 -37.53 -27.58
N LYS A 742 13.72 -38.10 -28.15
CA LYS A 742 13.84 -38.64 -29.50
C LYS A 742 14.12 -37.52 -30.49
N VAL A 743 13.55 -36.34 -30.25
CA VAL A 743 13.73 -35.24 -31.18
C VAL A 743 15.15 -34.71 -31.12
N ASN A 744 15.72 -34.62 -29.92
CA ASN A 744 17.10 -34.15 -29.80
C ASN A 744 18.08 -35.13 -30.42
N ARG A 745 17.85 -36.41 -30.17
CA ARG A 745 18.74 -37.46 -30.62
C ARG A 745 18.79 -37.50 -32.13
N ILE A 746 17.66 -37.50 -32.77
CA ILE A 746 17.59 -37.36 -34.18
C ILE A 746 18.28 -36.10 -34.68
N SER A 747 18.08 -35.00 -33.98
CA SER A 747 18.69 -33.75 -34.42
C SER A 747 20.19 -33.77 -34.19
N ASP A 748 20.66 -34.54 -33.20
CA ASP A 748 22.10 -34.68 -33.06
C ASP A 748 22.68 -35.48 -34.21
N LYS A 749 22.01 -36.55 -34.60
CA LYS A 749 22.47 -37.35 -35.73
C LYS A 749 22.50 -36.55 -37.02
N TYR A 750 21.49 -35.70 -37.24
CA TYR A 750 21.48 -34.87 -38.43
C TYR A 750 22.58 -33.82 -38.40
N TRP A 751 22.90 -33.28 -37.22
CA TRP A 751 24.04 -32.37 -37.16
C TRP A 751 25.34 -33.08 -37.52
N ASP A 752 25.52 -34.31 -37.02
CA ASP A 752 26.69 -35.12 -37.40
C ASP A 752 26.72 -35.38 -38.90
N PHE A 753 25.61 -35.84 -39.47
CA PHE A 753 25.55 -35.97 -40.92
C PHE A 753 25.88 -34.64 -41.59
N TYR A 754 25.34 -33.53 -41.07
CA TYR A 754 25.55 -32.23 -41.72
C TYR A 754 27.00 -31.80 -41.66
N SER A 755 27.60 -31.85 -40.48
CA SER A 755 28.90 -31.26 -40.29
C SER A 755 30.04 -32.20 -40.64
N SER A 756 29.74 -33.47 -40.85
CA SER A 756 30.75 -34.43 -41.25
C SER A 756 31.38 -34.01 -42.57
N GLU A 757 32.68 -34.27 -42.72
CA GLU A 757 33.32 -33.96 -43.98
C GLU A 757 33.01 -35.01 -45.05
N SER A 758 32.82 -36.25 -44.66
CA SER A 758 32.39 -37.24 -45.64
C SER A 758 30.88 -37.13 -45.90
N LEU A 759 30.47 -37.55 -47.10
CA LEU A 759 29.07 -37.53 -47.49
C LEU A 759 28.73 -38.82 -48.21
N GLU A 760 27.95 -39.69 -47.55
CA GLU A 760 27.51 -40.96 -48.10
C GLU A 760 26.16 -40.91 -48.80
N HIS A 761 25.23 -40.06 -48.32
CA HIS A 761 23.83 -40.01 -48.76
C HIS A 761 23.22 -38.67 -48.39
N ASP A 762 22.06 -38.37 -48.99
CA ASP A 762 21.30 -37.15 -48.69
C ASP A 762 20.99 -37.06 -47.20
N LEU A 763 20.81 -35.87 -46.67
CA LEU A 763 20.41 -35.75 -45.28
C LEU A 763 19.01 -36.34 -45.12
N PRO A 764 18.77 -37.21 -44.15
CA PRO A 764 17.45 -37.86 -44.08
C PRO A 764 16.35 -36.93 -43.58
N GLY A 765 16.72 -35.89 -42.81
CA GLY A 765 15.85 -34.82 -42.39
C GLY A 765 16.60 -33.49 -42.42
N HIS A 766 16.03 -32.46 -41.82
CA HIS A 766 16.61 -31.13 -41.87
C HIS A 766 16.90 -30.53 -40.52
N LEU A 767 16.36 -31.10 -39.44
CA LEU A 767 16.43 -30.46 -38.13
C LEU A 767 17.76 -30.82 -37.48
N LEU A 768 18.60 -29.81 -37.25
CA LEU A 768 19.90 -29.97 -36.61
C LEU A 768 19.87 -29.33 -35.22
N ARG A 769 20.38 -30.06 -34.24
CA ARG A 769 20.65 -29.44 -32.95
C ARG A 769 21.44 -28.16 -33.17
N TYR A 770 21.03 -27.07 -32.55
CA TYR A 770 21.74 -25.82 -32.79
C TYR A 770 23.18 -26.00 -32.32
N PRO A 771 24.16 -25.68 -33.16
CA PRO A 771 25.55 -26.10 -32.89
C PRO A 771 26.22 -25.33 -31.77
N ILE A 772 25.70 -25.47 -30.55
CA ILE A 772 26.30 -24.90 -29.36
C ILE A 772 26.18 -25.93 -28.26
N GLY A 773 26.95 -25.72 -27.20
CA GLY A 773 26.86 -26.55 -26.01
C GLY A 773 26.48 -25.70 -24.81
N VAL A 774 25.79 -26.31 -23.86
CA VAL A 774 25.40 -25.66 -22.62
C VAL A 774 26.30 -26.19 -21.52
N ALA A 775 27.08 -25.30 -20.92
CA ALA A 775 27.88 -25.66 -19.76
C ALA A 775 26.95 -26.08 -18.62
N SER A 776 27.55 -26.67 -17.59
CA SER A 776 26.73 -27.16 -16.50
C SER A 776 26.13 -26.02 -15.68
N GLU A 777 26.58 -24.79 -15.87
CA GLU A 777 26.03 -23.64 -15.17
C GLU A 777 25.19 -22.74 -16.07
N GLY A 778 25.05 -23.06 -17.35
CA GLY A 778 24.23 -22.30 -18.26
C GLY A 778 24.99 -21.54 -19.32
N ASP A 779 26.28 -21.32 -19.14
CA ASP A 779 27.04 -20.57 -20.13
C ASP A 779 27.02 -21.31 -21.46
N ILE A 780 26.95 -20.56 -22.55
CA ILE A 780 26.96 -21.13 -23.90
C ILE A 780 28.40 -21.32 -24.33
N THR A 781 28.73 -22.53 -24.76
CA THR A 781 30.10 -22.88 -25.14
C THR A 781 30.12 -23.34 -26.59
N GLU A 782 31.29 -23.25 -27.21
CA GLU A 782 31.45 -23.72 -28.57
C GLU A 782 31.53 -25.24 -28.61
N LEU A 783 30.87 -25.84 -29.59
CA LEU A 783 31.08 -27.25 -29.85
C LEU A 783 32.53 -27.47 -30.28
N PRO A 784 33.28 -28.34 -29.61
CA PRO A 784 34.66 -28.61 -30.03
C PRO A 784 34.81 -28.78 -31.54
N GLY A 785 35.73 -28.03 -32.14
CA GLY A 785 35.90 -28.09 -33.57
C GLY A 785 34.99 -27.21 -34.37
N PHE A 786 34.02 -26.55 -33.74
CA PHE A 786 33.04 -25.74 -34.43
C PHE A 786 32.95 -24.35 -33.78
N GLU A 787 34.07 -23.65 -33.76
CA GLU A 787 33.98 -22.23 -33.50
C GLU A 787 33.28 -21.53 -34.65
N PHE A 788 33.51 -22.02 -35.87
CA PHE A 788 32.92 -21.45 -37.07
C PHE A 788 31.87 -22.40 -37.62
N PHE A 789 30.80 -21.84 -38.15
CA PHE A 789 29.84 -22.64 -38.88
C PHE A 789 30.59 -23.43 -39.96
N PRO A 790 30.17 -24.66 -40.24
CA PRO A 790 30.74 -25.39 -41.38
C PRO A 790 30.84 -24.53 -42.63
N ASP A 791 32.00 -24.63 -43.29
CA ASP A 791 32.32 -23.94 -44.53
C ASP A 791 32.49 -22.44 -44.38
N THR A 792 32.62 -21.94 -43.16
CA THR A 792 32.75 -20.51 -42.90
C THR A 792 33.90 -20.23 -41.95
N LYS A 793 34.23 -18.94 -41.85
CA LYS A 793 35.04 -18.39 -40.78
C LYS A 793 34.21 -17.48 -39.87
N ALA A 794 32.95 -17.81 -39.67
CA ALA A 794 32.03 -16.99 -38.89
C ALA A 794 31.80 -17.60 -37.51
N ARG A 795 32.03 -16.82 -36.46
CA ARG A 795 31.95 -17.35 -35.12
C ARG A 795 30.51 -17.65 -34.77
N ILE A 796 30.22 -18.93 -34.48
CA ILE A 796 28.87 -19.37 -34.18
C ILE A 796 28.30 -18.60 -32.99
N LEU A 797 29.17 -18.19 -32.06
CA LEU A 797 28.71 -17.53 -30.85
C LEU A 797 28.51 -16.03 -31.02
N GLY A 798 28.79 -15.49 -32.19
CA GLY A 798 28.58 -14.09 -32.45
C GLY A 798 29.69 -13.23 -31.89
N THR A 799 29.65 -11.95 -32.25
CA THR A 799 30.63 -10.96 -31.81
C THR A 799 29.88 -9.66 -31.58
N LYS A 800 30.04 -9.06 -30.40
CA LYS A 800 29.43 -7.76 -30.18
C LYS A 800 30.07 -6.75 -31.11
N SER A 801 29.28 -5.83 -31.66
CA SER A 801 29.80 -4.84 -32.59
C SER A 801 30.20 -3.58 -31.85
N ASP A 802 31.27 -2.95 -32.33
CA ASP A 802 31.64 -1.63 -31.82
C ASP A 802 30.99 -0.51 -32.59
N TYR A 803 30.37 -0.81 -33.73
CA TYR A 803 29.88 0.21 -34.67
C TYR A 803 28.37 0.28 -34.73
N LEU A 804 27.67 -0.88 -34.64
CA LEU A 804 26.22 -0.91 -34.72
C LEU A 804 25.59 -0.63 -33.37
N PRO A 805 24.68 0.32 -33.27
CA PRO A 805 23.98 0.53 -32.01
C PRO A 805 22.98 -0.58 -31.79
N PRO A 806 22.78 -1.00 -30.55
CA PRO A 806 21.77 -2.03 -30.26
C PRO A 806 20.41 -1.76 -30.89
N ILE A 807 20.00 -0.51 -31.01
CA ILE A 807 18.71 -0.25 -31.63
C ILE A 807 18.61 -0.84 -33.03
N LEU A 808 19.73 -0.98 -33.74
CA LEU A 808 19.66 -1.48 -35.10
C LEU A 808 19.60 -3.01 -35.16
N THR A 809 20.17 -3.70 -34.17
CA THR A 809 20.38 -5.14 -34.26
C THR A 809 19.52 -5.97 -33.30
N THR A 810 18.76 -5.36 -32.40
CA THR A 810 18.01 -6.14 -31.41
C THR A 810 16.55 -6.45 -31.81
N ALA B 2 2.64 18.25 63.07
CA ALA B 2 2.17 16.88 62.88
C ALA B 2 1.97 16.15 64.20
N GLN B 3 0.75 16.20 64.72
CA GLN B 3 0.39 15.51 65.95
C GLN B 3 -0.82 14.62 65.71
N HIS B 4 -1.92 15.18 65.20
CA HIS B 4 -3.13 14.43 64.93
C HIS B 4 -3.37 14.29 63.44
N LEU B 5 -3.93 13.14 63.04
CA LEU B 5 -4.36 12.91 61.67
C LEU B 5 -5.81 13.35 61.50
N LEU B 6 -6.02 14.34 60.65
CA LEU B 6 -7.36 14.75 60.23
C LEU B 6 -7.61 14.10 58.87
N HIS B 7 -8.40 13.03 58.86
CA HIS B 7 -8.85 12.39 57.64
C HIS B 7 -10.37 12.43 57.63
N GLY B 8 -10.94 13.28 56.79
CA GLY B 8 -12.38 13.41 56.71
C GLY B 8 -12.72 14.69 55.99
N THR B 9 -13.73 15.41 56.47
CA THR B 9 -14.07 16.72 55.94
C THR B 9 -14.14 17.74 57.06
N LEU B 10 -13.64 18.93 56.78
CA LEU B 10 -13.64 20.04 57.72
C LEU B 10 -14.66 21.07 57.29
N HIS B 11 -15.67 21.30 58.12
CA HIS B 11 -16.62 22.37 57.90
C HIS B 11 -16.16 23.60 58.68
N ALA B 12 -16.01 24.73 57.99
CA ALA B 12 -15.36 25.89 58.59
C ALA B 12 -15.99 27.17 58.08
N THR B 13 -16.41 28.04 58.99
CA THR B 13 -16.87 29.37 58.61
C THR B 13 -15.92 30.42 59.16
N ILE B 14 -15.55 31.37 58.30
CA ILE B 14 -14.67 32.47 58.66
C ILE B 14 -15.52 33.72 58.61
N TYR B 15 -15.77 34.32 59.77
CA TYR B 15 -16.68 35.46 59.87
C TYR B 15 -15.96 36.78 59.57
N GLU B 16 -15.10 37.20 60.48
CA GLU B 16 -14.59 38.57 60.51
C GLU B 16 -13.40 38.59 61.46
N VAL B 17 -12.65 39.69 61.40
CA VAL B 17 -11.72 40.08 62.46
C VAL B 17 -12.31 41.32 63.14
N ASP B 18 -12.14 41.43 64.46
CA ASP B 18 -12.81 42.51 65.17
C ASP B 18 -12.27 43.89 64.79
N ALA B 19 -11.01 44.19 65.08
CA ALA B 19 -10.48 45.52 64.80
C ALA B 19 -8.99 45.45 64.48
N LEU B 20 -8.57 46.14 63.42
CA LEU B 20 -7.15 46.18 63.06
C LEU B 20 -6.56 47.60 63.17
N HIS B 21 -6.87 48.44 62.17
CA HIS B 21 -6.35 49.81 62.00
C HIS B 21 -4.88 49.84 61.58
N GLU B 47 -4.76 50.76 48.35
CA GLU B 47 -6.06 50.17 48.01
C GLU B 47 -6.08 48.70 48.47
N THR B 48 -6.63 48.51 49.65
CA THR B 48 -6.63 47.27 50.41
C THR B 48 -7.17 46.08 49.61
N GLN B 49 -6.76 44.86 50.01
CA GLN B 49 -7.31 43.60 49.47
C GLN B 49 -7.17 42.51 50.53
N LEU B 50 -8.07 42.54 51.52
CA LEU B 50 -7.96 41.67 52.68
C LEU B 50 -8.64 40.32 52.42
N TYR B 51 -7.91 39.24 52.65
CA TYR B 51 -8.48 37.89 52.60
C TYR B 51 -7.80 37.05 53.67
N ALA B 52 -8.37 35.87 53.90
CA ALA B 52 -7.87 34.95 54.91
C ALA B 52 -7.68 33.59 54.26
N THR B 53 -6.68 32.85 54.72
CA THR B 53 -6.47 31.49 54.24
C THR B 53 -6.47 30.54 55.43
N ILE B 54 -6.70 29.27 55.12
CA ILE B 54 -6.76 28.20 56.09
C ILE B 54 -5.68 27.20 55.76
N ASP B 55 -4.76 26.97 56.69
CA ASP B 55 -3.72 25.96 56.52
C ASP B 55 -3.90 24.89 57.57
N LEU B 56 -3.60 23.65 57.19
CA LEU B 56 -3.48 22.53 58.12
C LEU B 56 -1.98 22.31 58.30
N GLN B 57 -1.44 22.83 59.41
CA GLN B 57 -0.01 23.07 59.59
C GLN B 57 0.31 23.83 58.31
N LYS B 58 1.31 23.37 57.55
CA LYS B 58 1.77 24.05 56.35
C LYS B 58 1.07 23.80 55.02
N ALA B 59 -0.05 23.08 55.02
CA ALA B 59 -0.75 22.75 53.79
C ALA B 59 -1.95 23.67 53.61
N ARG B 60 -2.01 24.35 52.47
CA ARG B 60 -3.10 25.27 52.17
C ARG B 60 -4.34 24.49 51.76
N VAL B 61 -5.45 24.72 52.45
CA VAL B 61 -6.69 24.01 52.16
C VAL B 61 -7.86 24.93 51.85
N GLY B 62 -7.67 26.25 51.93
CA GLY B 62 -8.81 27.14 51.71
C GLY B 62 -8.39 28.59 51.66
N ARG B 63 -9.32 29.41 51.18
CA ARG B 63 -9.09 30.82 50.87
C ARG B 63 -10.40 31.58 50.78
N THR B 64 -10.50 32.74 51.42
CA THR B 64 -11.69 33.54 51.21
C THR B 64 -11.49 34.44 50.00
N ARG B 65 -12.50 35.22 49.69
CA ARG B 65 -12.36 36.19 48.60
C ARG B 65 -11.72 37.46 49.14
N LYS B 66 -11.04 38.18 48.25
CA LYS B 66 -10.46 39.46 48.62
C LYS B 66 -11.59 40.45 48.85
N ILE B 67 -11.93 40.71 50.11
CA ILE B 67 -12.80 41.84 50.39
C ILE B 67 -11.99 43.11 50.20
N LYS B 68 -12.50 43.99 49.41
CA LYS B 68 -11.72 45.05 48.84
C LYS B 68 -12.25 46.36 49.38
N ASN B 69 -12.95 46.31 50.47
CA ASN B 69 -13.46 47.51 51.06
C ASN B 69 -12.24 47.46 51.90
N GLU B 70 -12.22 48.28 52.95
CA GLU B 70 -11.30 48.23 54.06
C GLU B 70 -11.80 47.94 55.48
N PRO B 71 -11.12 48.49 56.48
CA PRO B 71 -10.05 47.82 57.15
C PRO B 71 -10.15 47.53 58.65
N LYS B 72 -11.13 47.99 59.42
CA LYS B 72 -11.29 47.48 60.80
C LYS B 72 -11.92 46.15 61.16
N ASN B 73 -13.18 45.93 60.79
CA ASN B 73 -13.64 44.58 60.53
C ASN B 73 -14.05 44.33 59.11
N PRO B 74 -13.17 43.67 58.35
CA PRO B 74 -13.62 43.01 57.12
C PRO B 74 -14.44 41.79 57.50
N LYS B 75 -15.59 41.64 56.85
CA LYS B 75 -16.43 40.47 57.02
C LYS B 75 -16.49 39.72 55.70
N TRP B 76 -16.17 38.44 55.74
CA TRP B 76 -16.28 37.60 54.57
C TRP B 76 -17.50 36.71 54.62
N TYR B 77 -17.76 36.13 55.79
CA TYR B 77 -18.81 35.13 56.00
C TYR B 77 -18.78 34.06 54.90
N GLU B 78 -17.67 33.36 54.91
CA GLU B 78 -17.42 32.27 54.05
C GLU B 78 -17.45 30.98 54.79
N SER B 79 -18.24 30.09 54.24
CA SER B 79 -18.25 28.72 54.65
C SER B 79 -17.54 27.89 53.66
N PHE B 80 -16.93 26.87 54.18
CA PHE B 80 -15.99 26.06 53.45
C PHE B 80 -16.31 24.64 53.71
N HIS B 81 -16.16 23.84 52.70
CA HIS B 81 -16.31 22.40 52.83
C HIS B 81 -15.04 21.79 52.35
N ILE B 82 -14.22 21.35 53.27
CA ILE B 82 -12.80 21.08 53.05
C ILE B 82 -12.54 19.61 53.25
N TYR B 83 -11.86 19.00 52.28
CA TYR B 83 -11.43 17.62 52.43
C TYR B 83 -10.02 17.59 52.99
N CYS B 84 -9.81 16.81 54.04
CA CYS B 84 -8.49 16.76 54.65
C CYS B 84 -7.99 15.33 54.74
N ALA B 85 -6.67 15.20 54.63
CA ALA B 85 -5.94 13.96 54.80
C ALA B 85 -4.56 14.34 55.34
N HIS B 86 -4.55 15.12 56.42
CA HIS B 86 -3.37 15.87 56.82
C HIS B 86 -3.01 15.58 58.26
N LEU B 87 -1.71 15.43 58.54
CA LEU B 87 -1.21 15.48 59.90
C LEU B 87 -1.05 16.92 60.34
N ALA B 88 -1.57 17.27 61.52
CA ALA B 88 -1.40 18.65 61.95
C ALA B 88 -1.52 18.76 63.45
N SER B 89 -0.87 19.79 63.99
CA SER B 89 -1.03 20.26 65.36
C SER B 89 -1.95 21.45 65.45
N ASP B 90 -1.89 22.36 64.49
CA ASP B 90 -2.74 23.53 64.46
C ASP B 90 -3.49 23.64 63.14
N ILE B 91 -4.69 24.19 63.23
CA ILE B 91 -5.37 24.78 62.10
C ILE B 91 -5.05 26.26 62.15
N ILE B 92 -4.38 26.75 61.13
CA ILE B 92 -3.87 28.12 61.09
C ILE B 92 -4.70 28.92 60.10
N PHE B 93 -5.15 30.10 60.52
CA PHE B 93 -5.75 31.10 59.65
C PHE B 93 -4.75 32.23 59.47
N THR B 94 -4.52 32.64 58.23
CA THR B 94 -3.61 33.75 57.93
C THR B 94 -4.37 34.85 57.22
N VAL B 95 -4.19 36.09 57.66
CA VAL B 95 -4.84 37.24 57.05
C VAL B 95 -3.77 38.00 56.27
N LYS B 96 -4.11 38.39 55.04
CA LYS B 96 -3.17 38.94 54.10
C LYS B 96 -3.84 40.04 53.29
N ASP B 97 -3.05 40.99 52.82
CA ASP B 97 -3.46 41.97 51.82
C ASP B 97 -2.64 41.72 50.57
N ASP B 98 -3.26 41.90 49.40
CA ASP B 98 -2.63 41.47 48.15
C ASP B 98 -2.58 42.59 47.13
N ASN B 99 -2.60 43.86 47.52
CA ASN B 99 -2.78 44.90 46.52
C ASN B 99 -1.60 44.94 45.55
N PRO B 100 -1.82 45.42 44.32
CA PRO B 100 -0.69 45.49 43.38
C PRO B 100 0.36 46.48 43.82
N ILE B 101 -0.02 47.49 44.61
CA ILE B 101 0.97 48.37 45.23
C ILE B 101 1.97 47.55 46.03
N GLY B 102 1.59 46.37 46.51
CA GLY B 102 2.50 45.42 47.13
C GLY B 102 1.86 44.41 48.06
N ALA B 103 2.18 43.13 47.89
CA ALA B 103 1.62 42.07 48.72
C ALA B 103 2.19 42.14 50.14
N THR B 104 1.34 41.78 51.12
CA THR B 104 1.60 41.98 52.55
C THR B 104 0.96 40.87 53.37
N LEU B 105 1.61 40.49 54.48
CA LEU B 105 1.03 39.60 55.48
C LEU B 105 0.65 40.38 56.73
N ILE B 106 -0.42 39.95 57.40
CA ILE B 106 -0.98 40.66 58.54
C ILE B 106 -0.83 39.88 59.83
N GLY B 107 -1.21 38.60 59.85
CA GLY B 107 -1.01 37.79 61.03
C GLY B 107 -1.63 36.42 60.91
N ARG B 108 -1.53 35.66 62.00
CA ARG B 108 -1.98 34.28 62.07
C ARG B 108 -2.76 34.04 63.34
N ALA B 109 -3.78 33.19 63.26
CA ALA B 109 -4.50 32.74 64.43
C ALA B 109 -4.49 31.21 64.42
N TYR B 110 -4.41 30.62 65.61
CA TYR B 110 -4.15 29.19 65.72
C TYR B 110 -5.24 28.51 66.52
N ILE B 111 -5.86 27.50 65.95
CA ILE B 111 -6.77 26.62 66.67
C ILE B 111 -6.07 25.27 66.83
N PRO B 112 -5.65 24.89 68.04
CA PRO B 112 -4.98 23.60 68.19
C PRO B 112 -5.90 22.48 67.78
N VAL B 113 -5.32 21.48 67.14
CA VAL B 113 -6.15 20.48 66.51
C VAL B 113 -6.86 19.62 67.54
N ASP B 114 -6.25 19.41 68.71
CA ASP B 114 -6.95 18.56 69.68
C ASP B 114 -8.24 19.20 70.19
N GLN B 115 -8.49 20.47 69.89
CA GLN B 115 -9.79 21.05 70.18
C GLN B 115 -10.88 20.59 69.22
N VAL B 116 -10.52 20.04 68.05
CA VAL B 116 -11.51 19.65 67.05
C VAL B 116 -11.47 18.17 66.72
N ILE B 117 -10.49 17.43 67.20
CA ILE B 117 -10.25 16.06 66.72
C ILE B 117 -11.39 15.13 67.10
N ASN B 118 -12.07 15.39 68.20
CA ASN B 118 -13.08 14.45 68.65
C ASN B 118 -14.47 14.75 68.07
N GLY B 119 -14.59 15.78 67.24
CA GLY B 119 -15.81 16.03 66.52
C GLY B 119 -16.66 17.16 67.04
N GLU B 120 -16.35 17.69 68.22
CA GLU B 120 -17.07 18.85 68.72
C GLU B 120 -16.92 20.02 67.77
N GLU B 121 -17.93 20.86 67.72
CA GLU B 121 -17.83 22.13 67.04
C GLU B 121 -17.05 23.15 67.88
N VAL B 122 -16.28 23.99 67.20
CA VAL B 122 -15.49 25.02 67.86
C VAL B 122 -15.90 26.36 67.26
N ASP B 123 -16.18 27.34 68.14
CA ASP B 123 -16.60 28.69 67.75
C ASP B 123 -15.93 29.67 68.71
N GLN B 124 -14.75 30.16 68.33
CA GLN B 124 -13.92 31.00 69.17
C GLN B 124 -13.60 32.30 68.46
N TRP B 125 -13.27 33.31 69.26
CA TRP B 125 -12.61 34.52 68.78
C TRP B 125 -11.13 34.33 69.04
N VAL B 126 -10.38 34.05 67.98
CA VAL B 126 -8.98 33.66 68.07
C VAL B 126 -8.14 34.88 67.76
N GLU B 127 -7.08 35.09 68.53
CA GLU B 127 -6.28 36.30 68.41
C GLU B 127 -5.26 36.17 67.29
N ILE B 128 -5.05 37.23 66.57
CA ILE B 128 -4.04 37.25 65.52
C ILE B 128 -2.67 37.49 66.15
N LEU B 129 -1.67 36.72 65.71
CA LEU B 129 -0.33 36.80 66.24
C LEU B 129 0.68 37.09 65.13
N ASP B 130 1.75 37.79 65.47
CA ASP B 130 2.78 38.12 64.48
C ASP B 130 3.64 36.89 64.21
N ASN B 131 4.70 37.06 63.43
CA ASN B 131 5.60 35.96 63.08
C ASN B 131 6.30 35.35 64.29
N ASP B 132 6.26 36.02 65.44
CA ASP B 132 6.85 35.49 66.68
C ASP B 132 5.82 34.87 67.60
N ARG B 133 4.55 34.77 67.15
CA ARG B 133 3.45 34.23 67.93
C ARG B 133 3.10 35.13 69.13
N ASN B 134 3.29 36.45 68.96
CA ASN B 134 2.93 37.48 69.92
C ASN B 134 1.80 38.34 69.37
N PRO B 135 0.79 38.65 70.17
CA PRO B 135 -0.42 39.32 69.66
C PRO B 135 -0.13 40.61 68.90
N ILE B 136 -0.75 40.74 67.73
CA ILE B 136 -0.50 41.85 66.82
C ILE B 136 -1.08 43.15 67.39
N GLN B 137 -0.86 44.24 66.68
CA GLN B 137 -1.21 45.57 67.19
C GLN B 137 -2.70 45.67 67.45
N GLY B 138 -3.05 46.30 68.57
CA GLY B 138 -4.45 46.62 68.84
C GLY B 138 -5.32 45.43 69.18
N GLY B 139 -4.74 44.30 69.55
CA GLY B 139 -5.47 43.11 69.94
C GLY B 139 -6.54 42.68 68.95
N SER B 140 -6.13 42.25 67.76
CA SER B 140 -7.08 41.82 66.75
C SER B 140 -7.39 40.35 66.94
N LYS B 141 -8.68 40.02 66.93
CA LYS B 141 -9.15 38.64 66.97
C LYS B 141 -9.92 38.34 65.70
N ILE B 142 -9.86 37.09 65.25
CA ILE B 142 -10.65 36.63 64.11
C ILE B 142 -11.66 35.62 64.64
N HIS B 143 -12.90 35.69 64.13
CA HIS B 143 -13.96 34.81 64.59
C HIS B 143 -14.17 33.71 63.55
N VAL B 144 -13.97 32.47 63.96
CA VAL B 144 -14.03 31.33 63.06
C VAL B 144 -14.87 30.23 63.69
N LYS B 145 -15.46 29.40 62.83
CA LYS B 145 -16.21 28.24 63.27
C LYS B 145 -15.62 27.03 62.56
N LEU B 146 -15.32 25.97 63.31
CA LEU B 146 -14.78 24.74 62.74
C LEU B 146 -15.53 23.54 63.29
N GLN B 147 -15.61 22.49 62.48
CA GLN B 147 -16.13 21.21 62.96
C GLN B 147 -15.64 20.13 62.02
N TYR B 148 -14.93 19.15 62.54
CA TYR B 148 -14.26 18.14 61.75
C TYR B 148 -15.05 16.85 61.83
N PHE B 149 -15.25 16.21 60.67
CA PHE B 149 -15.95 14.94 60.57
C PHE B 149 -14.99 13.90 60.05
N HIS B 150 -14.54 13.00 60.92
CA HIS B 150 -13.75 11.85 60.52
C HIS B 150 -14.39 11.12 59.36
N VAL B 151 -13.64 10.34 58.58
CA VAL B 151 -14.19 9.79 57.35
C VAL B 151 -15.33 8.82 57.64
N GLU B 152 -15.30 8.15 58.80
CA GLU B 152 -16.33 7.12 59.02
C GLU B 152 -17.70 7.71 59.29
N GLU B 153 -17.77 8.97 59.70
CA GLU B 153 -19.07 9.59 59.90
C GLU B 153 -19.92 9.63 58.63
N ASP B 154 -19.32 9.41 57.47
CA ASP B 154 -20.08 9.37 56.22
C ASP B 154 -20.72 7.99 56.05
N ARG B 155 -21.95 7.98 55.53
CA ARG B 155 -22.67 6.71 55.49
C ARG B 155 -22.11 5.75 54.44
N ASN B 156 -21.26 6.21 53.54
CA ASN B 156 -20.72 5.32 52.52
C ASN B 156 -19.25 4.96 52.73
N TRP B 157 -18.59 5.44 53.78
CA TRP B 157 -17.21 5.06 54.01
C TRP B 157 -17.12 3.56 54.18
N ASN B 158 -16.31 2.92 53.35
CA ASN B 158 -16.11 1.48 53.41
C ASN B 158 -17.38 0.69 53.11
N MET B 159 -18.35 1.28 52.42
CA MET B 159 -19.56 0.57 52.01
C MET B 159 -19.78 0.55 50.52
N GLY B 160 -18.92 1.17 49.72
CA GLY B 160 -19.25 1.27 48.31
C GLY B 160 -20.47 2.14 48.07
N ILE B 161 -21.04 2.00 46.89
CA ILE B 161 -22.22 2.79 46.51
C ILE B 161 -23.40 2.43 47.40
N LYS B 162 -23.47 1.17 47.83
CA LYS B 162 -24.34 0.64 48.88
C LYS B 162 -25.83 0.56 48.65
N SER B 163 -26.34 1.12 47.56
CA SER B 163 -27.76 1.10 47.32
C SER B 163 -28.03 1.86 46.03
N ALA B 164 -29.08 1.43 45.34
CA ALA B 164 -29.56 2.08 44.14
C ALA B 164 -30.16 3.45 44.39
N LYS B 165 -30.34 3.86 45.65
CA LYS B 165 -30.77 5.21 45.99
C LYS B 165 -29.62 6.15 46.29
N PHE B 166 -28.38 5.71 46.07
CA PHE B 166 -27.22 6.56 46.27
C PHE B 166 -27.44 7.89 45.53
N PRO B 167 -27.28 9.03 46.21
CA PRO B 167 -27.67 10.30 45.60
C PRO B 167 -26.61 10.95 44.74
N GLY B 168 -25.40 10.44 44.69
CA GLY B 168 -24.33 11.08 43.96
C GLY B 168 -23.33 11.74 44.87
N VAL B 169 -22.32 12.34 44.24
CA VAL B 169 -21.31 13.12 44.96
C VAL B 169 -21.92 14.46 45.37
N PRO B 170 -21.73 14.91 46.61
CA PRO B 170 -22.26 16.21 47.02
C PRO B 170 -21.32 17.32 46.63
N TYR B 171 -21.83 18.55 46.68
CA TYR B 171 -21.05 19.76 46.44
C TYR B 171 -20.34 19.71 45.08
N THR B 172 -21.14 19.53 44.04
CA THR B 172 -20.69 19.53 42.66
C THR B 172 -21.66 20.36 41.84
N PHE B 173 -21.16 20.91 40.73
CA PHE B 173 -22.00 21.76 39.90
C PHE B 173 -23.08 20.95 39.20
N PHE B 174 -22.73 19.79 38.64
CA PHE B 174 -23.71 18.90 38.04
C PHE B 174 -24.13 17.85 39.04
N SER B 175 -25.43 17.62 39.16
CA SER B 175 -26.01 16.57 39.97
C SER B 175 -26.06 15.26 39.18
N GLN B 176 -26.16 14.15 39.91
CA GLN B 176 -26.25 12.85 39.28
C GLN B 176 -27.52 12.74 38.45
N ARG B 177 -27.42 12.02 37.34
CA ARG B 177 -28.52 11.73 36.43
C ARG B 177 -28.82 10.25 36.45
N GLN B 178 -30.08 9.92 36.20
CA GLN B 178 -30.55 8.56 36.09
C GLN B 178 -31.00 8.30 34.66
N GLY B 179 -31.32 7.04 34.36
CA GLY B 179 -31.84 6.72 33.05
C GLY B 179 -30.79 6.80 31.97
N CYS B 180 -29.52 6.70 32.34
CA CYS B 180 -28.43 6.91 31.41
C CYS B 180 -27.98 5.57 30.83
N LYS B 181 -27.12 5.66 29.82
CA LYS B 181 -26.46 4.50 29.24
C LYS B 181 -25.04 4.92 28.90
N VAL B 182 -24.06 4.17 29.39
CA VAL B 182 -22.65 4.46 29.17
C VAL B 182 -22.02 3.32 28.39
N SER B 183 -21.38 3.64 27.28
CA SER B 183 -20.59 2.68 26.53
C SER B 183 -19.12 2.88 26.89
N LEU B 184 -18.45 1.80 27.23
CA LEU B 184 -17.08 1.84 27.71
C LEU B 184 -16.15 1.39 26.59
N TYR B 185 -15.22 2.37 26.49
CA TYR B 185 -14.36 2.14 25.35
C TYR B 185 -12.94 1.78 25.79
N GLN B 186 -12.51 0.60 25.37
CA GLN B 186 -11.16 0.10 25.54
C GLN B 186 -10.43 0.36 24.22
N ASP B 187 -9.49 1.32 24.24
CA ASP B 187 -8.77 1.82 23.06
C ASP B 187 -9.70 2.38 22.00
N ALA B 188 -9.12 2.83 20.88
CA ALA B 188 -9.90 3.60 19.92
C ALA B 188 -10.69 2.57 19.13
N HIS B 189 -10.23 1.33 19.08
CA HIS B 189 -10.84 0.31 18.24
C HIS B 189 -10.53 -1.06 18.84
N ILE B 190 -11.51 -1.91 18.64
CA ILE B 190 -11.43 -3.29 19.10
C ILE B 190 -11.80 -4.16 17.90
N PRO B 191 -10.93 -5.05 17.46
CA PRO B 191 -11.28 -5.92 16.34
C PRO B 191 -12.13 -7.09 16.79
N ASP B 192 -12.77 -7.73 15.81
CA ASP B 192 -13.51 -8.94 16.08
C ASP B 192 -12.54 -10.04 16.51
N ASN B 193 -13.05 -10.97 17.31
CA ASN B 193 -12.29 -12.13 17.78
C ASN B 193 -11.18 -11.76 18.74
N PHE B 194 -11.28 -10.64 19.42
CA PHE B 194 -10.32 -10.36 20.47
C PHE B 194 -10.87 -10.72 21.85
N VAL B 195 -12.03 -10.19 22.20
CA VAL B 195 -12.54 -10.32 23.56
C VAL B 195 -12.92 -11.78 23.82
N PRO B 196 -12.47 -12.38 24.90
CA PRO B 196 -12.86 -13.75 25.20
C PRO B 196 -14.25 -13.73 25.82
N ARG B 197 -14.74 -14.91 26.10
CA ARG B 197 -16.06 -14.99 26.70
C ARG B 197 -15.97 -14.60 28.18
N ILE B 198 -16.68 -13.54 28.55
CA ILE B 198 -16.71 -13.01 29.90
C ILE B 198 -18.16 -12.95 30.33
N PRO B 199 -18.60 -13.83 31.23
CA PRO B 199 -20.04 -13.92 31.53
C PRO B 199 -20.47 -12.87 32.53
N LEU B 200 -21.59 -12.22 32.23
CA LEU B 200 -22.16 -11.15 33.04
C LEU B 200 -23.53 -11.58 33.56
N ALA B 201 -24.08 -10.70 34.41
CA ALA B 201 -25.19 -11.07 35.28
C ALA B 201 -26.43 -11.45 34.49
N GLY B 202 -26.74 -10.73 33.44
CA GLY B 202 -28.02 -11.02 32.81
C GLY B 202 -28.11 -12.33 32.04
N GLY B 203 -27.08 -13.16 32.13
CA GLY B 203 -26.95 -14.33 31.31
C GLY B 203 -26.27 -14.11 29.99
N LYS B 204 -25.92 -12.87 29.66
CA LYS B 204 -25.21 -12.54 28.44
C LYS B 204 -23.72 -12.41 28.74
N ASN B 205 -22.92 -12.44 27.68
CA ASN B 205 -21.48 -12.21 27.78
C ASN B 205 -21.17 -10.75 27.46
N TYR B 206 -20.06 -10.28 28.01
CA TYR B 206 -19.58 -8.94 27.73
C TYR B 206 -19.25 -8.77 26.26
N GLU B 207 -19.82 -7.74 25.64
CA GLU B 207 -19.54 -7.46 24.26
C GLU B 207 -18.81 -6.13 24.14
N PRO B 208 -17.71 -6.07 23.40
CA PRO B 208 -16.95 -4.82 23.30
C PRO B 208 -17.61 -3.81 22.37
N GLN B 209 -17.38 -2.52 22.67
CA GLN B 209 -17.83 -1.42 21.82
C GLN B 209 -16.63 -0.68 21.26
N ARG B 210 -16.82 -0.02 20.12
CA ARG B 210 -15.73 0.52 19.31
C ARG B 210 -15.81 2.03 19.27
N CYS B 211 -14.81 2.69 19.86
CA CYS B 211 -14.89 4.13 20.09
C CYS B 211 -15.00 4.92 18.79
N TRP B 212 -14.01 4.79 17.92
CA TRP B 212 -13.98 5.68 16.76
C TRP B 212 -15.02 5.30 15.73
N GLU B 213 -15.42 4.03 15.68
CA GLU B 213 -16.58 3.64 14.90
C GLU B 213 -17.82 4.40 15.34
N ASP B 214 -18.04 4.49 16.65
CA ASP B 214 -19.22 5.18 17.15
C ASP B 214 -19.13 6.67 16.94
N ILE B 215 -17.93 7.24 17.09
CA ILE B 215 -17.77 8.67 16.87
C ILE B 215 -18.01 9.00 15.41
N PHE B 216 -17.61 8.10 14.52
CA PHE B 216 -17.86 8.30 13.10
C PHE B 216 -19.35 8.25 12.79
N ASP B 217 -20.06 7.30 13.43
CA ASP B 217 -21.50 7.20 13.24
C ASP B 217 -22.22 8.41 13.80
N ALA B 218 -21.82 8.85 14.99
CA ALA B 218 -22.40 10.04 15.61
C ALA B 218 -22.19 11.26 14.75
N ILE B 219 -20.98 11.48 14.25
CA ILE B 219 -20.77 12.65 13.42
C ILE B 219 -21.55 12.53 12.13
N SER B 220 -21.57 11.34 11.53
CA SER B 220 -22.24 11.19 10.25
C SER B 220 -23.75 11.29 10.38
N ASN B 221 -24.33 10.85 11.48
CA ASN B 221 -25.78 10.86 11.59
C ASN B 221 -26.35 12.21 12.03
N ALA B 222 -25.52 13.15 12.44
CA ALA B 222 -26.02 14.37 13.05
C ALA B 222 -26.85 15.17 12.05
N LYS B 223 -27.95 15.74 12.54
CA LYS B 223 -28.74 16.66 11.74
C LYS B 223 -28.67 18.11 12.19
N HIS B 224 -28.27 18.38 13.43
CA HIS B 224 -28.38 19.76 13.89
C HIS B 224 -27.10 20.33 14.48
N LEU B 225 -26.34 19.56 15.25
CA LEU B 225 -25.20 20.13 15.93
C LEU B 225 -24.09 19.10 16.08
N ILE B 226 -22.85 19.55 15.90
CA ILE B 226 -21.66 18.78 16.22
C ILE B 226 -20.74 19.72 16.96
N TYR B 227 -20.62 19.56 18.27
CA TYR B 227 -19.71 20.34 19.11
C TYR B 227 -18.52 19.44 19.48
N ILE B 228 -17.31 19.98 19.37
CA ILE B 228 -16.08 19.24 19.60
C ILE B 228 -15.08 20.14 20.31
N THR B 229 -14.45 19.65 21.38
CA THR B 229 -13.30 20.30 22.00
C THR B 229 -12.16 19.31 22.07
N GLY B 230 -10.95 19.79 21.84
CA GLY B 230 -9.80 18.92 21.85
C GLY B 230 -8.57 19.67 22.29
N TRP B 231 -7.66 18.93 22.93
CA TRP B 231 -6.31 19.45 23.11
C TRP B 231 -5.58 19.52 21.78
N SER B 232 -5.99 18.68 20.83
CA SER B 232 -5.51 18.74 19.47
C SER B 232 -6.53 18.04 18.59
N VAL B 233 -6.81 18.61 17.43
CA VAL B 233 -7.58 17.97 16.38
C VAL B 233 -6.74 18.00 15.11
N TYR B 234 -6.46 16.83 14.54
CA TYR B 234 -5.70 16.73 13.30
C TYR B 234 -6.68 16.32 12.21
N ALA B 235 -6.90 17.22 11.25
CA ALA B 235 -8.00 17.05 10.30
C ALA B 235 -7.78 15.92 9.31
N GLU B 236 -6.59 15.34 9.24
CA GLU B 236 -6.31 14.34 8.22
C GLU B 236 -6.57 12.90 8.66
N ILE B 237 -6.76 12.64 9.95
CA ILE B 237 -6.97 11.26 10.39
C ILE B 237 -8.26 10.72 9.80
N ALA B 238 -8.29 9.43 9.55
CA ALA B 238 -9.51 8.70 9.24
C ALA B 238 -9.90 7.92 10.47
N LEU B 239 -11.19 7.93 10.80
CA LEU B 239 -11.66 7.29 12.02
C LEU B 239 -11.81 5.80 11.88
N VAL B 240 -11.98 5.28 10.65
CA VAL B 240 -12.26 3.87 10.43
C VAL B 240 -11.17 3.28 9.53
N ARG B 241 -10.54 2.20 10.01
CA ARG B 241 -9.40 1.62 9.32
C ARG B 241 -9.37 0.10 9.31
N ASP B 242 -10.25 -0.59 10.04
CA ASP B 242 -10.20 -2.03 10.14
C ASP B 242 -10.83 -2.62 8.88
N SER B 243 -10.02 -3.36 8.11
CA SER B 243 -10.51 -3.88 6.83
C SER B 243 -11.52 -4.99 7.01
N ARG B 244 -11.50 -5.68 8.15
CA ARG B 244 -12.51 -6.68 8.45
C ARG B 244 -13.77 -6.09 9.06
N ARG B 245 -13.83 -4.77 9.23
CA ARG B 245 -15.02 -4.11 9.77
C ARG B 245 -15.30 -2.86 8.96
N PRO B 246 -15.55 -3.02 7.66
CA PRO B 246 -15.64 -1.86 6.78
C PRO B 246 -16.93 -1.10 7.07
N LYS B 247 -16.84 0.22 6.94
CA LYS B 247 -17.97 1.11 7.10
C LYS B 247 -17.98 2.07 5.91
N PRO B 248 -19.09 2.18 5.19
CA PRO B 248 -19.14 3.09 4.04
C PRO B 248 -18.88 4.53 4.45
N GLY B 249 -18.00 5.19 3.71
CA GLY B 249 -17.54 6.51 4.05
C GLY B 249 -16.43 6.58 5.06
N GLY B 250 -15.97 5.44 5.59
CA GLY B 250 -15.00 5.39 6.69
C GLY B 250 -13.62 5.89 6.34
N ASP B 251 -13.29 5.97 5.05
CA ASP B 251 -11.99 6.45 4.61
C ASP B 251 -11.89 7.96 4.55
N VAL B 252 -13.02 8.67 4.62
CA VAL B 252 -12.98 10.13 4.62
C VAL B 252 -12.25 10.63 5.86
N THR B 253 -11.51 11.73 5.70
CA THR B 253 -10.83 12.35 6.82
C THR B 253 -11.83 13.09 7.70
N ILE B 254 -11.47 13.24 8.97
CA ILE B 254 -12.37 13.91 9.91
C ILE B 254 -12.62 15.33 9.45
N GLY B 255 -11.62 15.96 8.84
CA GLY B 255 -11.78 17.31 8.33
C GLY B 255 -12.78 17.38 7.18
N GLU B 256 -12.69 16.44 6.25
CA GLU B 256 -13.65 16.44 5.14
C GLU B 256 -15.04 16.06 5.61
N LEU B 257 -15.15 15.14 6.56
CA LEU B 257 -16.45 14.79 7.10
C LEU B 257 -17.08 15.96 7.82
N LEU B 258 -16.29 16.73 8.57
CA LEU B 258 -16.88 17.86 9.30
C LEU B 258 -17.34 18.97 8.37
N LYS B 259 -16.66 19.17 7.24
CA LYS B 259 -17.09 20.21 6.30
C LYS B 259 -18.34 19.78 5.56
N LYS B 260 -18.43 18.50 5.22
CA LYS B 260 -19.62 17.99 4.56
C LYS B 260 -20.82 18.14 5.47
N LYS B 261 -20.66 17.74 6.74
CA LYS B 261 -21.75 17.92 7.69
C LYS B 261 -22.13 19.39 7.81
N ALA B 262 -21.14 20.27 7.89
CA ALA B 262 -21.44 21.68 8.10
C ALA B 262 -22.21 22.26 6.93
N SER B 263 -21.74 21.99 5.72
CA SER B 263 -22.37 22.62 4.58
C SER B 263 -23.71 22.01 4.24
N GLU B 264 -24.14 20.95 4.92
CA GLU B 264 -25.51 20.52 4.76
C GLU B 264 -26.42 21.15 5.81
N GLY B 265 -25.86 22.02 6.66
CA GLY B 265 -26.63 22.82 7.58
C GLY B 265 -26.45 22.48 9.04
N VAL B 266 -25.58 21.54 9.37
CA VAL B 266 -25.34 21.18 10.75
C VAL B 266 -24.43 22.23 11.37
N ARG B 267 -24.79 22.71 12.55
CA ARG B 267 -23.94 23.64 13.28
C ARG B 267 -22.74 22.89 13.83
N VAL B 268 -21.57 23.12 13.25
CA VAL B 268 -20.33 22.43 13.60
C VAL B 268 -19.41 23.43 14.28
N LEU B 269 -19.22 23.29 15.58
CA LEU B 269 -18.45 24.24 16.36
C LEU B 269 -17.31 23.51 17.05
N LEU B 270 -16.09 24.03 16.92
CA LEU B 270 -14.90 23.40 17.46
C LEU B 270 -14.19 24.35 18.39
N LEU B 271 -13.81 23.87 19.57
CA LEU B 271 -12.93 24.59 20.49
C LEU B 271 -11.66 23.76 20.65
N VAL B 272 -10.58 24.12 19.97
CA VAL B 272 -9.32 23.39 20.06
C VAL B 272 -8.30 24.26 20.77
N TRP B 273 -7.52 23.65 21.64
CA TRP B 273 -6.55 24.41 22.41
C TRP B 273 -5.59 25.17 21.50
N ASP B 274 -5.27 26.41 21.88
CA ASP B 274 -4.29 27.24 21.19
C ASP B 274 -3.02 27.27 22.03
N ASP B 275 -1.93 26.67 21.51
CA ASP B 275 -0.71 26.61 22.32
C ASP B 275 0.08 27.91 22.33
N ARG B 276 -0.23 28.81 21.41
CA ARG B 276 0.28 30.18 21.46
C ARG B 276 1.78 30.24 21.27
N THR B 277 2.35 29.20 20.75
CA THR B 277 3.69 29.23 20.25
C THR B 277 3.57 29.18 18.73
N SER B 278 4.40 29.91 18.02
CA SER B 278 4.39 29.85 16.56
C SER B 278 4.89 28.52 16.09
N VAL B 279 4.40 28.07 14.97
CA VAL B 279 4.92 26.88 14.36
C VAL B 279 6.37 27.00 14.06
N ASP B 280 7.07 25.93 14.29
CA ASP B 280 7.05 25.21 15.53
C ASP B 280 8.49 24.88 15.88
N VAL B 281 9.42 25.79 15.58
CA VAL B 281 10.90 25.60 15.51
C VAL B 281 11.27 24.46 14.64
N LEU B 282 10.90 24.56 13.38
CA LEU B 282 9.73 23.82 12.95
C LEU B 282 9.88 22.34 12.66
N LYS B 283 11.05 21.77 12.84
CA LYS B 283 11.43 20.70 11.96
C LYS B 283 11.31 19.21 12.45
N LYS B 284 11.52 18.92 13.73
CA LYS B 284 12.00 17.61 14.17
C LYS B 284 10.93 16.54 14.37
N ASP B 285 11.28 15.28 14.20
CA ASP B 285 10.36 14.24 13.63
C ASP B 285 9.64 13.38 14.62
N GLY B 286 10.07 13.44 15.86
CA GLY B 286 9.18 13.15 16.93
C GLY B 286 8.45 14.37 17.48
N LEU B 287 7.88 15.18 16.61
CA LEU B 287 6.75 16.04 16.92
C LEU B 287 5.78 15.32 17.84
N MET B 288 5.47 15.96 18.93
CA MET B 288 4.13 16.39 18.93
C MET B 288 4.02 17.88 18.85
N ALA B 289 3.43 18.29 17.74
CA ALA B 289 2.68 19.54 17.71
C ALA B 289 1.19 19.26 17.63
N THR B 290 0.45 20.32 17.77
CA THR B 290 -0.90 20.32 18.16
C THR B 290 -1.69 20.46 16.90
N HIS B 291 -1.03 20.87 15.83
CA HIS B 291 -1.73 21.23 14.60
C HIS B 291 -2.76 22.34 14.81
N ASP B 292 -2.66 23.13 15.89
CA ASP B 292 -3.72 24.10 16.16
C ASP B 292 -3.86 25.12 15.04
N GLU B 293 -2.75 25.68 14.55
CA GLU B 293 -2.88 26.69 13.50
C GLU B 293 -3.30 26.06 12.17
N GLU B 294 -2.79 24.88 11.85
CA GLU B 294 -3.15 24.32 10.55
C GLU B 294 -4.54 23.73 10.55
N THR B 295 -5.11 23.45 11.72
CA THR B 295 -6.51 23.02 11.76
C THR B 295 -7.44 24.21 11.62
N GLU B 296 -7.11 25.31 12.29
CA GLU B 296 -7.86 26.54 12.13
C GLU B 296 -7.87 26.95 10.66
N ASN B 297 -6.72 26.83 10.00
CA ASN B 297 -6.61 27.20 8.60
C ASN B 297 -7.43 26.27 7.72
N PHE B 298 -7.35 24.96 7.98
CA PHE B 298 -8.09 23.97 7.19
C PHE B 298 -9.57 24.27 7.15
N PHE B 299 -10.13 24.83 8.20
CA PHE B 299 -11.56 25.04 8.25
C PHE B 299 -11.98 26.44 7.84
N ARG B 300 -11.04 27.36 7.65
CA ARG B 300 -11.42 28.73 7.32
C ARG B 300 -12.07 28.77 5.94
N GLY B 301 -13.07 29.63 5.80
CA GLY B 301 -13.80 29.69 4.56
C GLY B 301 -14.73 28.52 4.31
N SER B 302 -14.79 27.55 5.22
CA SER B 302 -15.79 26.49 5.20
C SER B 302 -16.93 26.87 6.13
N ASP B 303 -17.89 25.97 6.28
CA ASP B 303 -19.02 26.22 7.18
C ASP B 303 -18.78 25.72 8.59
N VAL B 304 -17.66 25.04 8.82
CA VAL B 304 -17.21 24.69 10.17
C VAL B 304 -16.64 25.93 10.83
N HIS B 305 -17.07 26.19 12.06
CA HIS B 305 -16.59 27.32 12.85
C HIS B 305 -15.58 26.79 13.85
N CYS B 306 -14.30 26.99 13.54
CA CYS B 306 -13.20 26.51 14.35
C CYS B 306 -12.58 27.68 15.09
N ILE B 307 -12.51 27.59 16.42
CA ILE B 307 -12.01 28.66 17.27
C ILE B 307 -10.82 28.10 18.04
N LEU B 308 -9.67 28.74 17.90
CA LEU B 308 -8.53 28.43 18.75
C LEU B 308 -8.73 29.06 20.11
N CYS B 309 -8.64 28.24 21.16
CA CYS B 309 -9.06 28.64 22.49
C CYS B 309 -7.88 28.74 23.44
N PRO B 310 -7.46 29.91 23.83
CA PRO B 310 -6.40 30.05 24.80
C PRO B 310 -6.78 29.66 26.23
N ARG B 311 -5.83 29.14 26.98
CA ARG B 311 -5.92 28.86 28.40
C ARG B 311 -4.89 29.63 29.22
N ASN B 312 -5.32 30.36 30.21
CA ASN B 312 -4.44 31.06 31.11
C ASN B 312 -4.83 30.56 32.46
N PRO B 313 -3.88 30.10 33.21
CA PRO B 313 -4.06 29.80 34.59
C PRO B 313 -4.56 30.93 35.48
N ASP B 314 -5.22 30.49 36.52
CA ASP B 314 -5.56 31.27 37.69
C ASP B 314 -4.43 31.08 38.64
N ASP B 315 -3.92 32.11 39.22
CA ASP B 315 -2.74 31.96 40.08
C ASP B 315 -1.51 31.18 39.54
N GLY B 316 -0.73 31.82 38.69
CA GLY B 316 0.58 31.34 38.37
C GLY B 316 1.72 31.66 39.31
N GLY B 317 1.48 31.83 40.58
CA GLY B 317 2.50 32.23 41.50
C GLY B 317 2.87 33.67 41.39
N SER B 318 4.16 33.92 41.44
CA SER B 318 4.71 35.25 41.39
C SER B 318 4.69 35.83 40.03
N ILE B 319 4.99 37.12 39.95
CA ILE B 319 4.81 37.87 38.74
C ILE B 319 5.77 37.40 37.72
N VAL B 320 6.97 37.06 38.12
CA VAL B 320 7.92 36.57 37.14
C VAL B 320 7.68 35.08 36.82
N GLN B 321 7.17 34.29 37.76
CA GLN B 321 6.83 32.92 37.42
C GLN B 321 5.69 32.87 36.43
N SER B 322 4.70 33.75 36.59
CA SER B 322 3.55 33.73 35.70
C SER B 322 3.96 34.00 34.26
N LEU B 323 4.95 34.87 34.05
CA LEU B 323 5.36 35.22 32.69
C LEU B 323 6.07 34.06 31.99
N GLN B 324 6.70 33.16 32.74
CA GLN B 324 7.34 32.00 32.10
C GLN B 324 6.38 30.85 31.90
N ILE B 325 5.26 30.83 32.61
CA ILE B 325 4.30 29.72 32.53
C ILE B 325 3.02 30.08 31.79
N SER B 326 2.77 31.37 31.51
CA SER B 326 1.46 31.75 30.97
C SER B 326 1.22 31.14 29.60
N THR B 327 2.29 30.70 28.94
CA THR B 327 2.21 29.96 27.68
C THR B 327 1.78 28.51 27.86
N MET B 328 1.94 27.92 29.05
CA MET B 328 2.07 26.47 29.21
C MET B 328 0.82 25.72 29.66
N PHE B 329 -0.26 26.40 30.07
CA PHE B 329 -1.43 25.65 30.52
C PHE B 329 -2.44 25.48 29.39
N THR B 330 -3.18 24.38 29.43
CA THR B 330 -3.95 23.92 28.28
C THR B 330 -5.43 23.72 28.62
N HIS B 331 -6.25 23.72 27.56
CA HIS B 331 -7.59 23.18 27.62
C HIS B 331 -7.52 21.72 27.20
N HIS B 332 -7.68 20.82 28.16
CA HIS B 332 -7.40 19.41 27.95
C HIS B 332 -8.66 18.57 27.72
N GLN B 333 -9.84 19.17 27.71
CA GLN B 333 -11.07 18.41 27.52
C GLN B 333 -11.13 17.79 26.13
N LYS B 334 -11.55 16.51 26.05
CA LYS B 334 -11.77 15.83 24.78
C LYS B 334 -13.26 15.51 24.68
N ILE B 335 -13.97 16.24 23.81
CA ILE B 335 -15.43 16.26 23.80
C ILE B 335 -15.93 16.15 22.37
N VAL B 336 -16.89 15.27 22.15
CA VAL B 336 -17.72 15.24 20.96
C VAL B 336 -19.16 15.22 21.43
N VAL B 337 -19.96 16.15 20.95
CA VAL B 337 -21.38 16.25 21.30
C VAL B 337 -22.16 16.37 20.00
N VAL B 338 -23.13 15.48 19.79
CA VAL B 338 -23.97 15.48 18.60
C VAL B 338 -25.43 15.30 18.98
N ASP B 339 -26.31 15.67 18.05
CA ASP B 339 -27.71 15.22 18.10
C ASP B 339 -27.84 13.90 17.35
N SER B 340 -28.66 13.02 17.83
CA SER B 340 -28.86 11.72 17.26
C SER B 340 -30.29 11.26 17.34
N GLU B 341 -30.66 10.27 16.56
CA GLU B 341 -32.01 9.76 16.63
C GLU B 341 -32.38 9.02 17.90
N MET B 342 -33.63 9.03 18.20
CA MET B 342 -34.15 8.41 19.41
C MET B 342 -34.09 6.94 19.41
N PRO B 343 -33.80 6.35 20.56
CA PRO B 343 -33.73 4.90 20.65
C PRO B 343 -35.12 4.41 20.54
N SER B 344 -35.27 3.34 19.80
CA SER B 344 -36.48 3.13 19.04
C SER B 344 -36.45 1.84 18.23
N ARG B 345 -37.54 1.14 18.26
CA ARG B 345 -37.69 0.02 17.37
C ARG B 345 -38.00 0.51 15.94
N GLY B 346 -38.43 1.78 15.86
CA GLY B 346 -38.74 2.47 14.62
C GLY B 346 -38.68 3.87 15.23
N GLY B 347 -37.93 4.73 14.57
CA GLY B 347 -37.00 5.58 15.27
C GLY B 347 -37.86 6.80 15.31
N SER B 348 -38.27 7.16 14.10
CA SER B 348 -39.05 8.36 13.78
C SER B 348 -38.22 9.59 14.03
N GLU B 349 -38.85 10.73 14.30
CA GLU B 349 -38.19 11.97 13.91
C GLU B 349 -37.70 12.81 15.04
N MET B 350 -38.00 12.44 16.26
CA MET B 350 -37.35 13.09 17.41
C MET B 350 -35.89 12.75 17.50
N ARG B 351 -35.15 13.71 17.99
CA ARG B 351 -33.76 13.55 18.23
C ARG B 351 -33.41 13.78 19.69
N ARG B 352 -32.20 13.43 20.04
CA ARG B 352 -31.71 13.53 21.40
C ARG B 352 -30.22 13.83 21.30
N ILE B 353 -29.58 14.00 22.44
CA ILE B 353 -28.18 14.36 22.51
C ILE B 353 -27.36 13.19 23.03
N VAL B 354 -26.15 13.05 22.48
CA VAL B 354 -25.21 11.99 22.77
C VAL B 354 -23.83 12.62 22.87
N SER B 355 -23.06 12.25 23.88
CA SER B 355 -21.80 12.89 24.11
C SER B 355 -20.71 11.88 24.43
N PHE B 356 -19.46 12.26 24.15
CA PHE B 356 -18.30 11.43 24.39
C PHE B 356 -17.33 12.17 25.29
N VAL B 357 -16.79 11.48 26.29
CA VAL B 357 -15.68 12.02 27.09
C VAL B 357 -14.72 10.86 27.36
N GLY B 358 -13.47 11.20 27.61
CA GLY B 358 -12.45 10.21 27.91
C GLY B 358 -11.07 10.77 27.60
N GLY B 359 -10.16 9.90 27.29
CA GLY B 359 -8.80 10.32 27.08
C GLY B 359 -8.37 10.55 25.64
N ILE B 360 -9.22 10.23 24.66
CA ILE B 360 -8.79 10.09 23.28
C ILE B 360 -9.10 11.36 22.49
N ASP B 361 -8.06 12.09 22.13
CA ASP B 361 -8.19 13.18 21.19
C ASP B 361 -8.33 12.64 19.77
N LEU B 362 -8.93 13.44 18.90
CA LEU B 362 -9.07 13.09 17.48
C LEU B 362 -7.88 13.65 16.70
N CYS B 363 -6.72 13.03 16.93
CA CYS B 363 -5.49 13.50 16.33
C CYS B 363 -4.60 12.30 16.02
N ASP B 364 -3.45 12.59 15.44
CA ASP B 364 -2.49 11.56 15.06
C ASP B 364 -2.05 10.76 16.28
N GLY B 365 -1.76 9.48 16.07
CA GLY B 365 -1.18 8.67 17.11
C GLY B 365 -2.14 8.05 18.10
N ARG B 366 -3.44 8.31 18.00
CA ARG B 366 -4.41 7.78 18.95
C ARG B 366 -5.10 6.51 18.47
N TYR B 367 -5.19 6.29 17.17
CA TYR B 367 -5.76 5.05 16.68
C TYR B 367 -4.89 3.86 17.09
N ASP B 368 -5.51 2.88 17.73
CA ASP B 368 -4.87 1.62 18.10
C ASP B 368 -5.94 0.63 18.51
N THR B 369 -5.52 -0.60 18.75
CA THR B 369 -6.35 -1.71 19.23
C THR B 369 -5.62 -2.34 20.39
N PRO B 370 -6.24 -3.29 21.11
CA PRO B 370 -5.51 -3.99 22.18
C PRO B 370 -4.30 -4.79 21.71
N PHE B 371 -4.10 -4.95 20.42
CA PHE B 371 -2.88 -5.60 19.95
C PHE B 371 -1.67 -4.69 20.10
N HIS B 372 -1.85 -3.38 19.95
CA HIS B 372 -0.80 -2.40 20.25
C HIS B 372 0.54 -2.75 19.57
N SER B 373 0.50 -2.96 18.26
CA SER B 373 1.68 -3.45 17.57
C SER B 373 2.78 -2.38 17.47
N LEU B 374 3.97 -2.97 17.70
CA LEU B 374 5.18 -2.16 17.52
C LEU B 374 5.66 -2.10 16.07
N PHE B 375 5.61 -3.21 15.33
CA PHE B 375 6.13 -3.24 13.96
C PHE B 375 5.15 -3.79 12.93
N ARG B 376 4.13 -4.52 13.34
CA ARG B 376 3.34 -5.30 12.39
C ARG B 376 2.16 -4.55 11.80
N THR B 377 1.96 -3.28 12.15
CA THR B 377 0.93 -2.46 11.54
C THR B 377 1.51 -1.30 10.76
N LEU B 378 2.84 -1.22 10.62
CA LEU B 378 3.45 -0.08 9.97
C LEU B 378 3.23 -0.09 8.48
N ASP B 379 2.75 -1.19 7.91
CA ASP B 379 2.36 -1.22 6.51
C ASP B 379 0.86 -1.30 6.35
N THR B 380 0.11 -1.04 7.41
CA THR B 380 -1.34 -0.97 7.31
C THR B 380 -2.32 0.07 7.81
N VAL B 381 -2.18 0.48 9.08
CA VAL B 381 -3.23 1.23 9.75
C VAL B 381 -2.37 2.33 10.33
N HIS B 382 -1.09 2.08 10.56
CA HIS B 382 -0.19 3.12 11.05
C HIS B 382 0.81 3.58 10.00
N HIS B 383 0.68 3.14 8.75
CA HIS B 383 1.67 3.56 7.77
C HIS B 383 1.69 5.08 7.63
N ASP B 384 0.52 5.71 7.67
CA ASP B 384 0.41 7.16 7.61
C ASP B 384 0.09 7.79 8.96
N ASP B 385 0.22 7.02 10.04
CA ASP B 385 -0.12 7.51 11.37
C ASP B 385 0.94 6.93 12.29
N PHE B 386 2.15 7.39 12.12
CA PHE B 386 3.30 6.87 12.84
C PHE B 386 3.63 7.83 13.98
N HIS B 387 3.39 7.40 15.21
CA HIS B 387 3.58 8.25 16.37
C HIS B 387 4.68 7.67 17.23
N GLN B 388 5.74 8.44 17.42
CA GLN B 388 6.86 8.00 18.24
C GLN B 388 7.69 9.20 18.69
N PRO B 389 7.27 9.89 19.75
CA PRO B 389 7.98 11.10 20.20
C PRO B 389 9.06 10.84 21.23
N ASN B 390 9.48 9.60 21.43
CA ASN B 390 10.50 9.31 22.44
C ASN B 390 11.90 9.18 21.87
N PHE B 391 12.08 9.21 20.56
CA PHE B 391 13.39 9.28 19.91
C PHE B 391 13.52 10.57 19.12
N THR B 392 14.75 11.04 18.93
CA THR B 392 14.98 12.14 18.01
C THR B 392 14.89 11.62 16.58
N GLY B 393 14.06 12.25 15.75
CA GLY B 393 14.01 11.91 14.35
C GLY B 393 13.37 10.59 13.97
N ALA B 394 12.49 10.05 14.82
CA ALA B 394 11.77 8.84 14.43
C ALA B 394 10.88 9.11 13.23
N ALA B 395 10.78 8.12 12.34
CA ALA B 395 9.99 8.28 11.13
C ALA B 395 9.68 6.90 10.58
N ILE B 396 8.54 6.82 9.89
CA ILE B 396 8.10 5.56 9.30
C ILE B 396 9.15 4.99 8.37
N THR B 397 9.96 5.84 7.73
CA THR B 397 11.01 5.36 6.81
C THR B 397 12.20 4.75 7.54
N LYS B 398 12.42 5.10 8.80
CA LYS B 398 13.49 4.48 9.57
C LYS B 398 13.00 3.30 10.40
N GLY B 399 11.70 3.06 10.46
CA GLY B 399 11.17 1.87 11.09
C GLY B 399 10.77 2.07 12.54
N GLY B 400 10.30 0.99 13.12
CA GLY B 400 9.75 1.01 14.46
C GLY B 400 10.79 1.08 15.57
N PRO B 401 10.34 0.98 16.82
CA PRO B 401 8.92 0.75 17.12
C PRO B 401 8.07 2.03 17.22
N ARG B 402 6.87 2.02 16.64
CA ARG B 402 5.91 3.06 16.96
C ARG B 402 5.58 3.01 18.44
N GLU B 403 4.96 4.06 18.94
CA GLU B 403 4.52 4.06 20.32
C GLU B 403 3.05 3.70 20.39
N PRO B 404 2.68 2.47 20.76
CA PRO B 404 1.26 2.13 20.88
C PRO B 404 0.57 3.01 21.90
N TRP B 405 -0.75 3.13 21.74
CA TRP B 405 -1.58 4.09 22.47
C TRP B 405 -2.70 3.36 23.20
N HIS B 406 -2.51 3.08 24.50
CA HIS B 406 -3.57 2.49 25.31
C HIS B 406 -4.36 3.61 25.97
N ASP B 407 -5.67 3.58 25.85
CA ASP B 407 -6.46 4.68 26.37
C ASP B 407 -7.87 4.20 26.58
N ILE B 408 -8.66 5.03 27.11
CA ILE B 408 -10.03 4.67 27.47
C ILE B 408 -10.94 5.86 27.21
N HIS B 409 -12.10 5.60 26.62
CA HIS B 409 -13.09 6.62 26.29
C HIS B 409 -14.48 6.09 26.67
N SER B 410 -15.49 6.94 26.52
CA SER B 410 -16.85 6.57 26.84
C SER B 410 -17.80 7.38 25.98
N ARG B 411 -19.00 6.84 25.80
CA ARG B 411 -20.11 7.54 25.19
C ARG B 411 -21.23 7.60 26.22
N LEU B 412 -21.85 8.75 26.36
CA LEU B 412 -22.85 8.97 27.41
C LEU B 412 -24.19 9.34 26.76
N GLU B 413 -25.22 8.55 27.07
CA GLU B 413 -26.58 8.78 26.59
C GLU B 413 -27.51 8.97 27.77
N GLY B 414 -28.60 9.70 27.55
CA GLY B 414 -29.48 10.03 28.64
C GLY B 414 -29.22 11.45 29.08
N PRO B 415 -29.81 11.86 30.19
CA PRO B 415 -29.69 13.26 30.62
C PRO B 415 -28.25 13.73 30.78
N ILE B 416 -27.32 12.83 31.10
CA ILE B 416 -25.91 13.19 31.30
C ILE B 416 -25.31 13.82 30.05
N ALA B 417 -25.82 13.42 28.87
CA ALA B 417 -25.29 13.94 27.62
C ALA B 417 -25.48 15.45 27.50
N TRP B 418 -26.57 15.96 28.05
CA TRP B 418 -26.86 17.38 28.02
C TRP B 418 -25.96 18.18 28.94
N ASP B 419 -25.44 17.57 30.02
CA ASP B 419 -24.47 18.25 30.87
C ASP B 419 -23.15 18.47 30.13
N VAL B 420 -22.71 17.49 29.33
CA VAL B 420 -21.50 17.66 28.54
C VAL B 420 -21.71 18.76 27.52
N MET B 421 -22.84 18.72 26.82
CA MET B 421 -23.20 19.79 25.91
C MET B 421 -23.20 21.14 26.63
N TYR B 422 -23.70 21.18 27.87
CA TYR B 422 -23.79 22.44 28.58
C TYR B 422 -22.39 23.00 28.90
N ASN B 423 -21.46 22.12 29.30
CA ASN B 423 -20.07 22.53 29.46
C ASN B 423 -19.53 23.18 28.18
N PHE B 424 -19.85 22.61 27.03
CA PHE B 424 -19.44 23.24 25.79
C PHE B 424 -20.04 24.63 25.67
N GLU B 425 -21.34 24.77 25.97
CA GLU B 425 -21.99 26.07 25.84
C GLU B 425 -21.40 27.10 26.78
N GLN B 426 -21.08 26.71 28.01
CA GLN B 426 -20.43 27.63 28.94
C GLN B 426 -19.08 28.07 28.44
N ARG B 427 -18.37 27.20 27.76
CA ARG B 427 -17.04 27.53 27.28
C ARG B 427 -17.10 28.38 26.03
N TRP B 428 -17.99 28.03 25.10
CA TRP B 428 -18.22 28.84 23.91
C TRP B 428 -18.58 30.28 24.28
N SER B 429 -19.46 30.45 25.27
CA SER B 429 -19.87 31.78 25.66
C SER B 429 -18.72 32.61 26.23
N LYS B 430 -17.80 31.96 26.93
CA LYS B 430 -16.70 32.67 27.56
C LYS B 430 -15.50 32.86 26.65
N GLN B 431 -15.20 31.90 25.78
CA GLN B 431 -13.98 31.99 25.01
C GLN B 431 -14.19 31.57 23.57
N GLY B 432 -15.42 31.49 23.10
CA GLY B 432 -15.72 30.98 21.80
C GLY B 432 -15.88 32.07 20.76
N GLY B 433 -16.66 31.78 19.73
CA GLY B 433 -16.85 32.68 18.62
C GLY B 433 -18.13 33.48 18.74
N LYS B 434 -18.84 33.60 17.63
CA LYS B 434 -20.05 34.41 17.58
C LYS B 434 -21.22 33.67 18.22
N ASP B 435 -22.33 34.38 18.39
CA ASP B 435 -23.52 33.86 19.03
C ASP B 435 -24.19 32.82 18.15
N ILE B 436 -23.54 31.69 17.91
CA ILE B 436 -24.10 30.72 16.97
C ILE B 436 -24.30 29.34 17.59
N LEU B 437 -24.30 29.26 18.93
CA LEU B 437 -24.80 28.06 19.57
C LEU B 437 -26.22 27.77 19.13
N VAL B 438 -26.54 26.49 18.97
CA VAL B 438 -27.90 26.07 18.68
C VAL B 438 -28.78 26.32 19.90
N LYS B 439 -29.95 26.91 19.68
CA LYS B 439 -30.88 27.24 20.76
C LYS B 439 -31.87 26.08 20.91
N LEU B 440 -31.73 25.32 21.97
CA LEU B 440 -32.59 24.16 22.12
C LEU B 440 -34.05 24.56 22.33
N ARG B 441 -34.29 25.70 22.99
CA ARG B 441 -35.65 26.19 23.18
C ARG B 441 -36.38 26.33 21.85
N ASP B 442 -35.66 26.61 20.77
CA ASP B 442 -36.25 26.77 19.46
C ASP B 442 -36.36 25.46 18.71
N LEU B 443 -35.87 24.36 19.26
CA LEU B 443 -36.02 23.05 18.63
C LEU B 443 -36.73 22.07 19.55
N SER B 444 -37.53 22.57 20.49
CA SER B 444 -38.18 21.73 21.49
C SER B 444 -39.18 20.77 20.89
N ASP B 445 -39.49 20.89 19.60
CA ASP B 445 -40.33 19.94 18.91
C ASP B 445 -39.52 18.93 18.11
N ILE B 446 -38.20 19.00 18.18
CA ILE B 446 -37.35 18.08 17.43
C ILE B 446 -36.36 17.38 18.35
N ILE B 447 -35.57 18.16 19.08
CA ILE B 447 -34.66 17.62 20.09
C ILE B 447 -35.38 17.64 21.43
N ILE B 448 -35.56 16.47 22.02
CA ILE B 448 -36.29 16.35 23.28
C ILE B 448 -35.53 17.01 24.42
N THR B 449 -36.21 17.19 25.54
CA THR B 449 -35.60 17.63 26.78
C THR B 449 -34.72 16.51 27.32
N PRO B 450 -33.78 16.81 28.24
CA PRO B 450 -32.87 15.77 28.73
C PRO B 450 -33.61 14.56 29.30
N SER B 451 -33.56 13.42 28.64
CA SER B 451 -34.49 12.32 28.91
C SER B 451 -33.80 10.97 29.04
N PRO B 452 -34.30 10.12 29.92
CA PRO B 452 -33.77 8.76 30.04
C PRO B 452 -33.86 8.00 28.72
N VAL B 453 -32.85 7.15 28.47
CA VAL B 453 -32.92 6.20 27.38
C VAL B 453 -33.31 4.81 27.87
N MET B 454 -33.59 4.65 29.16
CA MET B 454 -34.09 3.39 29.68
C MET B 454 -34.95 3.66 30.89
N PHE B 455 -35.87 2.74 31.18
CA PHE B 455 -36.58 2.83 32.43
C PHE B 455 -35.65 2.48 33.58
N GLN B 456 -35.87 3.11 34.73
CA GLN B 456 -34.94 2.95 35.84
C GLN B 456 -34.91 1.52 36.34
N GLU B 457 -35.89 0.71 35.99
CA GLU B 457 -35.97 -0.66 36.43
C GLU B 457 -35.20 -1.60 35.51
N ASP B 458 -34.83 -1.15 34.32
CA ASP B 458 -34.01 -1.97 33.44
C ASP B 458 -32.65 -2.15 34.08
N HIS B 459 -32.17 -3.40 34.15
CA HIS B 459 -30.91 -3.73 34.81
C HIS B 459 -29.69 -3.17 34.10
N ASP B 460 -29.80 -2.75 32.85
CA ASP B 460 -28.69 -2.18 32.13
C ASP B 460 -28.52 -0.68 32.37
N VAL B 461 -29.41 -0.06 33.14
CA VAL B 461 -29.44 1.39 33.28
C VAL B 461 -28.25 1.87 34.12
N TRP B 462 -27.82 3.09 33.84
CA TRP B 462 -26.69 3.74 34.49
C TRP B 462 -27.19 4.97 35.23
N ASN B 463 -26.60 5.24 36.39
CA ASN B 463 -26.63 6.56 37.00
C ASN B 463 -25.25 7.20 36.82
N VAL B 464 -25.20 8.41 36.24
CA VAL B 464 -23.95 9.06 35.84
C VAL B 464 -23.95 10.52 36.31
N GLN B 465 -22.76 11.00 36.67
CA GLN B 465 -22.58 12.35 37.19
C GLN B 465 -21.37 12.97 36.50
N LEU B 466 -21.51 14.18 35.99
CA LEU B 466 -20.43 14.86 35.29
C LEU B 466 -19.61 15.73 36.24
N PHE B 467 -18.30 15.73 36.03
CA PHE B 467 -17.35 16.40 36.90
C PHE B 467 -16.36 17.18 36.05
N ARG B 468 -15.74 18.18 36.64
CA ARG B 468 -14.88 19.06 35.86
C ARG B 468 -13.74 19.61 36.69
N SER B 469 -12.70 20.03 35.97
CA SER B 469 -11.74 21.02 36.43
C SER B 469 -11.81 22.19 35.46
N ILE B 470 -12.27 23.34 35.94
CA ILE B 470 -12.51 24.50 35.09
C ILE B 470 -12.77 25.70 36.00
N ASP B 471 -12.45 26.91 35.55
CA ASP B 471 -12.70 28.06 36.40
C ASP B 471 -13.49 29.10 35.64
N GLY B 472 -13.84 30.19 36.32
CA GLY B 472 -14.67 31.21 35.73
C GLY B 472 -14.02 31.96 34.58
N GLY B 473 -12.71 31.81 34.40
CA GLY B 473 -12.07 32.37 33.23
C GLY B 473 -12.30 31.60 31.95
N ALA B 474 -12.72 30.34 32.05
CA ALA B 474 -12.92 29.50 30.88
C ALA B 474 -14.37 29.17 30.60
N ALA B 475 -15.25 29.29 31.59
CA ALA B 475 -16.64 28.91 31.46
C ALA B 475 -17.52 29.98 32.10
N ALA B 476 -18.54 30.41 31.37
CA ALA B 476 -19.50 31.40 31.84
C ALA B 476 -20.65 30.73 32.56
N GLY B 477 -21.31 31.48 33.44
CA GLY B 477 -22.50 30.98 34.11
C GLY B 477 -22.26 30.23 35.40
N PHE B 478 -21.18 30.51 36.08
CA PHE B 478 -20.99 29.97 37.42
C PHE B 478 -21.70 30.86 38.44
N PRO B 479 -22.12 30.29 39.57
CA PRO B 479 -22.73 31.10 40.62
C PRO B 479 -21.77 32.14 41.17
N GLU B 480 -22.33 33.25 41.66
CA GLU B 480 -21.53 34.38 42.08
C GLU B 480 -21.41 34.51 43.59
N SER B 481 -22.53 34.48 44.31
CA SER B 481 -22.48 34.59 45.75
C SER B 481 -21.62 33.47 46.33
N PRO B 482 -20.96 33.70 47.46
CA PRO B 482 -20.14 32.62 48.02
C PRO B 482 -20.98 31.44 48.45
N GLU B 483 -22.21 31.69 48.88
CA GLU B 483 -23.06 30.59 49.36
C GLU B 483 -23.48 29.70 48.22
N ALA B 484 -23.71 30.29 47.05
CA ALA B 484 -24.10 29.51 45.89
C ALA B 484 -22.91 28.72 45.34
N ALA B 485 -21.72 29.31 45.43
CA ALA B 485 -20.51 28.60 45.06
C ALA B 485 -20.27 27.42 45.98
N ALA B 486 -20.33 27.65 47.30
CA ALA B 486 -20.01 26.59 48.24
C ALA B 486 -20.97 25.42 48.12
N GLU B 487 -22.22 25.67 47.73
CA GLU B 487 -23.16 24.58 47.54
C GLU B 487 -22.78 23.73 46.34
N ALA B 488 -22.24 24.34 45.30
CA ALA B 488 -21.74 23.63 44.13
C ALA B 488 -20.32 23.15 44.32
N GLY B 489 -19.76 23.30 45.51
CA GLY B 489 -18.42 22.82 45.75
C GLY B 489 -17.33 23.68 45.17
N LEU B 490 -17.68 24.84 44.64
CA LEU B 490 -16.69 25.70 44.01
C LEU B 490 -15.93 26.47 45.08
N VAL B 491 -14.68 26.80 44.77
CA VAL B 491 -13.79 27.50 45.69
C VAL B 491 -13.26 28.76 45.04
N SER B 492 -12.90 29.74 45.86
CA SER B 492 -12.38 31.01 45.35
C SER B 492 -10.92 30.85 44.98
N GLY B 493 -10.55 31.38 43.83
CA GLY B 493 -9.16 31.43 43.42
C GLY B 493 -8.57 32.81 43.62
N LYS B 494 -7.52 33.10 42.86
CA LYS B 494 -6.94 34.43 42.89
C LYS B 494 -7.87 35.43 42.21
N ASP B 495 -8.22 35.17 40.94
CA ASP B 495 -9.06 36.06 40.17
C ASP B 495 -10.34 35.42 39.65
N ASN B 496 -10.52 34.10 39.81
CA ASN B 496 -11.69 33.42 39.27
C ASN B 496 -12.22 32.42 40.28
N ILE B 497 -13.47 32.03 40.10
CA ILE B 497 -14.08 30.97 40.89
C ILE B 497 -13.73 29.64 40.24
N ILE B 498 -13.61 28.57 41.02
CA ILE B 498 -12.93 27.35 40.59
C ILE B 498 -13.82 26.15 40.81
N ASP B 499 -13.98 25.34 39.77
CA ASP B 499 -14.68 24.07 39.85
C ASP B 499 -13.65 22.95 39.92
N ARG B 500 -13.65 22.20 41.02
CA ARG B 500 -12.70 21.12 41.22
C ARG B 500 -13.42 19.83 41.52
N SER B 501 -14.54 19.61 40.83
CA SER B 501 -15.35 18.44 41.12
C SER B 501 -14.72 17.14 40.64
N ILE B 502 -13.72 17.20 39.75
CA ILE B 502 -13.03 15.96 39.40
C ILE B 502 -12.23 15.45 40.60
N GLN B 503 -11.50 16.34 41.28
CA GLN B 503 -10.80 15.90 42.47
C GLN B 503 -11.77 15.34 43.51
N ASP B 504 -12.85 16.10 43.78
CA ASP B 504 -13.86 15.68 44.76
C ASP B 504 -14.42 14.31 44.42
N ALA B 505 -14.79 14.10 43.15
CA ALA B 505 -15.33 12.81 42.74
C ALA B 505 -14.32 11.69 42.99
N TYR B 506 -13.04 11.93 42.73
CA TYR B 506 -12.02 10.93 43.01
C TYR B 506 -11.95 10.65 44.50
N ILE B 507 -11.95 11.71 45.31
CA ILE B 507 -11.85 11.55 46.76
C ILE B 507 -12.98 10.70 47.30
N HIS B 508 -14.23 11.06 46.97
CA HIS B 508 -15.37 10.27 47.42
C HIS B 508 -15.31 8.84 46.93
N ALA B 509 -14.82 8.61 45.71
CA ALA B 509 -14.80 7.26 45.16
C ALA B 509 -13.80 6.38 45.90
N ILE B 510 -12.68 6.95 46.31
CA ILE B 510 -11.70 6.21 47.10
C ILE B 510 -12.24 5.99 48.51
N ARG B 511 -12.80 7.03 49.12
CA ARG B 511 -13.24 6.92 50.51
C ARG B 511 -14.28 5.81 50.68
N ARG B 512 -15.19 5.65 49.73
CA ARG B 512 -16.20 4.63 49.93
C ARG B 512 -15.77 3.26 49.39
N ALA B 513 -14.55 3.13 48.89
CA ALA B 513 -14.05 1.84 48.42
C ALA B 513 -14.01 0.82 49.54
N LYS B 514 -14.37 -0.43 49.23
CA LYS B 514 -14.31 -1.46 50.26
C LYS B 514 -13.58 -2.72 49.84
N ASP B 515 -13.30 -2.93 48.56
CA ASP B 515 -12.68 -4.18 48.12
C ASP B 515 -11.37 -3.95 47.37
N PHE B 516 -11.39 -3.16 46.28
CA PHE B 516 -10.17 -2.88 45.55
C PHE B 516 -10.33 -1.62 44.72
N ILE B 517 -9.21 -1.02 44.38
CA ILE B 517 -9.17 0.08 43.43
C ILE B 517 -8.22 -0.28 42.30
N TYR B 518 -8.63 -0.01 41.06
CA TYR B 518 -7.79 -0.22 39.89
C TYR B 518 -7.70 1.08 39.13
N VAL B 519 -6.48 1.60 38.98
CA VAL B 519 -6.22 2.87 38.33
C VAL B 519 -5.40 2.60 37.08
N GLU B 520 -5.79 3.23 35.97
CA GLU B 520 -4.89 3.44 34.84
C GLU B 520 -4.79 4.94 34.66
N ASN B 521 -3.58 5.48 34.71
CA ASN B 521 -3.46 6.93 34.52
C ASN B 521 -2.08 7.26 33.97
N GLN B 522 -2.04 8.32 33.16
CA GLN B 522 -0.80 8.79 32.52
C GLN B 522 0.17 9.38 33.54
N TYR B 523 -0.35 10.03 34.57
CA TYR B 523 0.50 10.53 35.64
C TYR B 523 0.07 9.91 36.94
N PHE B 524 0.98 9.86 37.89
CA PHE B 524 0.58 9.49 39.24
C PHE B 524 1.51 10.19 40.21
N LEU B 525 1.10 11.35 40.69
CA LEU B 525 1.89 12.16 41.59
C LEU B 525 0.96 13.14 42.30
N GLY B 526 1.32 13.51 43.51
CA GLY B 526 0.52 14.47 44.24
C GLY B 526 0.57 14.20 45.74
N SER B 527 -0.27 14.96 46.45
CA SER B 527 -0.27 15.01 47.91
C SER B 527 1.08 15.45 48.45
N SER B 528 1.68 16.45 47.81
CA SER B 528 3.04 16.82 48.16
C SER B 528 3.16 17.38 49.56
N PHE B 529 2.08 17.87 50.16
CA PHE B 529 2.16 18.29 51.54
C PHE B 529 2.68 17.17 52.45
N ALA B 530 2.51 15.92 52.04
CA ALA B 530 2.89 14.79 52.87
C ALA B 530 4.19 14.14 52.40
N TRP B 531 4.88 14.72 51.42
CA TRP B 531 6.16 14.18 51.02
C TRP B 531 7.23 14.45 52.06
N ALA B 532 8.26 13.60 52.06
CA ALA B 532 9.42 13.81 52.91
C ALA B 532 10.28 14.92 52.36
N ALA B 533 10.79 15.74 53.26
CA ALA B 533 11.60 16.89 52.85
C ALA B 533 13.04 16.47 52.65
N ASP B 534 13.28 15.62 51.65
CA ASP B 534 14.66 15.21 51.38
C ASP B 534 15.10 15.85 50.08
N GLY B 535 15.92 16.88 50.20
CA GLY B 535 16.34 17.63 49.05
C GLY B 535 15.32 18.58 48.51
N ILE B 536 14.10 18.58 49.06
CA ILE B 536 13.09 19.55 48.66
C ILE B 536 12.51 20.17 49.92
N THR B 537 11.90 21.33 49.74
CA THR B 537 11.05 21.92 50.77
C THR B 537 9.60 21.63 50.36
N PRO B 538 8.97 20.59 50.88
CA PRO B 538 7.74 20.10 50.23
C PRO B 538 6.62 21.12 50.20
N GLU B 539 6.62 22.13 51.07
CA GLU B 539 5.65 23.21 50.92
C GLU B 539 5.82 23.95 49.61
N ASP B 540 6.98 23.84 48.95
CA ASP B 540 7.22 24.57 47.72
C ASP B 540 6.64 23.89 46.48
N ILE B 541 6.30 22.61 46.58
CA ILE B 541 5.86 21.87 45.39
C ILE B 541 4.43 22.24 45.00
N ASN B 542 3.52 22.26 45.97
CA ASN B 542 2.12 22.66 45.76
C ASN B 542 1.35 21.70 44.86
N ALA B 543 1.68 20.41 44.93
CA ALA B 543 0.82 19.38 44.36
C ALA B 543 -0.10 18.86 45.47
N LEU B 544 -1.03 19.72 45.90
CA LEU B 544 -1.77 19.52 47.14
C LEU B 544 -2.99 18.60 47.00
N HIS B 545 -3.39 18.23 45.79
CA HIS B 545 -4.52 17.33 45.62
C HIS B 545 -4.28 16.03 46.41
N LEU B 546 -5.37 15.37 46.76
CA LEU B 546 -5.33 14.35 47.81
C LEU B 546 -5.31 12.91 47.32
N ILE B 547 -5.39 12.65 46.02
CA ILE B 547 -5.63 11.29 45.56
C ILE B 547 -4.59 10.30 46.08
N PRO B 548 -3.28 10.53 45.97
CA PRO B 548 -2.34 9.51 46.48
C PRO B 548 -2.45 9.28 47.97
N LYS B 549 -2.74 10.33 48.75
CA LYS B 549 -2.79 10.15 50.19
C LYS B 549 -4.09 9.47 50.63
N GLU B 550 -5.18 9.74 49.92
CA GLU B 550 -6.42 9.04 50.19
C GLU B 550 -6.29 7.57 49.86
N LEU B 551 -5.49 7.22 48.86
CA LEU B 551 -5.33 5.82 48.52
C LEU B 551 -4.59 5.09 49.64
N SER B 552 -3.45 5.64 50.07
CA SER B 552 -2.65 4.98 51.11
C SER B 552 -3.36 5.02 52.47
N LEU B 553 -4.05 6.12 52.80
CA LEU B 553 -4.83 6.15 54.04
C LEU B 553 -5.99 5.16 53.99
N LYS B 554 -6.61 4.98 52.83
CA LYS B 554 -7.61 3.94 52.70
C LYS B 554 -7.00 2.59 52.95
N ILE B 555 -5.84 2.34 52.36
CA ILE B 555 -5.12 1.10 52.57
C ILE B 555 -4.79 0.93 54.05
N VAL B 556 -4.29 1.99 54.68
CA VAL B 556 -3.95 1.93 56.10
C VAL B 556 -5.18 1.54 56.92
N SER B 557 -6.34 2.11 56.59
CA SER B 557 -7.51 1.85 57.41
C SER B 557 -7.95 0.40 57.30
N LYS B 558 -7.78 -0.20 56.11
CA LYS B 558 -8.17 -1.60 55.95
C LYS B 558 -7.20 -2.53 56.67
N ILE B 559 -5.90 -2.23 56.62
CA ILE B 559 -4.93 -2.98 57.41
C ILE B 559 -5.31 -2.96 58.88
N GLU B 560 -5.74 -1.80 59.38
CA GLU B 560 -6.15 -1.66 60.78
C GLU B 560 -7.37 -2.52 61.10
N LYS B 561 -8.41 -2.46 60.29
CA LYS B 561 -9.65 -3.18 60.53
C LYS B 561 -9.56 -4.68 60.27
N GLY B 562 -8.45 -5.18 59.75
CA GLY B 562 -8.44 -6.58 59.39
C GLY B 562 -9.32 -6.97 58.22
N GLU B 563 -9.36 -6.14 57.17
CA GLU B 563 -10.19 -6.41 56.01
C GLU B 563 -9.36 -6.36 54.73
N LYS B 564 -9.65 -7.27 53.81
CA LYS B 564 -8.84 -7.36 52.60
C LYS B 564 -9.13 -6.18 51.69
N PHE B 565 -8.07 -5.70 51.03
CA PHE B 565 -8.16 -4.54 50.16
C PHE B 565 -6.87 -4.38 49.38
N ARG B 566 -6.97 -4.10 48.08
CA ARG B 566 -5.82 -4.00 47.20
C ARG B 566 -5.97 -2.80 46.27
N VAL B 567 -4.86 -2.11 46.01
CA VAL B 567 -4.81 -1.01 45.05
C VAL B 567 -3.81 -1.37 43.96
N TYR B 568 -4.27 -1.40 42.72
CA TYR B 568 -3.44 -1.62 41.55
C TYR B 568 -3.38 -0.34 40.74
N VAL B 569 -2.18 0.09 40.32
CA VAL B 569 -2.00 1.33 39.56
C VAL B 569 -1.19 1.05 38.32
N VAL B 570 -1.71 1.44 37.16
CA VAL B 570 -0.99 1.29 35.90
C VAL B 570 -0.63 2.68 35.40
N VAL B 571 0.68 2.92 35.22
CA VAL B 571 1.21 4.19 34.71
C VAL B 571 2.04 3.88 33.47
N PRO B 572 2.33 4.86 32.64
CA PRO B 572 3.25 4.60 31.54
C PRO B 572 4.65 4.39 32.10
N MET B 573 5.47 3.66 31.34
CA MET B 573 6.85 3.46 31.75
C MET B 573 7.53 4.80 32.02
N TRP B 574 7.38 5.74 31.11
CA TRP B 574 7.72 7.13 31.39
C TRP B 574 6.74 8.03 30.65
N PRO B 575 6.48 9.22 31.15
CA PRO B 575 5.58 10.13 30.43
C PRO B 575 6.19 10.55 29.11
N GLU B 576 5.36 10.53 28.06
CA GLU B 576 5.78 10.73 26.68
C GLU B 576 6.77 11.89 26.52
N GLY B 577 7.85 11.61 25.78
CA GLY B 577 8.90 12.57 25.54
C GLY B 577 10.24 11.87 25.58
N LEU B 578 11.30 12.58 25.24
CA LEU B 578 12.62 11.98 25.36
C LEU B 578 12.86 11.69 26.83
N PRO B 579 13.19 10.45 27.21
CA PRO B 579 13.17 10.11 28.63
C PRO B 579 14.24 10.79 29.46
N GLU B 580 15.31 11.30 28.85
CA GLU B 580 16.34 12.08 29.55
C GLU B 580 16.01 13.55 29.67
N SER B 581 15.00 14.04 28.95
CA SER B 581 14.66 15.45 28.97
C SER B 581 14.34 15.91 30.39
N GLY B 582 14.53 17.20 30.65
CA GLY B 582 14.32 17.70 32.00
C GLY B 582 12.90 17.47 32.47
N SER B 583 11.95 17.61 31.55
CA SER B 583 10.55 17.42 31.88
C SER B 583 10.29 16.01 32.39
N VAL B 584 10.62 15.01 31.57
CA VAL B 584 10.30 13.65 31.93
C VAL B 584 10.99 13.29 33.22
N GLN B 585 12.24 13.72 33.38
CA GLN B 585 12.97 13.35 34.58
C GLN B 585 12.37 14.01 35.82
N ALA B 586 11.89 15.25 35.70
CA ALA B 586 11.25 15.89 36.84
C ALA B 586 9.99 15.13 37.27
N ILE B 587 9.17 14.73 36.31
CA ILE B 587 7.96 14.00 36.61
C ILE B 587 8.27 12.66 37.25
N LEU B 588 9.22 11.89 36.68
CA LEU B 588 9.55 10.60 37.28
C LEU B 588 10.00 10.77 38.72
N ASP B 589 10.52 11.94 39.08
CA ASP B 589 10.96 12.20 40.44
C ASP B 589 9.77 12.54 41.36
N TRP B 590 8.81 13.32 40.86
CA TRP B 590 7.58 13.53 41.61
C TRP B 590 6.84 12.22 41.84
N GLN B 591 6.78 11.38 40.81
CA GLN B 591 6.14 10.07 40.94
C GLN B 591 6.88 9.19 41.94
N ARG B 592 8.22 9.21 41.92
CA ARG B 592 8.98 8.43 42.90
C ARG B 592 8.68 8.90 44.32
N ARG B 593 8.65 10.21 44.53
CA ARG B 593 8.40 10.72 45.87
C ARG B 593 6.99 10.39 46.33
N THR B 594 6.06 10.28 45.40
CA THR B 594 4.69 9.92 45.73
C THR B 594 4.57 8.44 46.11
N MET B 595 5.17 7.56 45.30
CA MET B 595 5.19 6.15 45.66
C MET B 595 5.84 5.97 47.02
N GLU B 596 6.96 6.65 47.23
CA GLU B 596 7.70 6.52 48.48
C GLU B 596 6.85 6.91 49.66
N MET B 597 6.15 8.04 49.55
CA MET B 597 5.26 8.47 50.64
C MET B 597 4.20 7.43 50.92
N MET B 598 3.58 6.91 49.87
CA MET B 598 2.52 5.92 50.04
C MET B 598 3.08 4.62 50.61
N TYR B 599 4.20 4.13 50.08
CA TYR B 599 4.74 2.87 50.58
C TYR B 599 5.17 3.01 52.03
N LYS B 600 5.55 4.20 52.48
CA LYS B 600 5.89 4.35 53.87
C LYS B 600 4.65 4.30 54.76
N ASP B 601 3.56 4.91 54.29
CA ASP B 601 2.27 4.78 54.98
C ASP B 601 1.89 3.33 55.19
N VAL B 602 1.90 2.53 54.12
CA VAL B 602 1.48 1.13 54.19
C VAL B 602 2.40 0.34 55.10
N ILE B 603 3.70 0.60 55.00
CA ILE B 603 4.67 -0.18 55.78
C ILE B 603 4.51 0.13 57.26
N GLN B 604 4.35 1.40 57.62
CA GLN B 604 4.21 1.75 59.02
C GLN B 604 2.92 1.21 59.60
N ALA B 605 1.90 1.05 58.77
CA ALA B 605 0.66 0.47 59.26
C ALA B 605 0.84 -1.04 59.51
N LEU B 606 1.46 -1.74 58.57
CA LEU B 606 1.76 -3.15 58.81
C LEU B 606 2.55 -3.32 60.09
N ARG B 607 3.67 -2.58 60.21
CA ARG B 607 4.49 -2.67 61.41
C ARG B 607 3.70 -2.30 62.67
N ALA B 608 2.71 -1.41 62.56
CA ALA B 608 1.91 -1.07 63.72
C ALA B 608 1.04 -2.23 64.18
N GLN B 609 0.64 -3.12 63.28
CA GLN B 609 -0.10 -4.32 63.67
C GLN B 609 0.81 -5.52 63.82
N GLY B 610 2.13 -5.30 63.83
CA GLY B 610 3.03 -6.40 64.02
C GLY B 610 2.96 -7.42 62.91
N LEU B 611 2.61 -6.99 61.70
CA LEU B 611 2.53 -7.88 60.55
C LEU B 611 3.78 -7.65 59.71
N GLU B 612 4.15 -8.66 58.94
CA GLU B 612 5.32 -8.56 58.07
C GLU B 612 4.97 -9.13 56.72
N GLU B 613 4.61 -8.25 55.80
CA GLU B 613 4.23 -8.64 54.47
C GLU B 613 4.92 -7.75 53.46
N ASP B 614 4.97 -8.24 52.25
CA ASP B 614 5.32 -7.47 51.09
C ASP B 614 4.26 -6.38 50.98
N PRO B 615 4.60 -5.11 51.23
CA PRO B 615 3.60 -4.05 51.03
C PRO B 615 3.10 -4.01 49.61
N ARG B 616 3.80 -4.66 48.69
CA ARG B 616 3.34 -4.74 47.32
C ARG B 616 2.15 -5.65 47.16
N ASN B 617 1.82 -6.44 48.17
CA ASN B 617 0.57 -7.18 48.21
C ASN B 617 -0.60 -6.32 48.67
N TYR B 618 -0.37 -5.03 48.93
CA TYR B 618 -1.40 -4.04 49.23
C TYR B 618 -1.45 -2.92 48.21
N LEU B 619 -0.29 -2.46 47.74
CA LEU B 619 -0.20 -1.39 46.76
C LEU B 619 0.84 -1.79 45.73
N THR B 620 0.41 -1.89 44.48
CA THR B 620 1.28 -2.44 43.46
C THR B 620 1.17 -1.61 42.19
N PHE B 621 2.32 -1.31 41.58
CA PHE B 621 2.42 -0.40 40.45
C PHE B 621 2.88 -1.16 39.23
N PHE B 622 2.39 -0.74 38.06
CA PHE B 622 2.69 -1.43 36.81
C PHE B 622 2.86 -0.42 35.70
N CYS B 623 3.50 -0.85 34.62
CA CYS B 623 3.39 -0.16 33.35
C CYS B 623 3.13 -1.19 32.27
N LEU B 624 3.06 -0.74 31.03
CA LEU B 624 2.74 -1.61 29.93
C LEU B 624 3.90 -1.67 28.95
N GLY B 625 4.07 -2.81 28.30
CA GLY B 625 5.05 -2.91 27.23
C GLY B 625 4.71 -4.01 26.25
N ASN B 626 5.23 -3.86 25.04
CA ASN B 626 5.15 -4.93 24.08
C ASN B 626 6.55 -5.29 23.60
N ARG B 627 6.66 -6.51 23.07
CA ARG B 627 7.88 -7.03 22.47
C ARG B 627 7.50 -8.11 21.46
N GLU B 628 7.91 -7.92 20.20
CA GLU B 628 7.48 -8.79 19.09
C GLU B 628 8.67 -9.36 18.33
N VAL B 629 8.63 -10.68 18.04
CA VAL B 629 9.67 -11.24 17.20
C VAL B 629 9.45 -10.79 15.76
N LYS B 630 10.51 -10.81 14.96
CA LYS B 630 10.44 -10.35 13.59
C LYS B 630 10.06 -11.51 12.68
N LYS B 631 8.95 -11.36 11.96
CA LYS B 631 8.43 -12.42 11.11
C LYS B 631 8.59 -12.05 9.64
N ASP B 632 8.33 -13.04 8.80
CA ASP B 632 8.45 -12.86 7.36
C ASP B 632 7.25 -12.08 6.83
N GLY B 633 7.52 -11.06 6.02
CA GLY B 633 6.49 -10.17 5.54
C GLY B 633 6.26 -8.95 6.38
N GLU B 634 6.97 -8.81 7.50
CA GLU B 634 6.92 -7.57 8.23
C GLU B 634 7.50 -6.45 7.39
N TYR B 635 6.85 -5.31 7.45
CA TYR B 635 7.30 -4.10 6.79
C TYR B 635 8.81 -3.90 6.94
N GLU B 636 9.45 -3.48 5.87
CA GLU B 636 10.90 -3.24 5.86
C GLU B 636 11.20 -1.78 5.56
N PRO B 637 11.63 -0.99 6.54
CA PRO B 637 11.93 0.41 6.28
C PRO B 637 13.11 0.59 5.35
N ALA B 638 13.10 1.70 4.62
CA ALA B 638 14.16 1.97 3.64
C ALA B 638 15.45 2.38 4.34
N GLU B 639 15.33 3.17 5.39
CA GLU B 639 16.45 3.70 6.14
C GLU B 639 16.47 3.08 7.52
N LYS B 640 17.39 3.55 8.35
CA LYS B 640 17.49 2.98 9.69
C LYS B 640 17.99 4.07 10.61
N PRO B 641 17.85 3.89 11.93
CA PRO B 641 18.30 4.92 12.87
C PRO B 641 19.82 5.03 12.92
N ASP B 642 20.29 6.14 13.47
CA ASP B 642 21.72 6.34 13.65
C ASP B 642 22.27 5.28 14.62
N PRO B 643 23.57 5.02 14.58
CA PRO B 643 24.05 3.74 15.12
C PRO B 643 23.94 3.63 16.63
N ASP B 644 24.11 4.70 17.39
CA ASP B 644 24.16 4.48 18.82
C ASP B 644 23.09 5.31 19.53
N THR B 645 21.82 5.06 19.19
CA THR B 645 20.73 5.83 19.73
C THR B 645 19.72 4.91 20.39
N ASP B 646 18.90 5.48 21.28
CA ASP B 646 17.75 4.76 21.81
C ASP B 646 16.91 4.20 20.68
N TYR B 647 16.69 5.01 19.65
CA TYR B 647 15.96 4.58 18.47
C TYR B 647 16.51 3.24 17.98
N MET B 648 17.80 3.21 17.68
CA MET B 648 18.41 2.00 17.17
C MET B 648 18.38 0.89 18.22
N ARG B 649 18.55 1.23 19.49
CA ARG B 649 18.54 0.18 20.49
C ARG B 649 17.16 -0.46 20.61
N ALA B 650 16.11 0.35 20.59
CA ALA B 650 14.76 -0.18 20.67
C ALA B 650 14.39 -1.00 19.45
N GLN B 651 14.81 -0.54 18.27
CA GLN B 651 14.43 -1.22 17.03
C GLN B 651 15.00 -2.63 16.97
N GLU B 652 16.21 -2.81 17.50
CA GLU B 652 16.86 -4.13 17.49
C GLU B 652 16.45 -5.00 18.65
N ALA B 653 16.19 -4.42 19.81
CA ALA B 653 15.63 -5.20 20.90
C ALA B 653 14.19 -5.62 20.62
N ARG B 654 13.56 -5.04 19.60
CA ARG B 654 12.19 -5.36 19.23
C ARG B 654 11.18 -5.05 20.34
N ARG B 655 11.41 -4.01 21.14
CA ARG B 655 10.58 -3.77 22.30
C ARG B 655 10.36 -2.28 22.51
N PHE B 656 9.25 -1.95 23.16
CA PHE B 656 8.98 -0.60 23.62
C PHE B 656 7.76 -0.61 24.53
N MET B 657 7.61 0.46 25.31
CA MET B 657 6.45 0.59 26.15
C MET B 657 5.17 0.74 25.33
N ILE B 658 4.06 0.29 25.89
CA ILE B 658 2.74 0.69 25.40
C ILE B 658 2.31 1.88 26.21
N TYR B 659 2.03 3.00 25.54
CA TYR B 659 1.80 4.22 26.29
C TYR B 659 0.45 4.16 27.00
N VAL B 660 0.47 4.46 28.30
CA VAL B 660 -0.76 4.53 29.08
C VAL B 660 -1.22 5.99 29.09
N HIS B 661 -2.13 6.32 28.18
CA HIS B 661 -2.73 7.64 28.18
C HIS B 661 -4.07 7.68 28.89
N THR B 662 -4.56 6.51 29.33
CA THR B 662 -5.78 6.38 30.11
C THR B 662 -5.84 7.39 31.26
N LYS B 663 -7.05 7.88 31.55
CA LYS B 663 -7.38 8.60 32.79
C LYS B 663 -8.63 7.95 33.36
N MET B 664 -8.46 6.87 34.12
CA MET B 664 -9.60 6.04 34.48
C MET B 664 -9.40 5.40 35.85
N MET B 665 -10.49 5.22 36.59
CA MET B 665 -10.41 4.49 37.85
C MET B 665 -11.64 3.62 38.04
N ILE B 666 -11.41 2.36 38.40
CA ILE B 666 -12.49 1.43 38.69
C ILE B 666 -12.41 1.08 40.17
N VAL B 667 -13.55 1.13 40.85
CA VAL B 667 -13.63 0.82 42.27
C VAL B 667 -14.63 -0.31 42.48
N ASP B 668 -14.19 -1.38 43.14
CA ASP B 668 -15.05 -2.45 43.62
C ASP B 668 -15.86 -3.12 42.52
N ASP B 669 -15.43 -3.01 41.26
CA ASP B 669 -16.19 -3.55 40.12
C ASP B 669 -17.59 -2.95 39.99
N GLU B 670 -17.87 -1.82 40.65
CA GLU B 670 -19.19 -1.22 40.63
C GLU B 670 -19.22 0.26 40.26
N TYR B 671 -18.11 0.99 40.35
CA TYR B 671 -18.09 2.41 40.04
C TYR B 671 -16.87 2.73 39.22
N ILE B 672 -17.02 3.60 38.23
CA ILE B 672 -15.96 3.90 37.28
C ILE B 672 -15.95 5.40 37.00
N ILE B 673 -14.74 5.96 36.90
CA ILE B 673 -14.50 7.32 36.45
C ILE B 673 -13.67 7.25 35.18
N ILE B 674 -14.16 7.86 34.10
CA ILE B 674 -13.42 7.98 32.85
C ILE B 674 -13.41 9.45 32.43
N GLY B 675 -12.25 9.98 32.10
CA GLY B 675 -12.22 11.37 31.72
C GLY B 675 -10.89 11.76 31.11
N SER B 676 -10.60 13.05 31.13
CA SER B 676 -9.34 13.56 30.64
C SER B 676 -8.37 13.90 31.76
N ALA B 677 -8.78 13.74 33.02
CA ALA B 677 -8.00 14.27 34.14
C ALA B 677 -6.96 13.26 34.61
N ASN B 678 -5.70 13.65 34.55
CA ASN B 678 -4.58 12.89 35.08
C ASN B 678 -4.50 13.06 36.59
N ILE B 679 -3.79 12.13 37.23
CA ILE B 679 -3.49 12.22 38.66
C ILE B 679 -2.19 13.03 38.78
N ASN B 680 -2.33 14.35 38.61
CA ASN B 680 -1.29 15.32 38.93
C ASN B 680 -1.98 16.61 39.30
N GLN B 681 -1.23 17.58 39.80
CA GLN B 681 -1.86 18.85 40.19
C GLN B 681 -2.40 19.62 38.99
N ARG B 682 -1.80 19.46 37.82
CA ARG B 682 -2.25 20.20 36.64
C ARG B 682 -3.70 19.87 36.31
N SER B 683 -4.10 18.61 36.49
CA SER B 683 -5.45 18.16 36.22
C SER B 683 -6.39 18.26 37.41
N MET B 684 -5.89 18.06 38.63
CA MET B 684 -6.75 17.99 39.79
C MET B 684 -6.95 19.33 40.48
N ASP B 685 -6.12 20.32 40.17
CA ASP B 685 -6.24 21.63 40.81
C ASP B 685 -7.64 22.22 40.62
N GLY B 686 -8.11 22.25 39.38
CA GLY B 686 -9.34 22.95 39.05
C GLY B 686 -9.08 24.19 38.21
N ALA B 687 -7.98 24.90 38.51
CA ALA B 687 -7.67 26.17 37.87
C ALA B 687 -6.36 26.16 37.12
N ARG B 688 -5.89 24.98 36.66
CA ARG B 688 -4.71 24.90 35.82
C ARG B 688 -4.92 24.44 34.39
N ASP B 689 -5.27 23.18 34.13
CA ASP B 689 -5.71 22.81 32.79
C ASP B 689 -7.20 22.59 33.02
N SER B 690 -7.96 22.69 31.95
CA SER B 690 -9.38 22.39 32.02
C SER B 690 -9.61 20.92 31.65
N GLU B 691 -10.44 20.25 32.44
CA GLU B 691 -10.63 18.81 32.33
C GLU B 691 -12.11 18.49 32.44
N ILE B 692 -12.46 17.26 32.10
CA ILE B 692 -13.81 16.75 32.26
C ILE B 692 -13.74 15.25 32.51
N ALA B 693 -14.72 14.73 33.24
CA ALA B 693 -14.79 13.31 33.54
C ALA B 693 -16.21 12.94 33.90
N MET B 694 -16.58 11.69 33.66
CA MET B 694 -17.85 11.13 34.10
C MET B 694 -17.59 10.11 35.21
N GLY B 695 -18.51 10.06 36.17
CA GLY B 695 -18.50 9.03 37.18
C GLY B 695 -19.82 8.29 37.15
N GLY B 696 -19.79 6.97 37.07
CA GLY B 696 -21.04 6.24 36.92
C GLY B 696 -21.01 4.85 37.50
N TYR B 697 -22.22 4.33 37.75
CA TYR B 697 -22.45 2.96 38.20
C TYR B 697 -23.76 2.48 37.58
N GLN B 698 -23.97 1.16 37.59
CA GLN B 698 -25.26 0.59 37.23
C GLN B 698 -26.01 0.28 38.52
N PRO B 699 -27.14 0.96 38.80
CA PRO B 699 -27.77 0.80 40.12
C PRO B 699 -28.16 -0.63 40.46
N HIS B 700 -28.30 -1.53 39.48
CA HIS B 700 -28.69 -2.89 39.74
C HIS B 700 -27.51 -3.86 39.80
N HIS B 701 -26.31 -3.37 39.63
CA HIS B 701 -25.10 -4.19 39.64
C HIS B 701 -24.10 -3.54 40.60
N LEU B 702 -24.40 -3.63 41.89
CA LEU B 702 -23.56 -3.16 42.99
C LEU B 702 -22.98 -4.37 43.70
N SER B 703 -21.90 -4.13 44.46
CA SER B 703 -21.23 -5.18 45.19
C SER B 703 -21.48 -5.09 46.69
N HIS B 704 -22.67 -4.60 47.06
CA HIS B 704 -23.01 -4.44 48.47
C HIS B 704 -23.19 -5.79 49.14
N ARG B 705 -23.90 -6.73 48.50
CA ARG B 705 -24.17 -8.01 49.14
C ARG B 705 -23.75 -9.23 48.32
N GLN B 706 -22.98 -9.03 47.27
CA GLN B 706 -22.56 -10.08 46.34
C GLN B 706 -21.71 -9.35 45.32
N PRO B 707 -20.82 -10.01 44.60
CA PRO B 707 -19.91 -9.27 43.71
C PRO B 707 -20.68 -8.65 42.57
N ALA B 708 -20.25 -7.46 42.14
CA ALA B 708 -20.86 -6.85 40.97
C ALA B 708 -20.43 -7.61 39.72
N ARG B 709 -21.37 -7.84 38.81
CA ARG B 709 -21.10 -8.61 37.59
C ARG B 709 -21.83 -7.99 36.41
N GLY B 710 -21.77 -6.68 36.31
CA GLY B 710 -22.40 -5.94 35.22
C GLY B 710 -21.36 -5.35 34.30
N GLN B 711 -21.66 -4.22 33.69
CA GLN B 711 -20.84 -3.77 32.59
C GLN B 711 -19.46 -3.32 33.06
N ILE B 712 -19.35 -2.77 34.26
CA ILE B 712 -18.05 -2.31 34.77
C ILE B 712 -17.15 -3.51 35.09
N HIS B 713 -17.71 -4.56 35.68
CA HIS B 713 -16.97 -5.79 35.92
C HIS B 713 -16.46 -6.37 34.61
N GLY B 714 -17.34 -6.50 33.62
CA GLY B 714 -16.93 -7.04 32.33
C GLY B 714 -15.88 -6.21 31.64
N PHE B 715 -15.96 -4.89 31.76
CA PHE B 715 -14.95 -4.02 31.17
C PHE B 715 -13.60 -4.23 31.86
N ARG B 716 -13.59 -4.25 33.19
CA ARG B 716 -12.37 -4.51 33.95
C ARG B 716 -11.72 -5.81 33.51
N MET B 717 -12.51 -6.88 33.35
CA MET B 717 -11.98 -8.17 32.94
C MET B 717 -11.41 -8.11 31.54
N SER B 718 -12.05 -7.36 30.65
CA SER B 718 -11.53 -7.25 29.30
C SER B 718 -10.21 -6.52 29.26
N LEU B 719 -10.08 -5.44 30.05
CA LEU B 719 -8.79 -4.77 30.17
C LEU B 719 -7.74 -5.71 30.77
N TRP B 720 -8.10 -6.45 31.82
CA TRP B 720 -7.15 -7.38 32.41
C TRP B 720 -6.75 -8.46 31.45
N TYR B 721 -7.73 -8.90 30.57
CA TYR B 721 -7.41 -9.85 29.50
C TYR B 721 -6.45 -9.24 28.49
N GLU B 722 -6.69 -7.99 28.11
CA GLU B 722 -5.76 -7.30 27.23
C GLU B 722 -4.36 -7.26 27.83
N HIS B 723 -4.23 -6.83 29.08
CA HIS B 723 -2.89 -6.62 29.63
C HIS B 723 -2.19 -7.92 30.02
N LEU B 724 -2.85 -8.83 30.74
CA LEU B 724 -2.28 -10.05 31.29
C LEU B 724 -2.21 -11.19 30.30
N GLY B 725 -2.87 -11.09 29.15
CA GLY B 725 -2.90 -12.13 28.15
C GLY B 725 -3.66 -13.38 28.53
N MET B 726 -4.52 -13.32 29.54
CA MET B 726 -5.26 -14.48 30.05
C MET B 726 -6.43 -14.01 30.89
N LEU B 727 -7.39 -14.89 31.03
CA LEU B 727 -8.35 -14.80 32.11
C LEU B 727 -8.03 -15.87 33.14
N ASP B 728 -8.37 -15.60 34.38
CA ASP B 728 -8.05 -16.51 35.46
C ASP B 728 -9.10 -16.32 36.55
N GLU B 729 -9.52 -17.42 37.18
CA GLU B 729 -10.56 -17.33 38.20
C GLU B 729 -10.19 -16.37 39.30
N THR B 730 -8.90 -16.21 39.54
CA THR B 730 -8.43 -15.36 40.61
C THR B 730 -8.74 -13.88 40.33
N PHE B 731 -8.85 -13.51 39.05
CA PHE B 731 -9.11 -12.14 38.64
C PHE B 731 -10.53 -11.70 38.94
N LEU B 732 -11.45 -12.64 39.23
CA LEU B 732 -12.81 -12.27 39.55
C LEU B 732 -12.89 -11.44 40.84
N ASP B 733 -12.04 -11.74 41.82
CA ASP B 733 -12.07 -11.08 43.13
C ASP B 733 -10.74 -10.37 43.38
N PRO B 734 -10.57 -9.14 42.87
CA PRO B 734 -9.27 -8.48 43.03
C PRO B 734 -8.92 -8.11 44.46
N SER B 735 -9.82 -8.23 45.42
CA SER B 735 -9.42 -7.99 46.80
C SER B 735 -8.68 -9.17 47.42
N SER B 736 -8.82 -10.36 46.86
CA SER B 736 -8.15 -11.54 47.40
C SER B 736 -6.64 -11.42 47.27
N LEU B 737 -5.94 -12.00 48.25
CA LEU B 737 -4.48 -12.02 48.20
C LEU B 737 -3.97 -12.95 47.11
N GLU B 738 -4.72 -14.00 46.78
CA GLU B 738 -4.30 -14.84 45.68
C GLU B 738 -4.32 -14.07 44.36
N CYS B 739 -5.24 -13.12 44.20
CA CYS B 739 -5.30 -12.37 42.95
C CYS B 739 -4.09 -11.47 42.79
N ILE B 740 -3.76 -10.69 43.83
CA ILE B 740 -2.70 -9.69 43.68
C ILE B 740 -1.35 -10.38 43.59
N GLU B 741 -1.17 -11.48 44.32
CA GLU B 741 0.02 -12.30 44.16
C GLU B 741 0.13 -12.80 42.73
N LYS B 742 -0.94 -13.42 42.22
CA LYS B 742 -0.90 -13.94 40.86
C LYS B 742 -0.62 -12.83 39.85
N VAL B 743 -1.25 -11.67 40.03
CA VAL B 743 -1.05 -10.57 39.10
C VAL B 743 0.36 -10.03 39.19
N ASN B 744 0.91 -9.91 40.40
CA ASN B 744 2.28 -9.43 40.54
C ASN B 744 3.26 -10.41 39.91
N ARG B 745 3.08 -11.71 40.20
CA ARG B 745 4.00 -12.73 39.69
C ARG B 745 4.00 -12.79 38.18
N ILE B 746 2.82 -12.73 37.57
CA ILE B 746 2.78 -12.62 36.12
C ILE B 746 3.52 -11.38 35.65
N SER B 747 3.39 -10.25 36.35
CA SER B 747 3.99 -9.02 35.86
C SER B 747 5.51 -9.01 36.05
N ASP B 748 6.00 -9.71 37.08
CA ASP B 748 7.43 -9.90 37.23
C ASP B 748 8.01 -10.68 36.05
N LYS B 749 7.29 -11.69 35.58
CA LYS B 749 7.77 -12.53 34.48
C LYS B 749 7.71 -11.78 33.15
N TYR B 750 6.69 -10.95 32.96
CA TYR B 750 6.64 -10.15 31.73
C TYR B 750 7.79 -9.14 31.72
N TRP B 751 8.05 -8.48 32.85
CA TRP B 751 9.19 -7.58 32.91
C TRP B 751 10.49 -8.32 32.55
N ASP B 752 10.68 -9.54 33.05
CA ASP B 752 11.84 -10.31 32.65
C ASP B 752 11.87 -10.56 31.15
N PHE B 753 10.75 -11.00 30.57
CA PHE B 753 10.72 -11.15 29.13
C PHE B 753 11.04 -9.82 28.43
N TYR B 754 10.45 -8.73 28.92
CA TYR B 754 10.64 -7.44 28.27
C TYR B 754 12.08 -6.98 28.37
N SER B 755 12.69 -7.15 29.53
CA SER B 755 13.99 -6.56 29.75
C SER B 755 15.13 -7.52 29.46
N SER B 756 14.84 -8.79 29.18
CA SER B 756 15.91 -9.70 28.81
C SER B 756 16.57 -9.24 27.52
N GLU B 757 17.88 -9.50 27.40
CA GLU B 757 18.55 -9.18 26.15
C GLU B 757 18.18 -10.15 25.03
N SER B 758 17.86 -11.40 25.36
CA SER B 758 17.48 -12.31 24.28
C SER B 758 15.98 -12.29 24.02
N LEU B 759 15.60 -12.82 22.87
CA LEU B 759 14.21 -12.87 22.45
C LEU B 759 13.94 -14.24 21.84
N GLU B 760 12.99 -14.97 22.41
CA GLU B 760 12.54 -16.23 21.85
C GLU B 760 11.12 -16.19 21.29
N HIS B 761 10.27 -15.28 21.78
CA HIS B 761 8.85 -15.24 21.41
C HIS B 761 8.25 -13.88 21.74
N ASP B 762 7.08 -13.61 21.15
CA ASP B 762 6.33 -12.40 21.51
C ASP B 762 6.09 -12.37 23.02
N LEU B 763 5.99 -11.18 23.58
CA LEU B 763 5.56 -11.03 24.98
C LEU B 763 4.14 -11.54 25.13
N PRO B 764 3.87 -12.43 26.09
CA PRO B 764 2.53 -13.04 26.16
C PRO B 764 1.45 -12.08 26.61
N GLY B 765 1.84 -11.01 27.29
CA GLY B 765 0.93 -9.98 27.77
C GLY B 765 1.69 -8.67 27.83
N HIS B 766 1.10 -7.65 28.40
CA HIS B 766 1.72 -6.32 28.38
C HIS B 766 1.99 -5.75 29.75
N LEU B 767 1.49 -6.35 30.83
CA LEU B 767 1.59 -5.74 32.15
C LEU B 767 2.96 -6.08 32.71
N LEU B 768 3.80 -5.05 32.89
CA LEU B 768 5.11 -5.19 33.51
C LEU B 768 5.09 -4.57 34.90
N ARG B 769 5.60 -5.30 35.88
CA ARG B 769 5.85 -4.70 37.18
C ARG B 769 6.70 -3.45 37.02
N TYR B 770 6.30 -2.36 37.65
CA TYR B 770 7.00 -1.10 37.43
C TYR B 770 8.45 -1.27 37.87
N PRO B 771 9.42 -0.91 37.02
CA PRO B 771 10.81 -1.33 37.28
C PRO B 771 11.49 -0.58 38.42
N ILE B 772 10.96 -0.72 39.62
CA ILE B 772 11.55 -0.15 40.81
C ILE B 772 11.48 -1.18 41.94
N GLY B 773 12.24 -0.94 42.99
CA GLY B 773 12.22 -1.77 44.16
C GLY B 773 11.86 -0.94 45.37
N VAL B 774 11.22 -1.57 46.34
CA VAL B 774 10.76 -0.90 47.56
C VAL B 774 11.62 -1.42 48.70
N ALA B 775 12.35 -0.53 49.35
CA ALA B 775 13.19 -0.92 50.48
C ALA B 775 12.33 -1.32 51.67
N SER B 776 12.99 -1.79 52.72
CA SER B 776 12.25 -2.32 53.85
C SER B 776 11.46 -1.26 54.59
N GLU B 777 11.92 -0.03 54.51
CA GLU B 777 11.23 1.07 55.10
C GLU B 777 10.48 2.04 54.14
N GLY B 778 10.32 1.64 52.89
CA GLY B 778 9.53 2.38 51.92
C GLY B 778 10.31 3.10 50.84
N ASP B 779 11.61 3.31 51.02
CA ASP B 779 12.35 4.08 50.02
C ASP B 779 12.36 3.34 48.70
N ILE B 780 12.16 4.09 47.62
CA ILE B 780 12.19 3.53 46.27
C ILE B 780 13.63 3.47 45.80
N THR B 781 14.07 2.28 45.41
CA THR B 781 15.42 2.01 44.98
C THR B 781 15.41 1.51 43.53
N GLU B 782 16.58 1.49 42.90
CA GLU B 782 16.68 0.97 41.55
C GLU B 782 16.74 -0.55 41.56
N LEU B 783 16.08 -1.18 40.60
CA LEU B 783 16.31 -2.61 40.39
C LEU B 783 17.77 -2.80 40.01
N PRO B 784 18.45 -3.79 40.59
CA PRO B 784 19.83 -4.08 40.17
C PRO B 784 19.98 -4.15 38.66
N GLY B 785 20.85 -3.33 38.10
CA GLY B 785 21.08 -3.37 36.67
C GLY B 785 20.18 -2.49 35.85
N PHE B 786 19.20 -1.83 36.47
CA PHE B 786 18.22 -1.01 35.76
C PHE B 786 18.11 0.35 36.43
N GLU B 787 19.25 1.03 36.52
CA GLU B 787 19.22 2.46 36.76
C GLU B 787 18.52 3.17 35.62
N PHE B 788 18.62 2.64 34.41
CA PHE B 788 18.04 3.22 33.22
C PHE B 788 17.00 2.30 32.62
N PHE B 789 15.98 2.89 32.00
CA PHE B 789 15.01 2.09 31.28
C PHE B 789 15.71 1.31 30.18
N PRO B 790 15.33 0.03 29.95
CA PRO B 790 15.86 -0.70 28.81
C PRO B 790 15.95 0.15 27.55
N ASP B 791 17.10 0.13 26.88
CA ASP B 791 17.43 0.83 25.63
C ASP B 791 17.68 2.33 25.75
N THR B 792 17.73 2.91 26.95
CA THR B 792 17.90 4.33 27.11
C THR B 792 19.04 4.61 28.08
N LYS B 793 19.33 5.90 28.28
CA LYS B 793 20.18 6.33 29.37
C LYS B 793 19.42 7.28 30.30
N ALA B 794 18.13 7.02 30.48
CA ALA B 794 17.26 7.84 31.30
C ALA B 794 16.96 7.12 32.60
N ARG B 795 17.18 7.81 33.70
CA ARG B 795 17.04 7.15 35.00
C ARG B 795 15.60 6.86 35.31
N ILE B 796 15.34 5.64 35.79
CA ILE B 796 13.99 5.23 36.13
C ILE B 796 13.46 6.06 37.30
N LEU B 797 14.32 6.45 38.24
CA LEU B 797 13.89 7.18 39.42
C LEU B 797 13.80 8.69 39.20
N GLY B 798 14.12 9.17 38.01
CA GLY B 798 13.93 10.56 37.72
C GLY B 798 15.05 11.39 38.27
N THR B 799 14.90 12.70 38.10
CA THR B 799 15.90 13.70 38.45
C THR B 799 15.16 14.99 38.73
N LYS B 800 15.30 15.52 39.94
CA LYS B 800 14.76 16.83 40.24
C LYS B 800 15.35 17.86 39.29
N SER B 801 14.51 18.77 38.78
CA SER B 801 14.96 19.78 37.83
C SER B 801 15.32 21.07 38.55
N ASP B 802 16.39 21.70 38.08
CA ASP B 802 16.78 23.04 38.53
C ASP B 802 16.17 24.16 37.69
N TYR B 803 15.45 23.85 36.62
CA TYR B 803 14.96 24.87 35.69
C TYR B 803 13.44 24.92 35.56
N LEU B 804 12.76 23.81 35.72
CA LEU B 804 11.31 23.80 35.61
C LEU B 804 10.70 24.06 36.97
N PRO B 805 9.92 25.12 37.14
CA PRO B 805 9.18 25.31 38.38
C PRO B 805 8.22 24.15 38.58
N PRO B 806 8.03 23.68 39.77
CA PRO B 806 7.07 22.58 39.97
C PRO B 806 5.67 22.89 39.46
N ILE B 807 5.31 24.17 39.31
CA ILE B 807 4.01 24.47 38.73
C ILE B 807 3.88 23.93 37.31
N LEU B 808 4.99 23.77 36.59
CA LEU B 808 4.92 23.21 35.26
C LEU B 808 4.82 21.70 35.25
N THR B 809 5.45 21.03 36.22
CA THR B 809 5.67 19.59 36.13
C THR B 809 4.79 18.74 37.06
N THR B 810 4.06 19.35 37.97
CA THR B 810 3.27 18.57 38.92
C THR B 810 1.82 18.30 38.47
O1 PA8 C . 13.63 -11.01 -45.09
O2 PA8 C . 12.45 -10.54 -43.02
P1 PA8 C . 13.67 -10.30 -43.84
O3 PA8 C . 14.88 -10.35 -43.01
O4 PA8 C . 13.62 -8.88 -44.41
C1 PA8 C . 13.52 -7.81 -43.53
C2 PA8 C . 14.94 -7.51 -43.04
C3 PA8 C . 16.08 -7.79 -44.06
O5 PA8 C . 17.06 -8.65 -43.51
C4 PA8 C . 18.24 -8.24 -42.80
O6 PA8 C . 18.45 -7.10 -42.43
C5 PA8 C . 19.19 -9.33 -42.49
C6 PA8 C . 19.66 -9.20 -41.07
C7 PA8 C . 20.49 -10.38 -40.69
C8 PA8 C . 21.79 -10.47 -41.45
C9 PA8 C . 22.58 -9.17 -41.52
C10 PA8 C . 23.14 -8.95 -42.90
C11 PA8 C . 24.55 -8.38 -42.93
O7 PA8 C . 14.87 -6.17 -42.70
C12 PA8 C . 14.36 -6.12 -41.36
O8 PA8 C . 13.42 -5.42 -41.19
C13 PA8 C . 14.99 -6.95 -40.25
C14 PA8 C . 16.17 -6.29 -39.54
C15 PA8 C . 16.47 -7.09 -38.25
C16 PA8 C . 17.86 -7.01 -37.60
C17 PA8 C . 19.01 -6.93 -38.58
C18 PA8 C . 19.37 -5.53 -39.04
C19 PA8 C . 20.76 -5.07 -38.68
CA CA D . 9.70 -25.81 -45.40
CA CA E . -5.17 -1.01 24.92
O1 PA8 F . -0.95 13.65 25.14
O2 PA8 F . -2.19 14.27 27.17
P1 PA8 F . -0.93 14.51 26.38
O3 PA8 F . 0.30 14.18 27.21
O4 PA8 F . -0.87 16.08 25.90
C1 PA8 F . -1.12 17.05 26.88
C2 PA8 F . 0.24 17.59 27.34
C3 PA8 F . 1.30 17.51 26.25
O5 PA8 F . 2.07 16.36 26.50
C4 PA8 F . 3.24 16.56 27.27
O6 PA8 F . 3.49 17.60 27.78
C5 PA8 F . 4.20 15.37 27.39
C6 PA8 F . 4.22 14.75 28.79
C7 PA8 F . 5.53 15.01 29.55
C8 PA8 F . 6.41 16.08 28.91
C9 PA8 F . 7.76 15.53 28.47
C10 PA8 F . 8.22 16.10 27.12
C11 PA8 F . 9.74 16.27 27.04
O7 PA8 F . 0.08 18.90 27.77
C12 PA8 F . -0.63 18.98 28.98
O8 PA8 F . -1.62 19.64 29.06
C13 PA8 F . -0.14 18.21 30.20
C14 PA8 F . 1.26 18.64 30.60
C15 PA8 F . 1.97 17.49 31.30
C16 PA8 F . 2.50 17.79 32.69
C17 PA8 F . 4.01 17.94 32.71
C18 PA8 F . 4.57 18.74 31.53
C19 PA8 F . 5.72 19.66 31.93
#